data_7XLC
#
_entry.id   7XLC
#
_entity_poly.entity_id   1
_entity_poly.type   'polypeptide(L)'
_entity_poly.pdbx_seq_one_letter_code
;EICGPGIDIRNDYQQLKRLENCTVIEGYLHILLISKAEDYRSYRFPKLTVITEYLLLFRVAGLESLGDLFPNLTVIRGWK
LFYNYALVIFEMTNLKDIGLYNLRNITRGAIRIEKNADLCYLSTVDWSLILDAVSNNYIVGNKPPKECGDLCPGTMEEKP
MCEKTTINNEYNYRCWTTNRCQKMCPSTCGKRACTENNECCHPECLGSCSAPDNDTACVACRHYYYAGVCVPACPPNTYR
FEGWRCVDRDFCANILSAESSDSEGFVIHDGECMQECPSGFIRNGSQSMYCIPCEGPCPKVCEEEKKTKTIDSVTSAQML
QGCTIFKGNLLINIRRGNNIASELENFMGLIEVVTGYVKIRHSHALVSLSFLKNLRLILGEEQLEGNYSFYVLDNQNLQQ
LWDWDHRNLTIKAGKMYFAFNPKLCVSEIYRMEEVTGTKGRQSKGDINTRNNGERASCESDVLHFTSTTTSKNRIIITWH
RYRPPDYRDLISFTVYYKEAPFKNVTEYDGQDACGSNSWNMVDVDLPPNKDVEPGILLHGLKPWTQYAVYVKAVTLTMVE
NDHIRGAKSEILYIRTNASVPSIPLDVLSASNSSSQLIVKWNPPSLPNGNLSYYIVRWQRQPQDGYLYRHNYCSKDKIPI
RKYADGTIDIEEVTENPKTEVCGGEKGPCCACPKTEAEKQAEKEEAEYRKVFENFLHNSIFVPRPERKRRDVMQVANTTM
SSRSRNTTAADTYNITDPEELETEYPFFESRVDNKERTVISNLRPFTLYRIDIHSCNHEAEKLGCSASNFVFARTMPAEG
ADDIPGPVTWEPRPENSIFLKWPEPENPNGLILMYEIKYGSQVEDQRECVSRQEYRKYGGAKLNRLNPGNYTARIQATSL
SGNGSWTDPVFFYVQAK
;
_entity_poly.pdbx_strand_id   A,B
#
# COMPACT_ATOMS: atom_id res chain seq x y z
N GLU A 1 -35.81 38.25 25.90
CA GLU A 1 -34.57 37.73 26.57
C GLU A 1 -34.03 36.50 25.85
N ILE A 2 -34.62 36.16 24.71
CA ILE A 2 -34.21 34.98 23.95
C ILE A 2 -33.15 35.38 22.95
N CYS A 3 -31.89 35.34 23.37
CA CYS A 3 -30.78 35.71 22.49
C CYS A 3 -30.55 34.62 21.45
N GLY A 4 -30.43 35.02 20.19
CA GLY A 4 -30.16 34.10 19.12
C GLY A 4 -29.77 34.82 17.85
N PRO A 5 -29.00 34.15 16.96
CA PRO A 5 -28.46 32.79 17.08
C PRO A 5 -27.31 32.69 18.08
N GLY A 6 -26.53 31.62 17.97
CA GLY A 6 -25.46 31.35 18.91
C GLY A 6 -24.52 32.51 19.15
N ILE A 7 -24.10 32.69 20.39
CA ILE A 7 -23.25 33.81 20.81
C ILE A 7 -21.81 33.33 20.85
N ASP A 8 -20.88 34.25 20.63
CA ASP A 8 -19.46 33.94 20.58
C ASP A 8 -18.65 35.13 21.08
N ILE A 9 -17.65 34.85 21.93
CA ILE A 9 -16.88 35.90 22.60
C ILE A 9 -15.41 35.47 22.65
N ARG A 10 -14.49 36.43 22.54
CA ARG A 10 -13.07 36.11 22.57
C ARG A 10 -12.23 37.35 22.82
N ASN A 11 -10.98 37.10 23.23
CA ASN A 11 -9.90 38.06 23.19
C ASN A 11 -10.13 39.28 24.08
N ASP A 12 -11.22 39.29 24.85
CA ASP A 12 -11.48 40.40 25.74
C ASP A 12 -12.70 40.06 26.61
N TYR A 13 -12.67 40.58 27.83
CA TYR A 13 -13.81 40.41 28.74
C TYR A 13 -14.98 41.32 28.35
N GLN A 14 -14.69 42.46 27.71
CA GLN A 14 -15.74 43.43 27.43
C GLN A 14 -16.79 42.89 26.47
N GLN A 15 -16.50 41.80 25.76
CA GLN A 15 -17.53 41.19 24.91
C GLN A 15 -18.55 40.41 25.73
N LEU A 16 -18.26 40.17 27.02
CA LEU A 16 -19.24 39.51 27.89
C LEU A 16 -20.43 40.42 28.18
N LYS A 17 -20.35 41.70 27.83
CA LYS A 17 -21.46 42.62 28.00
C LYS A 17 -22.66 42.23 27.15
N ARG A 18 -22.47 41.24 26.27
CA ARG A 18 -23.49 40.80 25.32
C ARG A 18 -24.29 39.62 25.85
N LEU A 19 -24.44 39.51 27.17
CA LEU A 19 -25.18 38.42 27.79
C LEU A 19 -26.06 38.89 28.94
N GLU A 20 -26.21 40.20 29.14
CA GLU A 20 -27.00 40.69 30.27
C GLU A 20 -28.47 40.28 30.14
N ASN A 21 -29.03 40.35 28.93
CA ASN A 21 -30.44 40.03 28.70
C ASN A 21 -30.65 38.63 28.16
N CYS A 22 -29.58 37.87 27.93
CA CYS A 22 -29.70 36.53 27.34
C CYS A 22 -30.05 35.53 28.43
N THR A 23 -31.25 34.95 28.33
CA THR A 23 -31.69 33.89 29.22
C THR A 23 -31.56 32.52 28.57
N VAL A 24 -32.04 32.38 27.34
CA VAL A 24 -31.90 31.16 26.56
C VAL A 24 -31.17 31.54 25.28
N ILE A 25 -29.89 31.18 25.19
CA ILE A 25 -29.11 31.47 23.99
C ILE A 25 -29.56 30.49 22.90
N GLU A 26 -30.36 30.98 21.95
CA GLU A 26 -30.95 30.15 20.91
C GLU A 26 -29.86 29.81 19.90
N GLY A 27 -28.94 28.97 20.33
CA GLY A 27 -27.80 28.57 19.53
C GLY A 27 -26.66 28.11 20.43
N TYR A 28 -25.48 28.04 19.85
CA TYR A 28 -24.27 27.65 20.54
C TYR A 28 -23.60 28.87 21.18
N LEU A 29 -22.71 28.62 22.13
CA LEU A 29 -22.02 29.69 22.84
C LEU A 29 -20.52 29.41 22.86
N HIS A 30 -19.73 30.40 22.45
CA HIS A 30 -18.28 30.33 22.53
C HIS A 30 -17.77 31.41 23.46
N ILE A 31 -17.14 31.01 24.55
CA ILE A 31 -16.36 31.92 25.40
C ILE A 31 -14.94 31.37 25.36
N LEU A 32 -14.13 31.85 24.42
CA LEU A 32 -12.87 31.22 24.10
C LEU A 32 -11.82 32.27 23.79
N LEU A 33 -10.55 31.89 23.97
CA LEU A 33 -9.41 32.72 23.57
C LEU A 33 -9.33 34.01 24.38
N ILE A 34 -9.75 33.97 25.65
CA ILE A 34 -9.61 35.11 26.56
C ILE A 34 -8.25 34.96 27.22
N SER A 35 -7.20 35.42 26.53
CA SER A 35 -5.84 35.34 27.06
C SER A 35 -5.45 36.53 27.92
N LYS A 36 -6.25 37.61 27.91
CA LYS A 36 -5.88 38.80 28.68
C LYS A 36 -5.91 38.53 30.18
N ALA A 37 -6.94 37.83 30.65
CA ALA A 37 -7.14 37.63 32.09
C ALA A 37 -7.20 38.97 32.82
N GLU A 38 -7.80 39.98 32.19
CA GLU A 38 -7.79 41.33 32.73
C GLU A 38 -8.68 41.44 33.96
N ASP A 39 -9.90 40.90 33.88
CA ASP A 39 -10.94 41.13 34.87
C ASP A 39 -11.17 39.87 35.70
N TYR A 40 -12.19 39.94 36.55
CA TYR A 40 -12.56 38.86 37.47
C TYR A 40 -14.08 38.93 37.66
N ARG A 41 -14.58 38.37 38.76
CA ARG A 41 -16.01 38.15 38.89
C ARG A 41 -16.76 39.46 39.02
N SER A 42 -16.79 40.24 37.93
CA SER A 42 -17.64 41.41 37.82
C SER A 42 -18.73 41.23 36.78
N TYR A 43 -18.58 40.27 35.87
CA TYR A 43 -19.61 39.94 34.89
C TYR A 43 -20.40 38.75 35.39
N ARG A 44 -21.65 38.99 35.80
CA ARG A 44 -22.53 37.94 36.29
C ARG A 44 -23.80 37.92 35.44
N PHE A 45 -24.18 36.74 34.98
CA PHE A 45 -25.32 36.54 34.09
C PHE A 45 -26.24 35.47 34.65
N PRO A 46 -26.98 35.78 35.71
CA PRO A 46 -27.93 34.79 36.25
C PRO A 46 -29.01 34.43 35.26
N LYS A 47 -29.31 35.31 34.30
CA LYS A 47 -30.40 35.06 33.37
C LYS A 47 -30.10 33.83 32.51
N LEU A 48 -28.87 33.68 32.05
CA LEU A 48 -28.53 32.54 31.19
C LEU A 48 -28.93 31.24 31.87
N THR A 49 -29.88 30.53 31.26
CA THR A 49 -30.48 29.36 31.88
C THR A 49 -30.32 28.12 31.00
N VAL A 50 -30.22 28.31 29.69
CA VAL A 50 -30.12 27.18 28.77
C VAL A 50 -29.33 27.59 27.54
N ILE A 51 -28.53 26.66 27.03
CA ILE A 51 -27.89 26.76 25.73
C ILE A 51 -28.52 25.72 24.82
N THR A 52 -29.10 26.17 23.71
CA THR A 52 -29.75 25.23 22.79
C THR A 52 -28.75 24.26 22.20
N GLU A 53 -27.57 24.74 21.82
CA GLU A 53 -26.54 23.94 21.19
C GLU A 53 -25.37 23.76 22.15
N TYR A 54 -24.28 23.20 21.62
CA TYR A 54 -23.10 22.90 22.42
C TYR A 54 -22.52 24.19 23.01
N LEU A 55 -21.63 24.05 23.99
CA LEU A 55 -20.93 25.17 24.60
C LEU A 55 -19.43 24.91 24.53
N LEU A 56 -18.70 25.86 23.96
CA LEU A 56 -17.26 25.71 23.74
C LEU A 56 -16.54 26.80 24.54
N LEU A 57 -15.65 26.37 25.44
CA LEU A 57 -14.75 27.26 26.15
C LEU A 57 -13.31 26.81 25.91
N PHE A 58 -12.44 27.77 25.64
CA PHE A 58 -11.06 27.46 25.26
C PHE A 58 -10.16 28.67 25.42
N ARG A 59 -9.02 28.51 26.09
CA ARG A 59 -8.04 29.57 26.27
C ARG A 59 -8.67 30.80 26.93
N VAL A 60 -9.37 30.56 28.04
CA VAL A 60 -9.97 31.63 28.84
C VAL A 60 -9.07 31.80 30.06
N ALA A 61 -8.11 32.71 29.94
CA ALA A 61 -7.15 32.97 31.02
C ALA A 61 -7.81 33.72 32.16
N GLY A 62 -7.37 33.43 33.38
CA GLY A 62 -7.83 34.13 34.56
C GLY A 62 -9.18 33.69 35.08
N LEU A 63 -9.66 32.52 34.67
CA LEU A 63 -10.96 32.02 35.09
C LEU A 63 -10.77 30.77 35.94
N GLU A 64 -11.32 30.78 37.16
CA GLU A 64 -11.16 29.70 38.11
C GLU A 64 -12.44 29.00 38.49
N SER A 65 -13.61 29.56 38.17
CA SER A 65 -14.89 28.94 38.53
C SER A 65 -15.93 29.39 37.51
N LEU A 66 -16.36 28.45 36.65
CA LEU A 66 -17.37 28.78 35.65
C LEU A 66 -18.72 29.10 36.29
N GLY A 67 -19.03 28.48 37.43
CA GLY A 67 -20.34 28.67 38.03
C GLY A 67 -20.66 30.11 38.33
N ASP A 68 -19.66 30.88 38.74
CA ASP A 68 -19.87 32.31 39.01
C ASP A 68 -20.28 33.04 37.73
N LEU A 69 -19.64 32.71 36.61
CA LEU A 69 -19.91 33.42 35.37
C LEU A 69 -21.29 33.08 34.81
N PHE A 70 -21.66 31.80 34.83
CA PHE A 70 -22.89 31.32 34.21
C PHE A 70 -23.67 30.47 35.21
N PRO A 71 -24.20 31.07 36.27
CA PRO A 71 -25.09 30.35 37.17
C PRO A 71 -26.50 30.26 36.59
N ASN A 72 -27.30 29.38 37.18
CA ASN A 72 -28.69 29.13 36.80
C ASN A 72 -28.81 28.46 35.44
N LEU A 73 -27.71 27.97 34.87
CA LEU A 73 -27.72 27.33 33.56
C LEU A 73 -28.29 25.93 33.72
N THR A 74 -29.62 25.87 33.84
CA THR A 74 -30.29 24.67 34.33
C THR A 74 -30.05 23.46 33.42
N VAL A 75 -30.15 23.67 32.11
CA VAL A 75 -30.05 22.56 31.16
C VAL A 75 -29.41 23.06 29.87
N ILE A 76 -28.61 22.21 29.24
CA ILE A 76 -28.08 22.45 27.91
C ILE A 76 -28.74 21.46 26.96
N ARG A 77 -29.41 21.98 25.93
CA ARG A 77 -30.09 21.11 24.99
C ARG A 77 -29.13 20.46 24.00
N GLY A 78 -28.12 21.21 23.56
CA GLY A 78 -27.10 20.65 22.68
C GLY A 78 -27.65 20.07 21.39
N TRP A 79 -28.63 20.75 20.78
CA TRP A 79 -29.21 20.24 19.54
C TRP A 79 -28.15 20.11 18.45
N LYS A 80 -27.33 21.13 18.28
CA LYS A 80 -26.18 21.07 17.38
C LYS A 80 -24.92 20.91 18.21
N LEU A 81 -24.09 19.94 17.83
CA LEU A 81 -22.93 19.54 18.61
C LEU A 81 -21.64 20.04 17.98
N PHE A 82 -20.62 20.19 18.81
CA PHE A 82 -19.32 20.67 18.35
C PHE A 82 -18.75 19.72 17.31
N TYR A 83 -18.48 18.48 17.73
CA TYR A 83 -18.11 17.41 16.81
C TYR A 83 -19.14 16.27 16.88
N ASN A 84 -19.35 15.70 18.06
CA ASN A 84 -20.52 14.90 18.37
C ASN A 84 -20.99 15.25 19.79
N TYR A 85 -20.58 16.39 20.30
CA TYR A 85 -20.44 16.65 21.71
C TYR A 85 -20.99 18.02 22.06
N ALA A 86 -21.66 18.12 23.21
CA ALA A 86 -22.39 19.32 23.58
C ALA A 86 -21.63 20.23 24.55
N LEU A 87 -20.41 19.86 24.93
CA LEU A 87 -19.60 20.72 25.79
C LEU A 87 -18.14 20.36 25.57
N VAL A 88 -17.30 21.35 25.29
CA VAL A 88 -15.88 21.15 25.08
C VAL A 88 -15.14 22.13 25.98
N ILE A 89 -14.38 21.60 26.94
CA ILE A 89 -13.46 22.40 27.72
C ILE A 89 -12.04 21.99 27.35
N PHE A 90 -11.45 22.72 26.42
CA PHE A 90 -10.14 22.41 25.85
C PHE A 90 -9.11 23.36 26.44
N GLU A 91 -8.03 22.80 26.97
CA GLU A 91 -6.91 23.57 27.52
C GLU A 91 -7.41 24.73 28.38
N MET A 92 -8.15 24.38 29.42
CA MET A 92 -8.62 25.38 30.38
C MET A 92 -7.44 25.84 31.22
N THR A 93 -7.10 27.12 31.09
CA THR A 93 -5.84 27.60 31.65
C THR A 93 -5.80 27.45 33.16
N ASN A 94 -6.82 27.96 33.86
CA ASN A 94 -6.78 28.01 35.32
C ASN A 94 -8.10 27.64 35.97
N LEU A 95 -9.08 27.12 35.23
CA LEU A 95 -10.33 26.72 35.85
C LEU A 95 -10.05 25.69 36.93
N LYS A 96 -10.60 25.93 38.12
CA LYS A 96 -10.43 25.04 39.26
C LYS A 96 -11.65 24.14 39.49
N ASP A 97 -12.82 24.74 39.65
CA ASP A 97 -14.07 24.02 39.82
C ASP A 97 -14.98 24.31 38.64
N ILE A 98 -15.60 23.26 38.11
CA ILE A 98 -16.45 23.42 36.94
C ILE A 98 -17.66 24.30 37.23
N GLY A 99 -18.05 24.42 38.49
CA GLY A 99 -19.25 25.17 38.80
C GLY A 99 -20.44 24.54 38.11
N LEU A 100 -21.17 25.34 37.33
CA LEU A 100 -22.36 24.87 36.63
C LEU A 100 -23.32 24.22 37.61
N TYR A 101 -23.35 24.73 38.84
CA TYR A 101 -24.05 24.04 39.91
C TYR A 101 -25.55 23.98 39.68
N ASN A 102 -26.09 24.88 38.86
CA ASN A 102 -27.51 24.85 38.53
C ASN A 102 -27.82 23.94 37.35
N LEU A 103 -26.82 23.52 36.59
CA LEU A 103 -27.04 22.65 35.45
C LEU A 103 -27.43 21.26 35.93
N ARG A 104 -28.49 20.71 35.35
CA ARG A 104 -29.04 19.44 35.78
C ARG A 104 -29.03 18.35 34.73
N ASN A 105 -29.12 18.71 33.44
CA ASN A 105 -29.25 17.71 32.39
C ASN A 105 -28.58 18.20 31.11
N ILE A 106 -28.14 17.24 30.31
CA ILE A 106 -27.67 17.47 28.94
C ILE A 106 -28.47 16.53 28.04
N THR A 107 -29.13 17.09 27.03
CA THR A 107 -30.05 16.31 26.21
C THR A 107 -29.33 15.56 25.10
N ARG A 108 -28.52 16.26 24.31
CA ARG A 108 -27.86 15.70 23.14
C ARG A 108 -26.35 15.80 23.29
N GLY A 109 -25.66 14.73 22.90
CA GLY A 109 -24.22 14.73 22.88
C GLY A 109 -23.61 14.52 24.26
N ALA A 110 -22.28 14.49 24.28
CA ALA A 110 -21.50 14.33 25.49
C ALA A 110 -20.61 15.55 25.69
N ILE A 111 -19.73 15.48 26.69
CA ILE A 111 -18.83 16.57 27.04
C ILE A 111 -17.40 16.17 26.71
N ARG A 112 -16.54 17.18 26.58
CA ARG A 112 -15.13 17.02 26.25
C ARG A 112 -14.31 17.95 27.13
N ILE A 113 -13.90 17.43 28.29
CA ILE A 113 -13.10 18.20 29.25
C ILE A 113 -11.76 17.49 29.33
N GLU A 114 -10.75 18.04 28.66
CA GLU A 114 -9.47 17.36 28.49
C GLU A 114 -8.32 18.33 28.67
N LYS A 115 -7.17 17.76 29.06
CA LYS A 115 -5.88 18.45 29.14
C LYS A 115 -5.98 19.85 29.75
N ASN A 116 -6.77 20.00 30.82
CA ASN A 116 -6.81 21.25 31.55
C ASN A 116 -5.77 21.24 32.67
N ALA A 117 -4.99 22.31 32.77
CA ALA A 117 -3.86 22.35 33.69
C ALA A 117 -4.30 22.24 35.15
N ASP A 118 -5.35 22.97 35.51
CA ASP A 118 -5.72 23.14 36.92
C ASP A 118 -7.19 22.79 37.20
N LEU A 119 -7.83 21.98 36.38
CA LEU A 119 -9.24 21.68 36.59
C LEU A 119 -9.42 20.52 37.57
N CYS A 120 -10.48 20.60 38.36
CA CYS A 120 -10.85 19.57 39.31
C CYS A 120 -12.37 19.60 39.46
N TYR A 121 -12.92 18.71 40.28
CA TYR A 121 -14.35 18.58 40.56
C TYR A 121 -15.12 17.95 39.41
N LEU A 122 -14.51 17.09 38.61
CA LEU A 122 -15.27 16.30 37.64
C LEU A 122 -15.64 14.93 38.19
N SER A 123 -14.81 14.37 39.08
CA SER A 123 -15.12 13.07 39.66
C SER A 123 -16.43 13.11 40.45
N THR A 124 -16.74 14.28 41.02
CA THR A 124 -17.98 14.43 41.78
C THR A 124 -19.15 14.86 40.92
N VAL A 125 -18.95 15.04 39.62
CA VAL A 125 -20.03 15.34 38.69
C VAL A 125 -20.47 14.03 38.06
N ASP A 126 -21.48 13.39 38.65
CA ASP A 126 -22.01 12.13 38.14
C ASP A 126 -22.86 12.45 36.91
N TRP A 127 -22.23 12.43 35.74
CA TRP A 127 -22.88 12.86 34.51
C TRP A 127 -24.10 12.02 34.16
N SER A 128 -24.20 10.79 34.66
CA SER A 128 -25.35 9.95 34.32
C SER A 128 -26.66 10.63 34.69
N LEU A 129 -26.74 11.21 35.89
CA LEU A 129 -27.93 11.96 36.26
C LEU A 129 -28.08 13.21 35.39
N ILE A 130 -27.02 13.63 34.72
CA ILE A 130 -27.05 14.80 33.85
C ILE A 130 -27.11 14.37 32.39
N LEU A 131 -26.50 13.22 32.07
CA LEU A 131 -26.15 12.89 30.70
C LEU A 131 -26.60 11.48 30.37
N ASP A 132 -27.00 11.28 29.12
CA ASP A 132 -27.22 9.95 28.56
C ASP A 132 -25.96 9.47 27.84
N ALA A 133 -25.71 8.17 27.94
CA ALA A 133 -24.52 7.57 27.34
C ALA A 133 -23.24 8.17 27.92
N VAL A 134 -23.06 8.01 29.23
CA VAL A 134 -21.88 8.51 29.92
C VAL A 134 -20.60 7.84 29.44
N SER A 135 -20.72 6.75 28.68
CA SER A 135 -19.55 5.96 28.31
C SER A 135 -18.54 6.78 27.51
N ASN A 136 -19.00 7.60 26.58
CA ASN A 136 -18.10 8.28 25.64
C ASN A 136 -17.31 9.41 26.27
N ASN A 137 -17.58 9.78 27.52
CA ASN A 137 -16.87 10.88 28.15
C ASN A 137 -15.38 10.57 28.22
N TYR A 138 -14.56 11.62 28.11
CA TYR A 138 -13.10 11.49 28.01
C TYR A 138 -12.47 12.52 28.93
N ILE A 139 -12.10 12.11 30.14
CA ILE A 139 -11.51 13.02 31.11
C ILE A 139 -10.18 12.44 31.59
N VAL A 140 -9.53 11.65 30.73
CA VAL A 140 -8.24 11.07 31.11
C VAL A 140 -7.14 12.13 31.06
N GLY A 141 -7.19 13.00 30.06
CA GLY A 141 -6.10 13.93 29.80
C GLY A 141 -6.01 15.13 30.70
N ASN A 142 -7.02 15.38 31.53
CA ASN A 142 -7.04 16.58 32.37
C ASN A 142 -6.10 16.39 33.56
N LYS A 143 -6.21 17.30 34.51
CA LYS A 143 -5.52 17.16 35.78
C LYS A 143 -5.70 15.73 36.30
N PRO A 144 -4.64 14.93 36.37
CA PRO A 144 -4.80 13.56 36.86
C PRO A 144 -5.39 13.55 38.25
N PRO A 145 -5.73 12.37 38.78
CA PRO A 145 -6.63 12.33 39.95
C PRO A 145 -5.95 12.56 41.29
N LYS A 146 -4.65 12.28 41.41
CA LYS A 146 -4.08 12.02 42.73
C LYS A 146 -4.18 13.24 43.66
N GLU A 147 -3.82 14.42 43.18
CA GLU A 147 -3.85 15.63 44.01
C GLU A 147 -5.08 16.49 43.77
N CYS A 148 -6.11 15.97 43.09
CA CYS A 148 -7.15 16.84 42.55
C CYS A 148 -7.78 17.66 43.67
N GLY A 149 -7.81 17.10 44.88
CA GLY A 149 -8.40 17.79 46.02
C GLY A 149 -9.91 17.90 45.88
N ASP A 150 -10.53 16.83 45.41
CA ASP A 150 -11.97 16.79 45.19
C ASP A 150 -12.67 16.70 46.55
N LEU A 151 -12.94 17.86 47.14
CA LEU A 151 -13.68 17.93 48.39
C LEU A 151 -14.73 19.03 48.28
N CYS A 152 -15.78 18.88 49.08
CA CYS A 152 -16.94 19.76 49.01
C CYS A 152 -17.72 19.67 50.32
N PRO A 153 -18.74 20.50 50.53
CA PRO A 153 -19.38 20.53 51.84
C PRO A 153 -19.92 19.17 52.25
N GLY A 154 -19.78 18.85 53.53
CA GLY A 154 -20.22 17.58 54.05
C GLY A 154 -19.13 16.53 54.07
N THR A 155 -18.57 16.21 52.90
CA THR A 155 -17.49 15.24 52.84
C THR A 155 -16.21 15.73 53.49
N MET A 156 -16.12 17.01 53.82
CA MET A 156 -14.99 17.56 54.56
C MET A 156 -15.47 17.99 55.94
N GLU A 157 -14.88 17.40 56.98
CA GLU A 157 -15.09 17.83 58.36
C GLU A 157 -16.56 17.99 58.70
N GLU A 158 -17.17 19.07 58.24
CA GLU A 158 -18.53 19.45 58.65
C GLU A 158 -19.55 18.35 58.35
N LYS A 159 -20.74 18.48 58.94
CA LYS A 159 -21.78 17.48 58.77
C LYS A 159 -22.10 17.31 57.29
N PRO A 160 -22.23 16.08 56.80
CA PRO A 160 -22.46 15.87 55.37
C PRO A 160 -23.74 16.54 54.90
N MET A 161 -23.69 17.10 53.70
CA MET A 161 -24.85 17.73 53.07
C MET A 161 -25.08 17.27 51.64
N CYS A 162 -24.05 16.82 50.92
CA CYS A 162 -24.26 16.20 49.63
C CYS A 162 -24.93 14.84 49.80
N GLU A 163 -25.81 14.52 48.86
CA GLU A 163 -26.48 13.22 48.89
C GLU A 163 -25.55 12.13 48.37
N LYS A 164 -25.91 10.89 48.64
CA LYS A 164 -25.12 9.73 48.27
C LYS A 164 -25.75 9.04 47.06
N THR A 165 -24.96 8.83 46.02
CA THR A 165 -25.39 8.12 44.82
C THR A 165 -24.29 7.13 44.42
N THR A 166 -24.70 6.08 43.72
CA THR A 166 -23.82 4.98 43.36
C THR A 166 -23.72 4.83 41.85
N ILE A 167 -22.49 4.79 41.35
CA ILE A 167 -22.20 4.40 39.97
C ILE A 167 -21.06 3.39 40.00
N ASN A 168 -21.30 2.21 39.46
CA ASN A 168 -20.30 1.14 39.40
C ASN A 168 -19.71 0.87 40.78
N ASN A 169 -20.59 0.60 41.74
CA ASN A 169 -20.20 0.15 43.08
C ASN A 169 -19.46 1.23 43.87
N GLU A 170 -19.81 2.49 43.68
CA GLU A 170 -19.21 3.61 44.42
C GLU A 170 -20.34 4.49 44.95
N TYR A 171 -20.86 4.14 46.13
CA TYR A 171 -21.98 4.84 46.75
C TYR A 171 -21.40 5.88 47.71
N ASN A 172 -21.17 7.09 47.20
CA ASN A 172 -20.53 8.15 47.98
C ASN A 172 -21.02 9.50 47.47
N TYR A 173 -20.47 10.57 48.04
CA TYR A 173 -20.98 11.91 47.82
C TYR A 173 -20.69 12.39 46.41
N ARG A 174 -21.56 13.27 45.91
CA ARG A 174 -21.40 13.94 44.62
C ARG A 174 -21.58 15.44 44.85
N CYS A 175 -20.94 16.26 44.02
CA CYS A 175 -20.96 17.70 44.25
C CYS A 175 -20.33 18.44 43.08
N TRP A 176 -20.31 19.76 43.19
CA TRP A 176 -19.81 20.66 42.15
C TRP A 176 -18.57 21.41 42.57
N THR A 177 -18.61 22.11 43.71
CA THR A 177 -17.50 22.96 44.14
C THR A 177 -17.35 22.81 45.66
N THR A 178 -16.35 23.50 46.20
CA THR A 178 -16.07 23.40 47.63
C THR A 178 -17.21 24.00 48.46
N ASN A 179 -18.09 24.77 47.84
CA ASN A 179 -19.14 25.48 48.57
C ASN A 179 -20.54 24.88 48.39
N ARG A 180 -20.68 23.81 47.61
CA ARG A 180 -22.02 23.32 47.27
C ARG A 180 -21.94 21.87 46.80
N CYS A 181 -23.11 21.23 46.77
CA CYS A 181 -23.23 19.82 46.48
C CYS A 181 -24.04 19.61 45.18
N GLN A 182 -24.23 18.34 44.83
CA GLN A 182 -24.93 17.92 43.62
C GLN A 182 -26.28 17.30 44.04
N LYS A 183 -27.35 18.07 43.86
CA LYS A 183 -28.69 17.62 44.19
C LYS A 183 -29.44 17.26 42.91
N MET A 184 -30.32 16.27 43.02
CA MET A 184 -31.12 15.81 41.89
C MET A 184 -32.47 15.33 42.39
N CYS A 185 -33.42 15.22 41.48
CA CYS A 185 -34.79 14.95 41.86
C CYS A 185 -34.91 13.51 42.36
N PRO A 186 -35.73 13.26 43.38
CA PRO A 186 -35.81 11.92 43.95
C PRO A 186 -36.59 10.96 43.07
N SER A 187 -36.58 9.69 43.47
CA SER A 187 -37.33 8.66 42.74
C SER A 187 -38.82 8.93 42.74
N THR A 188 -39.33 9.63 43.76
CA THR A 188 -40.72 10.06 43.75
C THR A 188 -41.00 10.92 42.51
N CYS A 189 -40.02 11.69 42.08
CA CYS A 189 -40.18 12.55 40.92
C CYS A 189 -39.88 11.83 39.61
N GLY A 190 -39.13 10.72 39.65
CA GLY A 190 -38.92 9.90 38.46
C GLY A 190 -38.11 10.61 37.38
N LYS A 191 -38.51 10.40 36.11
CA LYS A 191 -37.97 11.20 35.02
C LYS A 191 -38.22 12.67 35.25
N ARG A 192 -39.27 12.98 35.99
CA ARG A 192 -39.82 14.31 36.11
C ARG A 192 -39.08 15.12 37.19
N ALA A 193 -39.32 16.44 37.22
CA ALA A 193 -38.41 17.40 37.85
C ALA A 193 -38.88 17.84 39.24
N CYS A 194 -38.16 18.82 39.80
CA CYS A 194 -38.40 19.33 41.15
C CYS A 194 -37.58 20.59 41.36
N THR A 195 -37.71 21.20 42.54
CA THR A 195 -36.94 22.37 42.96
C THR A 195 -36.34 22.15 44.35
N GLU A 196 -35.86 23.24 44.96
CA GLU A 196 -35.34 23.19 46.32
C GLU A 196 -36.41 22.65 47.27
N ASN A 197 -35.96 22.30 48.48
CA ASN A 197 -36.79 21.76 49.55
C ASN A 197 -37.69 20.62 49.05
N ASN A 198 -37.28 19.95 47.99
CA ASN A 198 -37.94 18.74 47.49
C ASN A 198 -39.46 18.97 47.33
N GLU A 199 -39.80 20.01 46.58
CA GLU A 199 -41.17 20.25 46.15
C GLU A 199 -41.28 19.93 44.66
N CYS A 200 -41.85 18.77 44.37
CA CYS A 200 -41.77 18.13 43.07
C CYS A 200 -42.59 18.92 42.04
N CYS A 201 -42.00 19.17 40.86
CA CYS A 201 -42.51 20.10 39.87
C CYS A 201 -43.65 19.48 39.02
N HIS A 202 -43.89 20.06 37.84
CA HIS A 202 -44.90 19.60 36.89
C HIS A 202 -44.38 18.45 36.02
N PRO A 203 -45.30 17.63 35.45
CA PRO A 203 -44.87 16.65 34.43
C PRO A 203 -44.06 17.24 33.28
N GLU A 204 -44.65 18.11 32.47
CA GLU A 204 -43.95 18.67 31.31
C GLU A 204 -42.97 19.73 31.81
N CYS A 205 -41.89 19.26 32.43
CA CYS A 205 -40.90 20.15 33.02
C CYS A 205 -39.56 19.44 33.06
N LEU A 206 -38.51 20.22 33.27
CA LEU A 206 -37.15 19.71 33.34
C LEU A 206 -36.27 20.75 34.03
N GLY A 207 -35.11 20.30 34.49
CA GLY A 207 -34.13 21.22 35.06
C GLY A 207 -34.54 21.75 36.42
N SER A 208 -35.57 22.59 36.43
CA SER A 208 -36.04 23.20 37.67
C SER A 208 -37.29 24.00 37.35
N CYS A 209 -38.08 24.27 38.40
CA CYS A 209 -39.22 25.17 38.30
C CYS A 209 -39.20 26.10 39.51
N SER A 210 -40.34 26.75 39.77
CA SER A 210 -40.46 27.57 40.97
C SER A 210 -41.42 26.96 41.99
N ALA A 211 -42.53 26.38 41.54
CA ALA A 211 -43.54 25.82 42.41
C ALA A 211 -43.91 24.43 41.93
N PRO A 212 -44.38 23.56 42.82
CA PRO A 212 -44.68 22.17 42.42
C PRO A 212 -45.90 22.10 41.53
N ASP A 213 -45.75 21.45 40.38
CA ASP A 213 -46.84 21.17 39.46
C ASP A 213 -47.52 22.47 38.98
N ASN A 214 -46.73 23.28 38.28
CA ASN A 214 -47.22 24.51 37.65
C ASN A 214 -46.56 24.67 36.29
N ASP A 215 -47.37 24.88 35.26
CA ASP A 215 -46.83 25.01 33.91
C ASP A 215 -45.95 26.26 33.76
N THR A 216 -46.38 27.37 34.36
CA THR A 216 -45.69 28.64 34.18
C THR A 216 -44.50 28.81 35.12
N ALA A 217 -44.25 27.86 36.02
CA ALA A 217 -43.19 27.99 37.00
C ALA A 217 -41.89 27.31 36.57
N CYS A 218 -41.86 26.68 35.40
CA CYS A 218 -40.69 25.91 35.00
C CYS A 218 -39.54 26.84 34.63
N VAL A 219 -38.35 26.57 35.18
CA VAL A 219 -37.17 27.35 34.84
C VAL A 219 -36.75 27.06 33.40
N ALA A 220 -36.72 25.78 33.03
CA ALA A 220 -36.46 25.36 31.66
C ALA A 220 -37.06 23.97 31.48
N CYS A 221 -38.20 23.91 30.79
CA CYS A 221 -38.99 22.69 30.80
C CYS A 221 -38.38 21.64 29.86
N ARG A 222 -39.15 20.59 29.60
CA ARG A 222 -38.62 19.38 29.00
C ARG A 222 -38.46 19.47 27.48
N HIS A 223 -39.55 19.63 26.75
CA HIS A 223 -39.50 19.46 25.31
C HIS A 223 -39.75 20.74 24.51
N TYR A 224 -40.87 21.42 24.73
CA TYR A 224 -41.23 22.57 23.91
C TYR A 224 -41.84 23.65 24.79
N TYR A 225 -41.38 24.88 24.59
CA TYR A 225 -41.82 26.03 25.36
C TYR A 225 -42.50 27.02 24.41
N TYR A 226 -43.72 27.43 24.75
CA TYR A 226 -44.48 28.32 23.90
C TYR A 226 -45.48 29.10 24.73
N ALA A 227 -45.63 30.39 24.40
CA ALA A 227 -46.61 31.26 25.05
C ALA A 227 -46.43 31.25 26.57
N GLY A 228 -45.16 31.25 27.00
CA GLY A 228 -44.88 31.22 28.43
C GLY A 228 -45.36 29.97 29.13
N VAL A 229 -45.55 28.89 28.36
CA VAL A 229 -46.06 27.63 28.91
C VAL A 229 -45.44 26.48 28.13
N CYS A 230 -45.16 25.38 28.83
CA CYS A 230 -44.62 24.19 28.20
C CYS A 230 -45.76 23.26 27.79
N VAL A 231 -45.62 22.65 26.62
CA VAL A 231 -46.65 21.76 26.08
C VAL A 231 -46.00 20.48 25.58
N PRO A 232 -46.69 19.33 25.60
CA PRO A 232 -46.08 18.10 25.11
C PRO A 232 -46.02 18.00 23.59
N ALA A 233 -46.78 18.83 22.88
CA ALA A 233 -46.78 18.83 21.42
C ALA A 233 -47.16 20.22 20.95
N CYS A 234 -46.76 20.53 19.73
CA CYS A 234 -46.83 21.90 19.26
C CYS A 234 -48.29 22.24 18.95
N PRO A 235 -48.86 23.28 19.55
CA PRO A 235 -50.31 23.47 19.47
C PRO A 235 -50.75 23.81 18.06
N PRO A 236 -52.02 23.56 17.72
CA PRO A 236 -52.47 23.78 16.34
C PRO A 236 -52.39 25.25 15.94
N ASN A 237 -52.15 25.47 14.65
CA ASN A 237 -51.90 26.79 14.05
C ASN A 237 -50.54 27.34 14.47
N THR A 238 -49.79 26.62 15.30
CA THR A 238 -48.44 27.01 15.70
C THR A 238 -47.47 25.93 15.25
N TYR A 239 -46.28 26.34 14.87
CA TYR A 239 -45.33 25.48 14.18
C TYR A 239 -43.99 25.49 14.90
N ARG A 240 -43.47 24.30 15.17
CA ARG A 240 -42.25 24.14 15.95
C ARG A 240 -41.05 24.80 15.27
N PHE A 241 -40.48 25.81 15.92
CA PHE A 241 -39.19 26.32 15.49
C PHE A 241 -38.08 25.40 15.97
N GLU A 242 -36.89 25.58 15.41
CA GLU A 242 -35.78 24.69 15.72
C GLU A 242 -35.55 24.59 17.22
N GLY A 243 -35.46 23.36 17.72
CA GLY A 243 -35.03 23.11 19.08
C GLY A 243 -36.10 23.06 20.16
N TRP A 244 -36.64 24.21 20.56
CA TRP A 244 -37.34 24.27 21.84
C TRP A 244 -38.58 25.16 21.85
N ARG A 245 -39.15 25.50 20.70
CA ARG A 245 -40.28 26.42 20.69
C ARG A 245 -41.07 26.30 19.40
N CYS A 246 -42.28 26.85 19.42
CA CYS A 246 -43.12 26.97 18.25
C CYS A 246 -43.32 28.46 17.93
N VAL A 247 -43.71 28.72 16.68
CA VAL A 247 -43.94 30.08 16.21
C VAL A 247 -44.99 30.05 15.13
N ASP A 248 -45.86 31.07 15.12
CA ASP A 248 -46.88 31.17 14.09
C ASP A 248 -46.22 31.38 12.74
N ARG A 249 -46.95 31.03 11.67
CA ARG A 249 -46.40 31.14 10.33
C ARG A 249 -45.92 32.56 10.06
N ASP A 250 -46.57 33.55 10.67
CA ASP A 250 -46.18 34.94 10.45
C ASP A 250 -44.74 35.17 10.88
N PHE A 251 -44.35 34.65 12.06
CA PHE A 251 -42.96 34.75 12.47
C PHE A 251 -42.06 33.90 11.59
N CYS A 252 -42.52 32.70 11.22
CA CYS A 252 -41.71 31.83 10.38
C CYS A 252 -41.35 32.51 9.07
N ALA A 253 -42.20 33.42 8.59
CA ALA A 253 -41.90 34.18 7.38
C ALA A 253 -41.21 35.51 7.68
N ASN A 254 -41.41 36.06 8.88
CA ASN A 254 -40.84 37.36 9.24
C ASN A 254 -39.36 37.30 9.55
N ILE A 255 -38.81 36.13 9.84
CA ILE A 255 -37.39 36.03 10.17
C ILE A 255 -36.60 36.08 8.87
N LEU A 256 -36.23 37.30 8.46
CA LEU A 256 -35.52 37.48 7.19
C LEU A 256 -34.06 37.07 7.32
N SER A 257 -33.31 37.76 8.16
CA SER A 257 -31.92 37.39 8.43
C SER A 257 -31.35 38.35 9.45
N ALA A 258 -30.26 37.91 10.09
CA ALA A 258 -29.50 38.77 10.99
C ALA A 258 -28.05 38.32 10.89
N GLU A 259 -27.28 38.98 10.02
CA GLU A 259 -25.92 38.54 9.73
C GLU A 259 -25.92 37.09 9.27
N SER A 260 -25.69 36.15 10.20
CA SER A 260 -25.67 34.73 9.88
C SER A 260 -27.10 34.24 9.81
N SER A 261 -27.61 34.08 8.58
CA SER A 261 -28.95 33.57 8.37
C SER A 261 -29.08 33.12 6.93
N ASP A 262 -29.96 32.13 6.71
CA ASP A 262 -30.19 31.58 5.38
C ASP A 262 -31.51 32.04 4.80
N SER A 263 -32.62 31.84 5.49
CA SER A 263 -33.95 32.19 5.00
C SER A 263 -34.67 33.03 6.04
N GLU A 264 -35.33 34.10 5.60
CA GLU A 264 -35.33 34.59 4.22
C GLU A 264 -35.71 33.58 3.12
N GLY A 265 -36.77 32.80 3.31
CA GLY A 265 -37.57 32.78 4.52
C GLY A 265 -37.90 31.36 4.89
N PHE A 266 -37.92 31.07 6.20
CA PHE A 266 -38.12 29.70 6.65
C PHE A 266 -39.46 29.17 6.18
N VAL A 267 -39.48 27.90 5.75
CA VAL A 267 -40.68 27.24 5.25
C VAL A 267 -41.18 26.28 6.32
N ILE A 268 -42.49 25.99 6.28
CA ILE A 268 -43.12 25.13 7.27
C ILE A 268 -43.36 23.77 6.64
N HIS A 269 -42.84 22.72 7.27
CA HIS A 269 -43.04 21.35 6.83
C HIS A 269 -43.25 20.45 8.02
N ASP A 270 -44.17 19.49 7.87
CA ASP A 270 -44.46 18.48 8.90
C ASP A 270 -44.76 19.11 10.25
N GLY A 271 -45.30 20.33 10.27
CA GLY A 271 -45.63 20.99 11.51
C GLY A 271 -44.48 21.73 12.16
N GLU A 272 -43.33 21.84 11.49
CA GLU A 272 -42.18 22.54 12.04
C GLU A 272 -41.68 23.56 11.04
N CYS A 273 -41.28 24.73 11.55
CA CYS A 273 -40.74 25.82 10.73
C CYS A 273 -39.24 25.56 10.56
N MET A 274 -38.88 25.02 9.40
CA MET A 274 -37.51 24.64 9.09
C MET A 274 -36.86 25.68 8.18
N GLN A 275 -35.52 25.67 8.18
CA GLN A 275 -34.78 26.57 7.31
C GLN A 275 -35.14 26.35 5.85
N GLU A 276 -35.06 25.09 5.39
CA GLU A 276 -35.45 24.72 4.04
C GLU A 276 -36.24 23.42 4.10
N CYS A 277 -37.09 23.23 3.10
CA CYS A 277 -37.92 22.03 3.05
C CYS A 277 -37.04 20.80 2.87
N PRO A 278 -37.41 19.66 3.46
CA PRO A 278 -36.55 18.46 3.34
C PRO A 278 -36.50 17.92 1.92
N SER A 279 -35.76 16.83 1.74
CA SER A 279 -35.51 16.30 0.40
C SER A 279 -36.81 15.85 -0.26
N GLY A 280 -36.86 15.99 -1.58
CA GLY A 280 -37.99 15.55 -2.37
C GLY A 280 -39.14 16.52 -2.44
N PHE A 281 -39.08 17.64 -1.71
CA PHE A 281 -40.18 18.58 -1.64
C PHE A 281 -39.67 19.96 -2.03
N ILE A 282 -40.59 20.84 -2.42
CA ILE A 282 -40.24 22.16 -2.96
C ILE A 282 -41.09 23.23 -2.30
N ARG A 283 -40.46 24.37 -2.01
CA ARG A 283 -41.19 25.56 -1.60
C ARG A 283 -41.71 26.28 -2.85
N ASN A 284 -43.03 26.29 -3.01
CA ASN A 284 -43.66 26.94 -4.16
C ASN A 284 -43.54 28.44 -3.98
N GLY A 285 -42.55 29.03 -4.65
CA GLY A 285 -42.33 30.46 -4.52
C GLY A 285 -41.81 30.82 -3.14
N SER A 286 -42.35 31.91 -2.59
CA SER A 286 -41.96 32.41 -1.28
C SER A 286 -42.84 31.89 -0.16
N GLN A 287 -43.78 31.00 -0.46
CA GLN A 287 -44.70 30.50 0.56
C GLN A 287 -43.94 29.86 1.71
N SER A 288 -44.42 30.10 2.93
CA SER A 288 -43.83 29.51 4.12
C SER A 288 -44.81 28.67 4.93
N MET A 289 -46.11 28.84 4.72
CA MET A 289 -47.10 28.11 5.51
C MET A 289 -47.08 26.61 5.21
N TYR A 290 -46.60 26.22 4.04
CA TYR A 290 -46.58 24.82 3.66
C TYR A 290 -45.56 24.61 2.55
N CYS A 291 -45.23 23.35 2.31
CA CYS A 291 -44.26 22.97 1.28
C CYS A 291 -44.81 21.74 0.56
N ILE A 292 -44.81 21.80 -0.77
CA ILE A 292 -45.49 20.78 -1.59
C ILE A 292 -44.48 19.86 -2.24
N PRO A 293 -44.80 18.57 -2.43
CA PRO A 293 -43.88 17.69 -3.16
C PRO A 293 -43.63 18.18 -4.57
N CYS A 294 -42.38 17.99 -5.03
CA CYS A 294 -41.99 18.39 -6.38
C CYS A 294 -42.22 17.25 -7.39
N GLU A 295 -41.51 16.13 -7.19
CA GLU A 295 -41.52 14.99 -8.09
C GLU A 295 -40.19 14.26 -8.04
N GLY A 296 -39.22 14.73 -8.83
CA GLY A 296 -37.96 14.06 -8.96
C GLY A 296 -36.81 14.74 -8.23
N PRO A 297 -35.67 14.86 -8.91
CA PRO A 297 -34.45 15.33 -8.23
C PRO A 297 -34.34 16.85 -8.13
N CYS A 298 -35.43 17.58 -8.35
CA CYS A 298 -35.34 19.03 -8.34
C CYS A 298 -34.75 19.57 -7.03
N PRO A 299 -35.06 19.01 -5.83
CA PRO A 299 -34.69 19.73 -4.59
C PRO A 299 -33.26 19.75 -4.08
N LYS A 300 -32.31 20.05 -4.97
CA LYS A 300 -30.90 20.10 -4.58
C LYS A 300 -30.20 21.06 -5.52
N VAL A 301 -29.88 22.26 -5.03
CA VAL A 301 -29.21 23.28 -5.81
C VAL A 301 -27.72 23.17 -5.58
N CYS A 302 -26.95 23.18 -6.65
CA CYS A 302 -25.52 22.89 -6.62
C CYS A 302 -24.70 24.19 -6.55
N GLU A 303 -25.36 25.30 -6.26
CA GLU A 303 -24.73 26.61 -6.36
C GLU A 303 -23.58 26.73 -5.36
N GLU A 304 -22.49 27.36 -5.81
CA GLU A 304 -21.31 27.59 -5.01
C GLU A 304 -21.11 29.10 -4.81
N GLU A 305 -20.55 29.46 -3.66
CA GLU A 305 -20.30 30.87 -3.38
C GLU A 305 -19.52 31.53 -4.51
N LYS A 306 -18.58 30.80 -5.11
CA LYS A 306 -17.89 31.31 -6.28
C LYS A 306 -18.79 31.20 -7.51
N LYS A 307 -18.45 31.98 -8.54
CA LYS A 307 -19.22 31.93 -9.78
C LYS A 307 -18.67 30.89 -10.75
N THR A 308 -17.35 30.79 -10.87
CA THR A 308 -16.70 29.81 -11.74
C THR A 308 -15.98 28.80 -10.87
N LYS A 309 -16.68 27.73 -10.48
CA LYS A 309 -16.09 26.65 -9.71
C LYS A 309 -15.08 25.96 -10.61
N THR A 310 -13.80 26.25 -10.38
CA THR A 310 -12.74 25.67 -11.19
C THR A 310 -12.39 24.28 -10.71
N ILE A 311 -12.32 23.36 -11.66
CA ILE A 311 -12.12 21.94 -11.39
C ILE A 311 -10.71 21.59 -11.80
N ASP A 312 -9.95 21.02 -10.86
CA ASP A 312 -8.55 20.70 -11.11
C ASP A 312 -8.15 19.31 -10.63
N SER A 313 -9.06 18.55 -10.02
CA SER A 313 -8.75 17.22 -9.53
C SER A 313 -10.02 16.59 -8.99
N VAL A 314 -9.93 15.30 -8.69
CA VAL A 314 -11.06 14.60 -8.08
C VAL A 314 -11.36 15.20 -6.71
N THR A 315 -10.31 15.60 -5.99
CA THR A 315 -10.50 16.32 -4.74
C THR A 315 -11.19 17.66 -4.97
N SER A 316 -11.12 18.19 -6.20
CA SER A 316 -11.82 19.42 -6.52
C SER A 316 -13.26 19.16 -6.94
N ALA A 317 -13.69 17.90 -6.96
CA ALA A 317 -15.04 17.53 -7.34
C ALA A 317 -15.88 17.06 -6.18
N GLN A 318 -15.34 17.06 -4.95
CA GLN A 318 -16.06 16.51 -3.82
C GLN A 318 -17.21 17.42 -3.38
N MET A 319 -16.96 18.72 -3.28
CA MET A 319 -17.95 19.62 -2.71
C MET A 319 -19.27 19.59 -3.46
N LEU A 320 -19.23 19.41 -4.77
CA LEU A 320 -20.45 19.33 -5.58
C LEU A 320 -20.91 17.90 -5.80
N GLN A 321 -20.61 16.99 -4.88
CA GLN A 321 -21.09 15.62 -4.97
C GLN A 321 -22.59 15.57 -4.68
N GLY A 322 -23.30 14.77 -5.46
CA GLY A 322 -24.73 14.62 -5.27
C GLY A 322 -25.48 15.91 -5.50
N CYS A 323 -25.12 16.64 -6.56
CA CYS A 323 -25.75 17.91 -6.89
C CYS A 323 -26.16 17.89 -8.34
N THR A 324 -27.29 18.55 -8.63
CA THR A 324 -27.95 18.45 -9.93
C THR A 324 -27.79 19.69 -10.79
N ILE A 325 -28.01 20.89 -10.25
CA ILE A 325 -28.03 22.11 -11.04
C ILE A 325 -27.08 23.12 -10.41
N PHE A 326 -26.12 23.60 -11.21
CA PHE A 326 -25.19 24.65 -10.82
C PHE A 326 -25.55 25.94 -11.55
N LYS A 327 -25.54 27.06 -10.82
CA LYS A 327 -25.85 28.36 -11.39
C LYS A 327 -24.55 29.13 -11.64
N GLY A 328 -23.71 28.54 -12.48
CA GLY A 328 -22.39 29.07 -12.71
C GLY A 328 -21.71 28.39 -13.88
N ASN A 329 -20.47 27.97 -13.68
CA ASN A 329 -19.68 27.44 -14.78
C ASN A 329 -18.43 26.75 -14.22
N LEU A 330 -17.93 25.79 -14.99
CA LEU A 330 -17.08 24.74 -14.46
C LEU A 330 -15.87 24.51 -15.36
N LEU A 331 -14.69 24.43 -14.74
CA LEU A 331 -13.43 24.44 -15.48
C LEU A 331 -12.54 23.27 -15.07
N ILE A 332 -12.31 22.33 -16.00
CA ILE A 332 -11.45 21.17 -15.77
C ILE A 332 -10.03 21.56 -16.14
N ASN A 333 -9.09 21.40 -15.20
CA ASN A 333 -7.67 21.55 -15.52
C ASN A 333 -6.83 20.48 -14.83
N ILE A 334 -7.26 19.22 -14.90
CA ILE A 334 -6.47 18.11 -14.36
C ILE A 334 -5.32 17.87 -15.33
N ARG A 335 -4.09 17.98 -14.83
CA ARG A 335 -2.92 17.76 -15.68
C ARG A 335 -2.41 16.33 -15.59
N ARG A 336 -3.03 15.51 -14.74
CA ARG A 336 -2.71 14.09 -14.64
C ARG A 336 -3.79 13.40 -13.81
N GLY A 337 -4.15 12.18 -14.21
CA GLY A 337 -5.15 11.43 -13.49
C GLY A 337 -5.41 10.06 -14.06
N ASN A 338 -5.44 9.05 -13.20
CA ASN A 338 -5.80 7.69 -13.55
C ASN A 338 -7.03 7.27 -12.77
N ASN A 339 -8.01 6.72 -13.48
CA ASN A 339 -9.28 6.28 -12.90
C ASN A 339 -10.09 7.49 -12.41
N ILE A 340 -9.82 8.68 -12.96
CA ILE A 340 -10.51 9.88 -12.50
C ILE A 340 -11.97 9.87 -12.94
N ALA A 341 -12.23 9.42 -14.17
CA ALA A 341 -13.59 9.36 -14.65
C ALA A 341 -14.48 8.60 -13.67
N SER A 342 -14.15 7.33 -13.42
CA SER A 342 -14.93 6.51 -12.49
C SER A 342 -15.34 7.29 -11.25
N GLU A 343 -14.47 8.20 -10.79
CA GLU A 343 -14.79 9.06 -9.67
C GLU A 343 -15.75 10.19 -10.03
N LEU A 344 -15.61 10.79 -11.21
CA LEU A 344 -16.42 11.97 -11.52
C LEU A 344 -17.81 11.60 -12.03
N GLU A 345 -18.01 10.35 -12.48
CA GLU A 345 -19.40 9.92 -12.67
C GLU A 345 -20.19 9.98 -11.37
N ASN A 346 -19.56 9.68 -10.24
CA ASN A 346 -20.23 9.76 -8.95
C ASN A 346 -20.24 11.20 -8.42
N PHE A 347 -19.10 11.89 -8.47
CA PHE A 347 -18.99 13.22 -7.88
C PHE A 347 -19.78 14.24 -8.70
N MET A 348 -19.71 14.15 -10.03
CA MET A 348 -20.28 15.20 -10.89
C MET A 348 -21.06 14.61 -12.06
N GLY A 349 -21.29 13.30 -12.05
CA GLY A 349 -22.15 12.69 -13.04
C GLY A 349 -23.62 12.92 -12.84
N LEU A 350 -24.00 13.64 -11.79
CA LEU A 350 -25.39 13.97 -11.50
C LEU A 350 -25.75 15.40 -11.88
N ILE A 351 -24.77 16.24 -12.21
CA ILE A 351 -25.08 17.61 -12.61
C ILE A 351 -25.85 17.58 -13.92
N GLU A 352 -26.91 18.37 -14.01
CA GLU A 352 -27.83 18.32 -15.14
C GLU A 352 -27.85 19.63 -15.92
N VAL A 353 -27.97 20.76 -15.23
CA VAL A 353 -28.11 22.06 -15.88
C VAL A 353 -27.03 23.00 -15.37
N VAL A 354 -26.71 24.00 -16.18
CA VAL A 354 -25.74 25.03 -15.84
C VAL A 354 -26.22 26.36 -16.37
N THR A 355 -26.16 27.40 -15.54
CA THR A 355 -26.38 28.77 -15.99
C THR A 355 -25.05 29.45 -16.29
N GLY A 356 -24.29 28.81 -17.17
CA GLY A 356 -22.99 29.34 -17.54
C GLY A 356 -22.15 28.30 -18.25
N TYR A 357 -20.91 28.67 -18.51
CA TYR A 357 -20.04 27.94 -19.42
C TYR A 357 -19.45 26.68 -18.76
N VAL A 358 -18.91 25.81 -19.62
CA VAL A 358 -18.11 24.66 -19.21
C VAL A 358 -16.81 24.73 -19.98
N LYS A 359 -15.69 24.75 -19.26
CA LYS A 359 -14.40 25.05 -19.89
C LYS A 359 -13.35 24.03 -19.48
N ILE A 360 -12.59 23.56 -20.46
CA ILE A 360 -11.56 22.55 -20.24
C ILE A 360 -10.23 23.17 -20.65
N ARG A 361 -9.33 23.36 -19.68
CA ARG A 361 -8.03 23.97 -19.96
C ARG A 361 -6.90 23.06 -19.53
N HIS A 362 -5.96 22.83 -20.45
CA HIS A 362 -4.71 22.12 -20.16
C HIS A 362 -4.98 20.83 -19.40
N SER A 363 -5.68 19.92 -20.04
CA SER A 363 -5.91 18.59 -19.50
C SER A 363 -5.30 17.56 -20.44
N HIS A 364 -4.22 16.94 -19.94
CA HIS A 364 -3.52 15.94 -20.73
C HIS A 364 -4.26 14.61 -20.78
N ALA A 365 -4.70 14.11 -19.63
CA ALA A 365 -5.24 12.76 -19.52
C ALA A 365 -6.74 12.66 -19.73
N LEU A 366 -7.44 13.77 -19.94
CA LEU A 366 -8.85 13.72 -20.27
C LEU A 366 -9.02 13.15 -21.66
N VAL A 367 -9.95 12.21 -21.80
CA VAL A 367 -10.01 11.37 -22.99
C VAL A 367 -11.33 11.48 -23.73
N SER A 368 -12.46 11.43 -23.04
CA SER A 368 -13.78 11.55 -23.66
C SER A 368 -14.72 12.03 -22.57
N LEU A 369 -15.40 13.14 -22.81
CA LEU A 369 -16.19 13.77 -21.76
C LEU A 369 -17.50 13.03 -21.51
N SER A 370 -17.64 11.81 -22.01
CA SER A 370 -18.82 11.00 -21.73
C SER A 370 -19.00 10.76 -20.23
N PHE A 371 -17.94 10.83 -19.44
CA PHE A 371 -18.02 10.51 -18.02
C PHE A 371 -18.87 11.50 -17.22
N LEU A 372 -19.11 12.70 -17.72
CA LEU A 372 -20.01 13.66 -17.05
C LEU A 372 -21.40 13.45 -17.66
N LYS A 373 -22.16 12.50 -17.10
CA LYS A 373 -23.30 11.97 -17.83
C LYS A 373 -24.54 12.86 -17.77
N ASN A 374 -24.94 13.31 -16.58
CA ASN A 374 -26.28 13.85 -16.39
C ASN A 374 -26.47 15.22 -17.04
N LEU A 375 -25.41 15.92 -17.40
CA LEU A 375 -25.56 17.27 -17.93
C LEU A 375 -26.48 17.27 -19.15
N ARG A 376 -27.66 17.86 -18.99
CA ARG A 376 -28.64 17.96 -20.07
C ARG A 376 -28.68 19.33 -20.73
N LEU A 377 -28.79 20.40 -19.96
CA LEU A 377 -29.02 21.73 -20.51
C LEU A 377 -27.97 22.70 -19.97
N ILE A 378 -27.73 23.75 -20.75
CA ILE A 378 -26.91 24.88 -20.32
C ILE A 378 -27.71 26.14 -20.58
N LEU A 379 -28.04 26.87 -19.51
CA LEU A 379 -28.72 28.15 -19.70
C LEU A 379 -27.77 29.18 -20.31
N GLY A 380 -26.64 29.42 -19.65
CA GLY A 380 -25.60 30.27 -20.21
C GLY A 380 -25.61 31.70 -19.73
N GLU A 381 -26.41 32.03 -18.70
CA GLU A 381 -26.42 33.40 -18.19
C GLU A 381 -25.02 33.87 -17.84
N GLU A 382 -24.26 33.03 -17.14
CA GLU A 382 -22.88 33.33 -16.80
C GLU A 382 -22.00 32.98 -17.99
N GLN A 383 -21.66 33.98 -18.80
CA GLN A 383 -21.03 33.75 -20.09
C GLN A 383 -19.61 34.27 -20.09
N LEU A 384 -18.81 33.78 -21.04
CA LEU A 384 -17.47 34.30 -21.25
C LEU A 384 -17.50 35.45 -22.25
N GLU A 385 -16.31 35.89 -22.64
CA GLU A 385 -16.20 36.93 -23.66
C GLU A 385 -16.54 36.36 -25.03
N GLY A 386 -17.45 37.02 -25.73
CA GLY A 386 -17.92 36.53 -27.00
C GLY A 386 -19.13 35.62 -26.92
N ASN A 387 -19.76 35.51 -25.75
CA ASN A 387 -20.93 34.66 -25.53
C ASN A 387 -20.59 33.17 -25.57
N TYR A 388 -19.32 32.82 -25.40
CA TYR A 388 -18.91 31.42 -25.34
C TYR A 388 -19.35 30.83 -24.01
N SER A 389 -20.52 30.19 -24.02
CA SER A 389 -21.04 29.51 -22.84
C SER A 389 -20.77 28.01 -22.84
N PHE A 390 -19.85 27.53 -23.68
CA PHE A 390 -19.46 26.12 -23.65
C PHE A 390 -18.13 26.02 -24.38
N TYR A 391 -17.03 25.82 -23.65
CA TYR A 391 -15.69 26.11 -24.15
C TYR A 391 -14.75 24.96 -23.81
N VAL A 392 -13.80 24.67 -24.72
CA VAL A 392 -12.80 23.61 -24.50
C VAL A 392 -11.49 24.03 -25.18
N LEU A 393 -10.43 24.23 -24.40
CA LEU A 393 -9.11 24.52 -24.93
C LEU A 393 -8.04 23.65 -24.28
N ASP A 394 -7.22 23.03 -25.13
CA ASP A 394 -6.01 22.32 -24.68
C ASP A 394 -6.35 21.11 -23.83
N ASN A 395 -7.34 20.34 -24.28
CA ASN A 395 -7.55 18.97 -23.80
C ASN A 395 -6.76 18.11 -24.79
N GLN A 396 -5.57 17.69 -24.37
CA GLN A 396 -4.63 17.08 -25.31
C GLN A 396 -5.21 15.81 -25.92
N ASN A 397 -5.74 14.92 -25.08
CA ASN A 397 -6.14 13.59 -25.53
C ASN A 397 -7.66 13.41 -25.59
N LEU A 398 -8.43 14.50 -25.60
CA LEU A 398 -9.87 14.40 -25.79
C LEU A 398 -10.16 13.50 -26.99
N GLN A 399 -11.24 12.72 -26.90
CA GLN A 399 -11.67 11.89 -28.02
C GLN A 399 -13.10 12.19 -28.44
N GLN A 400 -14.01 12.33 -27.48
CA GLN A 400 -15.43 12.33 -27.79
C GLN A 400 -16.20 12.80 -26.57
N LEU A 401 -17.16 13.70 -26.78
CA LEU A 401 -18.00 14.18 -25.69
C LEU A 401 -19.08 13.14 -25.40
N TRP A 402 -20.13 13.53 -24.69
CA TRP A 402 -21.15 12.59 -24.27
C TRP A 402 -21.73 11.87 -25.49
N ASP A 403 -21.96 10.57 -25.33
CA ASP A 403 -22.49 9.76 -26.43
C ASP A 403 -23.69 10.43 -27.06
N TRP A 404 -23.57 10.82 -28.32
CA TRP A 404 -24.64 11.51 -29.03
C TRP A 404 -25.49 10.57 -29.88
N ASP A 405 -25.64 9.32 -29.44
CA ASP A 405 -26.60 8.43 -30.06
C ASP A 405 -27.95 8.46 -29.36
N HIS A 406 -27.96 8.28 -28.03
CA HIS A 406 -29.20 8.39 -27.25
C HIS A 406 -29.24 9.59 -26.32
N ARG A 407 -28.15 10.35 -26.19
CA ARG A 407 -28.06 11.42 -25.19
C ARG A 407 -28.29 12.77 -25.84
N ASN A 408 -29.07 13.61 -25.19
CA ASN A 408 -29.33 14.97 -25.64
C ASN A 408 -28.63 15.97 -24.73
N LEU A 409 -28.14 17.05 -25.35
CA LEU A 409 -27.55 18.15 -24.60
C LEU A 409 -28.03 19.45 -25.24
N THR A 410 -28.23 20.46 -24.40
CA THR A 410 -28.80 21.71 -24.88
C THR A 410 -28.08 22.89 -24.25
N ILE A 411 -27.99 23.98 -25.01
CA ILE A 411 -27.45 25.26 -24.54
C ILE A 411 -28.48 26.32 -24.89
N LYS A 412 -28.79 27.20 -23.93
CA LYS A 412 -29.84 28.19 -24.14
C LYS A 412 -29.28 29.56 -24.54
N ALA A 413 -28.22 30.02 -23.86
CA ALA A 413 -27.78 31.40 -24.04
C ALA A 413 -26.31 31.53 -24.39
N GLY A 414 -25.82 30.74 -25.34
CA GLY A 414 -24.46 30.96 -25.83
C GLY A 414 -24.03 29.88 -26.79
N LYS A 415 -22.93 30.17 -27.48
CA LYS A 415 -22.33 29.29 -28.45
C LYS A 415 -21.18 28.51 -27.81
N MET A 416 -20.38 27.82 -28.63
CA MET A 416 -19.34 26.93 -28.14
C MET A 416 -18.12 26.97 -29.03
N TYR A 417 -16.96 26.76 -28.40
CA TYR A 417 -15.66 26.88 -29.04
C TYR A 417 -14.76 25.76 -28.50
N PHE A 418 -14.15 25.02 -29.42
CA PHE A 418 -13.27 23.90 -29.09
C PHE A 418 -11.97 24.03 -29.88
N ALA A 419 -10.85 24.05 -29.17
CA ALA A 419 -9.57 24.23 -29.84
C ALA A 419 -8.49 23.49 -29.07
N PHE A 420 -7.39 23.22 -29.76
CA PHE A 420 -6.29 22.42 -29.24
C PHE A 420 -6.79 21.12 -28.63
N ASN A 421 -7.69 20.45 -29.36
CA ASN A 421 -7.87 19.01 -29.23
C ASN A 421 -7.26 18.42 -30.50
N PRO A 422 -6.03 17.91 -30.42
CA PRO A 422 -5.47 17.20 -31.57
C PRO A 422 -6.16 15.87 -31.83
N LYS A 423 -6.93 15.37 -30.86
CA LYS A 423 -7.65 14.12 -31.01
C LYS A 423 -9.17 14.26 -30.87
N LEU A 424 -9.77 15.33 -31.39
CA LEU A 424 -11.22 15.50 -31.37
C LEU A 424 -11.74 15.48 -32.81
N CYS A 425 -12.12 14.31 -33.29
CA CYS A 425 -12.65 14.18 -34.63
C CYS A 425 -13.88 15.07 -34.81
N VAL A 426 -14.00 15.64 -36.01
CA VAL A 426 -15.04 16.63 -36.27
C VAL A 426 -16.43 16.00 -36.36
N SER A 427 -16.50 14.67 -36.48
CA SER A 427 -17.80 14.01 -36.51
C SER A 427 -18.45 14.03 -35.13
N GLU A 428 -17.66 14.25 -34.08
CA GLU A 428 -18.19 14.38 -32.73
C GLU A 428 -18.87 15.72 -32.49
N ILE A 429 -18.57 16.74 -33.31
CA ILE A 429 -19.05 18.09 -33.06
C ILE A 429 -20.08 18.47 -34.12
N TYR A 430 -19.90 17.96 -35.34
CA TYR A 430 -20.85 18.28 -36.41
C TYR A 430 -22.28 17.92 -36.01
N ARG A 431 -22.44 16.91 -35.14
CA ARG A 431 -23.80 16.57 -34.68
C ARG A 431 -24.26 17.50 -33.57
N MET A 432 -23.32 18.14 -32.87
CA MET A 432 -23.69 19.06 -31.80
C MET A 432 -24.52 20.22 -32.34
N GLU A 433 -24.15 20.73 -33.52
CA GLU A 433 -24.92 21.82 -34.12
C GLU A 433 -26.40 21.50 -34.21
N GLU A 434 -26.76 20.26 -34.54
CA GLU A 434 -28.15 19.89 -34.75
C GLU A 434 -28.88 19.49 -33.46
N VAL A 435 -28.14 19.30 -32.37
CA VAL A 435 -28.76 18.81 -31.15
C VAL A 435 -29.21 19.95 -30.25
N THR A 436 -28.32 20.91 -29.99
CA THR A 436 -28.60 22.03 -29.10
C THR A 436 -29.10 23.26 -29.84
N GLY A 437 -29.54 23.11 -31.08
CA GLY A 437 -30.11 24.23 -31.82
C GLY A 437 -29.16 25.40 -31.95
N THR A 438 -27.89 25.13 -32.29
CA THR A 438 -26.86 26.15 -32.32
C THR A 438 -26.16 26.20 -33.68
N LYS A 439 -26.83 25.74 -34.73
CA LYS A 439 -26.15 25.62 -36.02
C LYS A 439 -25.61 26.96 -36.51
N GLY A 440 -26.44 28.00 -36.40
CA GLY A 440 -26.07 29.33 -36.84
C GLY A 440 -25.64 30.30 -35.75
N ARG A 441 -25.71 29.91 -34.48
CA ARG A 441 -25.37 30.84 -33.40
C ARG A 441 -23.89 31.22 -33.44
N GLN A 442 -23.06 30.47 -34.15
CA GLN A 442 -21.64 30.75 -34.23
C GLN A 442 -21.19 30.58 -35.67
N SER A 443 -20.11 31.27 -36.01
CA SER A 443 -19.53 31.14 -37.34
C SER A 443 -18.87 29.76 -37.49
N LYS A 444 -18.55 29.43 -38.73
CA LYS A 444 -17.85 28.17 -38.99
C LYS A 444 -16.51 28.11 -38.29
N GLY A 445 -15.78 29.23 -38.20
CA GLY A 445 -14.51 29.23 -37.49
C GLY A 445 -14.65 28.90 -36.02
N ASP A 446 -15.81 29.20 -35.44
CA ASP A 446 -16.04 28.87 -34.03
C ASP A 446 -16.06 27.37 -33.78
N ILE A 447 -16.64 26.60 -34.70
CA ILE A 447 -16.59 25.13 -34.62
C ILE A 447 -15.74 24.69 -35.81
N ASN A 448 -14.72 25.51 -36.09
CA ASN A 448 -13.82 25.39 -37.23
C ASN A 448 -13.37 23.97 -37.54
N THR A 449 -13.15 23.73 -38.84
CA THR A 449 -12.39 22.57 -39.31
C THR A 449 -10.88 22.72 -39.08
N ARG A 450 -10.42 23.84 -38.52
CA ARG A 450 -9.03 23.94 -38.05
C ARG A 450 -8.98 23.23 -36.70
N ASN A 451 -8.08 23.65 -35.82
CA ASN A 451 -7.54 22.86 -34.72
C ASN A 451 -8.42 21.70 -34.27
N ASN A 452 -9.74 21.85 -34.28
CA ASN A 452 -10.62 20.75 -33.90
C ASN A 452 -10.16 19.46 -34.57
N GLY A 453 -9.66 18.53 -33.77
CA GLY A 453 -9.22 17.24 -34.28
C GLY A 453 -8.16 17.32 -35.35
N GLU A 454 -7.11 18.10 -35.14
CA GLU A 454 -6.07 18.23 -36.16
C GLU A 454 -5.43 16.88 -36.46
N ARG A 455 -5.12 16.10 -35.42
CA ARG A 455 -4.75 14.71 -35.62
C ARG A 455 -5.98 13.81 -35.57
N ALA A 456 -7.12 14.43 -35.42
CA ALA A 456 -8.28 13.62 -35.88
C ALA A 456 -8.34 13.47 -37.49
N SER A 457 -7.44 14.24 -38.13
CA SER A 457 -6.84 13.95 -39.45
C SER A 457 -7.64 13.80 -40.67
N CYS A 458 -7.05 14.43 -41.68
CA CYS A 458 -7.66 14.38 -43.00
C CYS A 458 -9.09 13.81 -42.95
N GLU A 459 -9.31 12.71 -43.67
CA GLU A 459 -10.65 12.11 -43.74
C GLU A 459 -10.47 10.61 -43.97
N SER A 460 -11.19 9.81 -43.21
CA SER A 460 -11.01 8.36 -43.27
C SER A 460 -11.91 7.71 -44.30
N ASP A 461 -11.33 6.85 -45.13
CA ASP A 461 -12.09 5.95 -45.98
C ASP A 461 -12.43 4.70 -45.16
N VAL A 462 -12.96 3.67 -45.82
CA VAL A 462 -13.36 2.43 -45.16
C VAL A 462 -12.89 1.25 -46.00
N LEU A 463 -12.32 0.25 -45.34
CA LEU A 463 -11.85 -0.95 -46.02
C LEU A 463 -12.99 -1.95 -46.20
N HIS A 464 -12.75 -2.93 -47.07
CA HIS A 464 -13.65 -4.05 -47.29
C HIS A 464 -13.06 -5.31 -46.69
N PHE A 465 -13.86 -6.05 -45.94
CA PHE A 465 -13.45 -7.35 -45.43
C PHE A 465 -13.66 -8.38 -46.53
N THR A 466 -12.57 -8.73 -47.21
CA THR A 466 -12.65 -9.72 -48.28
C THR A 466 -13.17 -11.05 -47.74
N SER A 467 -12.60 -11.50 -46.63
CA SER A 467 -13.08 -12.71 -45.96
C SER A 467 -12.70 -12.59 -44.49
N THR A 468 -13.36 -13.41 -43.66
CA THR A 468 -13.10 -13.41 -42.22
C THR A 468 -12.95 -14.86 -41.77
N THR A 469 -11.74 -15.39 -41.87
CA THR A 469 -11.43 -16.66 -41.24
C THR A 469 -11.32 -16.48 -39.74
N THR A 470 -11.66 -17.53 -38.99
CA THR A 470 -11.72 -17.45 -37.53
C THR A 470 -11.42 -18.83 -36.96
N SER A 471 -11.32 -18.93 -35.64
CA SER A 471 -10.84 -20.16 -34.99
C SER A 471 -11.37 -20.24 -33.56
N LYS A 472 -10.79 -21.14 -32.77
CA LYS A 472 -11.45 -21.59 -31.55
C LYS A 472 -10.82 -21.06 -30.26
N ASN A 473 -9.58 -20.60 -30.30
CA ASN A 473 -9.09 -19.68 -29.28
C ASN A 473 -8.22 -18.59 -29.88
N ARG A 474 -8.52 -18.14 -31.10
CA ARG A 474 -7.57 -17.42 -31.92
C ARG A 474 -8.31 -16.92 -33.15
N ILE A 475 -7.92 -15.73 -33.62
CA ILE A 475 -8.64 -15.04 -34.69
C ILE A 475 -7.85 -15.19 -35.98
N ILE A 476 -8.52 -14.85 -37.08
CA ILE A 476 -7.87 -14.49 -38.33
C ILE A 476 -8.72 -13.37 -38.91
N ILE A 477 -8.18 -12.65 -39.89
CA ILE A 477 -8.95 -11.64 -40.60
C ILE A 477 -8.16 -11.17 -41.81
N THR A 478 -8.88 -10.69 -42.82
CA THR A 478 -8.27 -9.93 -43.90
C THR A 478 -9.18 -8.77 -44.24
N TRP A 479 -8.64 -7.83 -45.00
CA TRP A 479 -9.40 -6.68 -45.46
C TRP A 479 -8.94 -6.36 -46.89
N HIS A 480 -9.51 -5.28 -47.44
CA HIS A 480 -9.17 -4.93 -48.82
C HIS A 480 -7.75 -4.40 -48.90
N ARG A 481 -7.12 -4.63 -50.04
CA ARG A 481 -5.77 -4.13 -50.31
C ARG A 481 -5.89 -2.69 -50.82
N TYR A 482 -5.76 -1.73 -49.91
CA TYR A 482 -5.98 -0.33 -50.28
C TYR A 482 -4.89 0.16 -51.22
N ARG A 483 -5.28 1.02 -52.16
CA ARG A 483 -4.36 1.66 -53.10
C ARG A 483 -4.41 3.16 -52.88
N PRO A 484 -3.48 3.75 -52.13
CA PRO A 484 -3.52 5.19 -51.88
C PRO A 484 -3.17 5.97 -53.13
N PRO A 485 -3.21 7.30 -53.07
CA PRO A 485 -2.74 8.09 -54.23
C PRO A 485 -1.32 7.78 -54.62
N ASP A 486 -0.45 7.50 -53.63
CA ASP A 486 0.92 7.07 -53.88
C ASP A 486 1.20 5.87 -52.99
N TYR A 487 1.63 4.77 -53.61
CA TYR A 487 1.74 3.49 -52.89
C TYR A 487 2.72 3.57 -51.74
N ARG A 488 3.75 4.41 -51.84
CA ARG A 488 4.78 4.47 -50.81
C ARG A 488 4.24 4.96 -49.47
N ASP A 489 3.05 5.57 -49.46
CA ASP A 489 2.52 6.15 -48.23
C ASP A 489 2.38 5.11 -47.12
N LEU A 490 1.55 4.09 -47.34
CA LEU A 490 1.22 3.18 -46.26
C LEU A 490 2.45 2.42 -45.79
N ILE A 491 2.60 2.31 -44.47
CA ILE A 491 3.69 1.57 -43.84
C ILE A 491 3.21 0.42 -42.98
N SER A 492 1.98 0.47 -42.49
CA SER A 492 1.38 -0.63 -41.76
C SER A 492 -0.11 -0.35 -41.66
N PHE A 493 -0.86 -1.36 -41.22
CA PHE A 493 -2.30 -1.29 -41.07
C PHE A 493 -2.64 -1.68 -39.64
N THR A 494 -3.19 -0.74 -38.88
CA THR A 494 -3.35 -0.93 -37.45
C THR A 494 -4.44 -1.96 -37.18
N VAL A 495 -4.14 -2.90 -36.28
CA VAL A 495 -4.99 -4.05 -36.00
C VAL A 495 -5.33 -3.98 -34.51
N TYR A 496 -6.46 -3.38 -34.18
CA TYR A 496 -6.91 -3.32 -32.80
C TYR A 496 -7.63 -4.61 -32.43
N TYR A 497 -7.77 -4.85 -31.13
CA TYR A 497 -8.68 -5.90 -30.68
C TYR A 497 -8.95 -5.70 -29.19
N LYS A 498 -10.23 -5.66 -28.84
CA LYS A 498 -10.64 -5.74 -27.44
C LYS A 498 -11.86 -6.65 -27.36
N GLU A 499 -12.54 -6.60 -26.22
CA GLU A 499 -13.70 -7.45 -25.99
C GLU A 499 -14.93 -6.59 -25.74
N ALA A 500 -15.60 -6.22 -26.83
CA ALA A 500 -16.75 -5.29 -26.79
C ALA A 500 -17.99 -6.02 -27.28
N PRO A 501 -18.61 -6.84 -26.43
CA PRO A 501 -19.83 -7.55 -26.86
C PRO A 501 -20.97 -6.60 -27.12
N PHE A 502 -21.24 -5.72 -26.17
CA PHE A 502 -22.42 -4.88 -26.14
C PHE A 502 -22.20 -3.76 -27.16
N LYS A 503 -22.93 -3.83 -28.28
CA LYS A 503 -22.51 -3.07 -29.45
C LYS A 503 -22.31 -1.60 -29.14
N ASN A 504 -22.75 -1.14 -27.96
CA ASN A 504 -22.43 0.21 -27.52
C ASN A 504 -20.96 0.25 -27.11
N VAL A 505 -20.11 0.31 -28.13
CA VAL A 505 -18.69 0.59 -27.98
C VAL A 505 -18.23 1.26 -29.27
N THR A 506 -17.54 2.39 -29.11
CA THR A 506 -16.91 3.07 -30.22
C THR A 506 -15.41 2.92 -30.04
N GLU A 507 -14.66 3.21 -31.11
CA GLU A 507 -13.22 2.96 -31.08
C GLU A 507 -12.54 3.73 -29.95
N TYR A 508 -13.23 4.71 -29.36
CA TYR A 508 -12.60 5.68 -28.48
C TYR A 508 -12.96 5.51 -27.01
N ASP A 509 -13.34 4.31 -26.55
CA ASP A 509 -13.48 4.10 -25.11
C ASP A 509 -12.15 4.27 -24.40
N GLY A 510 -11.16 3.44 -24.75
CA GLY A 510 -9.93 3.33 -24.00
C GLY A 510 -8.62 3.22 -24.77
N GLN A 511 -8.44 3.88 -25.92
CA GLN A 511 -7.45 3.38 -26.86
C GLN A 511 -6.03 3.26 -26.29
N ASP A 512 -5.31 4.36 -26.11
CA ASP A 512 -3.98 4.29 -25.50
C ASP A 512 -3.61 5.64 -24.91
N ALA A 513 -3.92 5.84 -23.63
CA ALA A 513 -3.45 6.98 -22.84
C ALA A 513 -3.98 8.28 -23.41
N CYS A 514 -4.48 8.21 -24.65
CA CYS A 514 -5.26 9.29 -25.23
C CYS A 514 -6.73 9.12 -24.90
N GLY A 515 -7.27 7.95 -25.19
CA GLY A 515 -8.62 7.60 -24.80
C GLY A 515 -8.72 6.74 -23.56
N SER A 516 -7.67 6.68 -22.74
CA SER A 516 -7.44 5.61 -21.77
C SER A 516 -6.78 4.42 -22.49
N ASN A 517 -6.63 3.29 -21.79
CA ASN A 517 -5.86 2.14 -22.31
C ASN A 517 -6.71 0.88 -22.21
N SER A 518 -7.53 0.63 -23.24
CA SER A 518 -8.36 -0.57 -23.32
C SER A 518 -8.20 -1.38 -24.60
N TRP A 519 -8.11 -0.75 -25.77
CA TRP A 519 -7.99 -1.48 -27.03
C TRP A 519 -6.54 -1.93 -27.21
N ASN A 520 -6.24 -3.14 -26.77
CA ASN A 520 -4.86 -3.60 -26.59
C ASN A 520 -4.21 -3.87 -27.95
N MET A 521 -3.66 -2.83 -28.56
CA MET A 521 -3.05 -2.87 -29.88
C MET A 521 -2.03 -4.00 -30.04
N VAL A 522 -1.98 -4.53 -31.26
CA VAL A 522 -0.84 -5.26 -31.81
C VAL A 522 -0.99 -5.21 -33.32
N ASP A 523 0.14 -5.07 -34.03
CA ASP A 523 0.10 -4.78 -35.46
C ASP A 523 0.94 -5.78 -36.25
N VAL A 524 0.48 -6.03 -37.49
CA VAL A 524 1.27 -6.73 -38.50
C VAL A 524 1.05 -6.02 -39.82
N ASP A 525 2.04 -6.10 -40.71
CA ASP A 525 2.07 -5.30 -41.92
C ASP A 525 1.64 -6.10 -43.14
N LEU A 526 1.70 -5.46 -44.30
CA LEU A 526 1.38 -6.13 -45.55
C LEU A 526 2.47 -7.15 -45.90
N PRO A 527 2.12 -8.28 -46.51
CA PRO A 527 3.15 -9.20 -46.98
C PRO A 527 3.84 -8.65 -48.22
N PRO A 528 5.05 -9.14 -48.52
CA PRO A 528 5.77 -8.60 -49.68
C PRO A 528 5.03 -8.77 -50.99
N ASN A 529 4.27 -9.85 -51.14
CA ASN A 529 3.60 -10.15 -52.41
C ASN A 529 2.38 -9.25 -52.57
N LYS A 530 2.39 -8.43 -53.62
CA LYS A 530 1.22 -7.60 -53.92
C LYS A 530 0.03 -8.45 -54.36
N ASP A 531 0.26 -9.68 -54.82
CA ASP A 531 -0.83 -10.57 -55.17
C ASP A 531 -1.53 -11.15 -53.95
N VAL A 532 -0.92 -11.06 -52.77
CA VAL A 532 -1.51 -11.57 -51.54
C VAL A 532 -1.97 -10.38 -50.71
N GLU A 533 -3.28 -10.29 -50.50
CA GLU A 533 -3.85 -9.18 -49.75
C GLU A 533 -3.47 -9.27 -48.28
N PRO A 534 -3.55 -8.17 -47.54
CA PRO A 534 -3.13 -8.19 -46.14
C PRO A 534 -3.93 -9.21 -45.33
N GLY A 535 -3.21 -10.17 -44.77
CA GLY A 535 -3.82 -11.17 -43.89
C GLY A 535 -3.04 -11.25 -42.60
N ILE A 536 -3.70 -11.74 -41.56
CA ILE A 536 -3.15 -11.70 -40.21
C ILE A 536 -3.75 -12.83 -39.37
N LEU A 537 -2.99 -13.28 -38.36
CA LEU A 537 -3.42 -14.35 -37.47
C LEU A 537 -3.10 -13.94 -36.02
N LEU A 538 -4.04 -13.26 -35.38
CA LEU A 538 -3.90 -12.90 -33.97
C LEU A 538 -3.89 -14.15 -33.10
N HIS A 539 -3.73 -13.94 -31.78
CA HIS A 539 -4.13 -14.93 -30.79
C HIS A 539 -4.51 -14.20 -29.51
N GLY A 540 -4.63 -14.96 -28.42
CA GLY A 540 -4.97 -14.38 -27.12
C GLY A 540 -6.40 -13.91 -26.97
N LEU A 541 -7.36 -14.85 -26.92
CA LEU A 541 -8.77 -14.51 -26.84
C LEU A 541 -9.40 -15.14 -25.61
N LYS A 542 -10.20 -14.35 -24.87
CA LYS A 542 -10.92 -14.90 -23.73
C LYS A 542 -12.32 -15.33 -24.17
N PRO A 543 -12.82 -16.49 -23.74
CA PRO A 543 -14.08 -17.01 -24.28
C PRO A 543 -15.34 -16.25 -23.83
N TRP A 544 -16.42 -16.50 -24.59
CA TRP A 544 -17.78 -16.02 -24.29
C TRP A 544 -17.88 -14.50 -24.20
N THR A 545 -17.65 -13.84 -25.33
CA THR A 545 -18.01 -12.43 -25.41
C THR A 545 -18.05 -12.02 -26.87
N GLN A 546 -19.14 -11.39 -27.30
CA GLN A 546 -19.42 -11.20 -28.72
C GLN A 546 -18.36 -10.24 -29.28
N TYR A 547 -17.23 -10.82 -29.65
CA TYR A 547 -15.93 -10.14 -29.62
C TYR A 547 -15.88 -8.96 -30.57
N ALA A 548 -14.76 -8.25 -30.53
CA ALA A 548 -14.58 -7.03 -31.28
C ALA A 548 -13.23 -7.00 -31.98
N VAL A 549 -13.23 -6.47 -33.21
CA VAL A 549 -12.02 -6.24 -33.97
C VAL A 549 -12.32 -5.14 -34.98
N TYR A 550 -11.28 -4.46 -35.44
CA TYR A 550 -11.41 -3.55 -36.57
C TYR A 550 -10.01 -3.17 -37.04
N VAL A 551 -9.95 -2.27 -38.03
CA VAL A 551 -8.72 -1.89 -38.68
C VAL A 551 -8.79 -0.41 -39.06
N LYS A 552 -7.64 0.25 -39.10
CA LYS A 552 -7.50 1.55 -39.73
C LYS A 552 -6.21 1.53 -40.54
N ALA A 553 -5.88 2.66 -41.17
CA ALA A 553 -4.66 2.79 -41.97
C ALA A 553 -3.76 3.82 -41.31
N VAL A 554 -2.56 3.40 -40.91
CA VAL A 554 -1.58 4.32 -40.36
C VAL A 554 -0.71 4.84 -41.49
N THR A 555 -0.71 6.17 -41.69
CA THR A 555 -0.24 6.76 -42.93
C THR A 555 0.86 7.78 -42.61
N LEU A 556 1.37 8.41 -43.67
CA LEU A 556 2.49 9.34 -43.62
C LEU A 556 1.98 10.68 -44.12
N THR A 557 2.14 11.73 -43.32
CA THR A 557 1.58 13.05 -43.64
C THR A 557 2.70 14.05 -43.89
N MET A 558 2.81 14.52 -45.12
CA MET A 558 3.72 15.60 -45.48
C MET A 558 3.49 15.91 -46.95
N VAL A 559 4.09 17.02 -47.41
CA VAL A 559 3.95 17.47 -48.79
C VAL A 559 2.50 17.85 -49.08
N GLU A 560 1.59 16.88 -48.97
CA GLU A 560 0.18 17.10 -49.21
C GLU A 560 -0.66 16.93 -47.95
N ASN A 561 -0.23 16.08 -47.01
CA ASN A 561 -0.89 15.99 -45.71
C ASN A 561 -2.38 15.68 -45.84
N ASP A 562 -3.21 16.72 -45.93
CA ASP A 562 -4.66 16.51 -45.99
C ASP A 562 -5.04 15.53 -47.09
N HIS A 563 -4.32 15.56 -48.22
CA HIS A 563 -4.58 14.58 -49.28
C HIS A 563 -4.15 13.17 -48.88
N ILE A 564 -3.32 13.04 -47.84
CA ILE A 564 -2.99 11.72 -47.32
C ILE A 564 -4.23 11.19 -46.61
N ARG A 565 -4.95 10.28 -47.27
CA ARG A 565 -6.31 9.97 -46.88
C ARG A 565 -6.41 9.12 -45.62
N GLY A 566 -5.59 8.10 -45.48
CA GLY A 566 -5.78 7.14 -44.39
C GLY A 566 -7.09 6.41 -44.57
N ALA A 567 -7.57 5.75 -43.51
CA ALA A 567 -8.84 5.05 -43.61
C ALA A 567 -9.23 4.50 -42.24
N LYS A 568 -10.53 4.22 -42.09
CA LYS A 568 -11.05 3.54 -40.91
C LYS A 568 -12.15 2.61 -41.34
N SER A 569 -11.99 1.32 -41.05
CA SER A 569 -13.02 0.35 -41.38
C SER A 569 -14.01 0.21 -40.23
N GLU A 570 -15.12 -0.47 -40.50
CA GLU A 570 -16.17 -0.59 -39.52
C GLU A 570 -15.70 -1.43 -38.33
N ILE A 571 -16.36 -1.24 -37.19
CA ILE A 571 -15.97 -1.91 -35.96
C ILE A 571 -16.60 -3.30 -35.95
N LEU A 572 -15.95 -4.25 -36.60
CA LEU A 572 -16.53 -5.58 -36.68
C LEU A 572 -16.52 -6.23 -35.30
N TYR A 573 -17.32 -7.29 -35.19
CA TYR A 573 -17.53 -8.00 -33.94
C TYR A 573 -17.47 -9.51 -34.18
N ILE A 574 -16.36 -9.95 -34.79
CA ILE A 574 -16.03 -11.36 -34.88
C ILE A 574 -16.44 -12.00 -33.56
N ARG A 575 -17.00 -13.20 -33.63
CA ARG A 575 -17.94 -13.65 -32.60
C ARG A 575 -17.61 -15.09 -32.22
N THR A 576 -18.55 -15.71 -31.51
CA THR A 576 -18.46 -17.10 -31.14
C THR A 576 -18.77 -17.99 -32.35
N ASN A 577 -17.99 -19.07 -32.47
CA ASN A 577 -17.84 -19.83 -33.71
C ASN A 577 -16.96 -19.13 -34.74
N ALA A 578 -16.60 -17.89 -34.42
CA ALA A 578 -15.40 -17.27 -34.94
C ALA A 578 -14.30 -17.32 -33.90
N SER A 579 -14.62 -16.98 -32.65
CA SER A 579 -13.87 -17.41 -31.49
C SER A 579 -14.49 -18.74 -31.03
N VAL A 580 -14.32 -19.75 -31.88
CA VAL A 580 -14.97 -21.06 -31.75
C VAL A 580 -14.87 -21.58 -30.31
N PRO A 581 -15.72 -22.52 -29.91
CA PRO A 581 -15.94 -22.77 -28.48
C PRO A 581 -14.81 -23.47 -27.72
N SER A 582 -15.12 -23.79 -26.48
CA SER A 582 -14.22 -24.30 -25.45
C SER A 582 -15.03 -25.24 -24.56
N ILE A 583 -14.61 -25.43 -23.32
CA ILE A 583 -15.07 -26.57 -22.54
C ILE A 583 -15.59 -26.10 -21.18
N PRO A 584 -16.21 -26.99 -20.39
CA PRO A 584 -17.16 -26.54 -19.36
C PRO A 584 -16.54 -26.13 -18.04
N LEU A 585 -17.42 -25.77 -17.09
CA LEU A 585 -17.04 -25.45 -15.72
C LEU A 585 -18.17 -25.83 -14.77
N ASP A 586 -17.82 -25.95 -13.49
CA ASP A 586 -18.76 -25.75 -12.39
C ASP A 586 -20.00 -26.64 -12.53
N VAL A 587 -19.74 -27.94 -12.43
CA VAL A 587 -20.78 -28.95 -12.56
C VAL A 587 -21.08 -29.54 -11.18
N LEU A 588 -22.37 -29.70 -10.88
CA LEU A 588 -22.81 -30.24 -9.60
C LEU A 588 -24.18 -30.87 -9.77
N SER A 589 -24.58 -31.67 -8.78
CA SER A 589 -25.89 -32.32 -8.77
C SER A 589 -26.09 -32.96 -7.41
N ALA A 590 -27.34 -33.30 -7.10
CA ALA A 590 -27.69 -33.94 -5.84
C ALA A 590 -28.99 -34.71 -6.03
N SER A 591 -29.28 -35.58 -5.07
CA SER A 591 -30.45 -36.45 -5.09
C SER A 591 -31.46 -35.97 -4.07
N ASN A 592 -32.57 -35.40 -4.55
CA ASN A 592 -33.65 -34.99 -3.66
C ASN A 592 -34.64 -36.12 -3.39
N SER A 593 -34.83 -37.02 -4.36
CA SER A 593 -35.80 -38.10 -4.22
C SER A 593 -35.31 -39.30 -5.02
N SER A 594 -35.87 -40.47 -4.67
CA SER A 594 -35.52 -41.70 -5.37
C SER A 594 -35.98 -41.63 -6.81
N SER A 595 -35.17 -42.21 -7.71
CA SER A 595 -35.43 -42.16 -9.15
C SER A 595 -35.55 -40.73 -9.65
N GLN A 596 -34.91 -39.80 -8.96
CA GLN A 596 -34.86 -38.40 -9.36
C GLN A 596 -33.52 -37.82 -8.92
N LEU A 597 -33.01 -36.87 -9.70
CA LEU A 597 -31.71 -36.28 -9.40
C LEU A 597 -31.62 -34.93 -10.11
N ILE A 598 -31.49 -33.86 -9.33
CA ILE A 598 -31.37 -32.51 -9.88
C ILE A 598 -29.92 -32.30 -10.30
N VAL A 599 -29.73 -31.81 -11.52
CA VAL A 599 -28.41 -31.53 -12.05
C VAL A 599 -28.34 -30.04 -12.37
N LYS A 600 -27.30 -29.38 -11.87
CA LYS A 600 -27.09 -27.97 -12.15
C LYS A 600 -25.61 -27.70 -12.36
N TRP A 601 -25.32 -26.77 -13.24
CA TRP A 601 -23.95 -26.33 -13.50
C TRP A 601 -23.99 -24.84 -13.85
N ASN A 602 -22.89 -24.33 -14.36
CA ASN A 602 -22.69 -22.90 -14.55
C ASN A 602 -22.32 -22.67 -16.00
N PRO A 603 -22.74 -21.55 -16.60
CA PRO A 603 -22.23 -21.21 -17.92
C PRO A 603 -20.73 -20.98 -17.85
N PRO A 604 -19.93 -21.85 -18.49
CA PRO A 604 -18.49 -21.81 -18.27
C PRO A 604 -17.92 -20.42 -18.50
N SER A 605 -16.74 -20.21 -17.93
CA SER A 605 -15.92 -19.06 -18.27
C SER A 605 -15.25 -19.29 -19.62
N LEU A 606 -15.14 -20.56 -20.03
CA LEU A 606 -14.63 -20.87 -21.36
C LEU A 606 -15.65 -21.65 -22.20
N PRO A 607 -16.77 -21.02 -22.59
CA PRO A 607 -17.58 -21.60 -23.66
C PRO A 607 -17.28 -21.05 -25.04
N ASN A 608 -16.56 -19.93 -25.13
CA ASN A 608 -16.20 -19.31 -26.39
C ASN A 608 -17.44 -19.14 -27.27
N GLY A 609 -18.58 -19.02 -26.60
CA GLY A 609 -19.84 -19.34 -27.25
C GLY A 609 -21.04 -18.49 -26.90
N ASN A 610 -22.12 -18.72 -27.63
CA ASN A 610 -23.44 -18.22 -27.28
C ASN A 610 -24.22 -19.38 -26.70
N LEU A 611 -24.81 -19.13 -25.54
CA LEU A 611 -25.81 -20.04 -25.01
C LEU A 611 -26.74 -20.48 -26.14
N SER A 612 -26.84 -21.78 -26.37
CA SER A 612 -27.80 -22.35 -27.32
C SER A 612 -28.55 -23.52 -26.69
N TYR A 613 -27.83 -24.51 -26.19
CA TYR A 613 -28.40 -25.55 -25.35
C TYR A 613 -27.28 -26.43 -24.80
N TYR A 614 -27.47 -26.98 -23.60
CA TYR A 614 -26.47 -27.79 -22.93
C TYR A 614 -26.87 -29.25 -22.99
N ILE A 615 -25.87 -30.13 -22.97
CA ILE A 615 -26.09 -31.57 -22.99
C ILE A 615 -25.42 -32.19 -21.78
N VAL A 616 -26.13 -33.11 -21.13
CA VAL A 616 -25.60 -33.90 -20.03
C VAL A 616 -25.79 -35.36 -20.37
N ARG A 617 -24.71 -36.13 -20.32
CA ARG A 617 -24.75 -37.58 -20.47
C ARG A 617 -24.63 -38.20 -19.09
N TRP A 618 -25.68 -38.89 -18.64
CA TRP A 618 -25.63 -39.63 -17.40
C TRP A 618 -25.67 -41.12 -17.70
N GLN A 619 -24.84 -41.87 -17.01
CA GLN A 619 -24.70 -43.31 -17.21
C GLN A 619 -24.74 -44.01 -15.87
N ARG A 620 -25.58 -45.04 -15.76
CA ARG A 620 -25.55 -45.89 -14.58
C ARG A 620 -24.16 -46.49 -14.43
N GLN A 621 -23.68 -46.55 -13.19
CA GLN A 621 -22.35 -47.10 -12.98
C GLN A 621 -22.43 -48.44 -12.27
N PRO A 622 -21.50 -49.35 -12.55
CA PRO A 622 -21.56 -50.67 -11.91
C PRO A 622 -21.21 -50.59 -10.44
N GLN A 623 -21.74 -51.54 -9.67
CA GLN A 623 -21.37 -51.68 -8.26
C GLN A 623 -20.18 -52.62 -8.20
N ASP A 624 -19.04 -52.09 -7.77
CA ASP A 624 -17.77 -52.79 -7.89
C ASP A 624 -17.82 -54.16 -7.23
N GLY A 625 -17.32 -55.18 -7.94
CA GLY A 625 -17.22 -56.50 -7.37
C GLY A 625 -16.22 -56.60 -6.24
N TYR A 626 -15.34 -55.61 -6.10
CA TYR A 626 -14.43 -55.54 -4.98
C TYR A 626 -15.20 -55.63 -3.66
N LEU A 627 -16.28 -54.86 -3.56
CA LEU A 627 -17.11 -54.91 -2.36
C LEU A 627 -17.82 -56.25 -2.23
N TYR A 628 -18.25 -56.84 -3.36
CA TYR A 628 -18.94 -58.12 -3.31
C TYR A 628 -18.04 -59.21 -2.74
N ARG A 629 -16.77 -59.22 -3.14
CA ARG A 629 -15.85 -60.28 -2.76
C ARG A 629 -15.20 -60.07 -1.39
N HIS A 630 -15.78 -59.21 -0.54
CA HIS A 630 -15.23 -58.92 0.78
C HIS A 630 -16.24 -59.29 1.86
N ASN A 631 -15.75 -59.96 2.90
CA ASN A 631 -16.57 -60.33 4.05
C ASN A 631 -16.46 -59.23 5.08
N TYR A 632 -17.50 -58.39 5.19
CA TYR A 632 -17.47 -57.27 6.12
C TYR A 632 -17.89 -57.65 7.54
N CYS A 633 -18.33 -58.89 7.76
CA CYS A 633 -18.66 -59.32 9.12
C CYS A 633 -17.42 -59.33 10.01
N SER A 634 -16.24 -59.58 9.42
CA SER A 634 -14.99 -59.58 10.16
C SER A 634 -14.04 -58.46 9.76
N LYS A 635 -14.20 -57.88 8.57
CA LYS A 635 -13.32 -56.81 8.14
C LYS A 635 -13.47 -55.60 9.06
N LYS A 666 -5.85 -5.45 9.22
CA LYS A 666 -6.50 -5.73 10.49
C LYS A 666 -6.70 -7.23 10.68
N GLY A 667 -5.66 -8.00 10.40
CA GLY A 667 -5.74 -9.44 10.45
C GLY A 667 -4.58 -10.08 11.19
N PRO A 668 -3.91 -11.04 10.54
CA PRO A 668 -2.82 -11.75 11.20
C PRO A 668 -1.66 -10.85 11.60
N CYS A 669 -1.80 -9.55 11.39
CA CYS A 669 -0.72 -8.62 11.71
C CYS A 669 -0.69 -8.24 13.18
N CYS A 670 -1.61 -8.74 14.00
CA CYS A 670 -1.45 -8.64 15.44
C CYS A 670 -0.18 -9.35 15.88
N ALA A 671 0.29 -10.30 15.06
CA ALA A 671 1.59 -10.95 15.22
C ALA A 671 2.25 -11.13 13.87
N CYS A 672 2.01 -10.19 12.97
CA CYS A 672 2.53 -10.29 11.60
C CYS A 672 4.05 -10.32 11.63
N PRO A 673 4.70 -11.34 11.09
CA PRO A 673 6.16 -11.38 11.08
C PRO A 673 6.76 -10.32 10.17
N LYS A 674 6.33 -10.30 8.91
CA LYS A 674 6.83 -9.33 7.94
C LYS A 674 6.06 -9.53 6.64
N THR A 675 6.16 -8.55 5.75
CA THR A 675 5.62 -8.61 4.40
C THR A 675 6.80 -8.59 3.44
N GLU A 676 7.04 -9.73 2.79
CA GLU A 676 8.31 -9.96 2.10
C GLU A 676 8.38 -9.13 0.81
N ALA A 677 9.01 -7.96 0.93
CA ALA A 677 9.41 -7.22 -0.25
C ALA A 677 10.43 -7.98 -1.08
N GLU A 678 11.07 -8.99 -0.49
CA GLU A 678 11.90 -9.96 -1.20
C GLU A 678 11.07 -10.98 -1.96
N LYS A 679 9.78 -10.71 -2.16
CA LYS A 679 8.96 -11.60 -2.98
C LYS A 679 9.47 -11.66 -4.40
N GLN A 680 10.09 -10.59 -4.89
CA GLN A 680 10.72 -10.64 -6.20
C GLN A 680 11.87 -11.65 -6.21
N ALA A 681 12.71 -11.64 -5.17
CA ALA A 681 13.80 -12.60 -5.08
C ALA A 681 13.27 -14.01 -4.97
N GLU A 682 12.19 -14.20 -4.19
CA GLU A 682 11.52 -15.49 -4.16
C GLU A 682 11.05 -15.90 -5.55
N LYS A 683 10.56 -14.93 -6.33
CA LYS A 683 10.14 -15.22 -7.70
C LYS A 683 11.32 -15.72 -8.53
N GLU A 684 12.47 -15.05 -8.43
CA GLU A 684 13.62 -15.50 -9.21
C GLU A 684 14.08 -16.88 -8.77
N GLU A 685 14.06 -17.14 -7.46
CA GLU A 685 14.48 -18.46 -6.99
C GLU A 685 13.52 -19.55 -7.48
N ALA A 686 12.22 -19.27 -7.44
CA ALA A 686 11.24 -20.23 -7.95
C ALA A 686 11.40 -20.46 -9.45
N GLU A 687 11.65 -19.39 -10.21
CA GLU A 687 11.85 -19.54 -11.65
C GLU A 687 13.13 -20.31 -11.94
N TYR A 688 14.18 -20.08 -11.14
CA TYR A 688 15.40 -20.86 -11.29
C TYR A 688 15.14 -22.34 -11.05
N ARG A 689 14.39 -22.66 -9.99
CA ARG A 689 14.07 -24.06 -9.71
C ARG A 689 13.24 -24.67 -10.84
N LYS A 690 12.25 -23.91 -11.35
CA LYS A 690 11.42 -24.45 -12.42
C LYS A 690 12.20 -24.66 -13.71
N VAL A 691 13.10 -23.74 -14.07
CA VAL A 691 13.92 -23.93 -15.27
C VAL A 691 14.88 -25.09 -15.05
N PHE A 692 15.40 -25.24 -13.85
CA PHE A 692 16.24 -26.38 -13.52
C PHE A 692 15.49 -27.68 -13.75
N GLU A 693 14.25 -27.77 -13.24
CA GLU A 693 13.44 -28.97 -13.45
C GLU A 693 13.08 -29.14 -14.93
N ASN A 694 12.92 -28.05 -15.67
CA ASN A 694 12.61 -28.17 -17.09
C ASN A 694 13.77 -28.79 -17.86
N PHE A 695 14.98 -28.26 -17.67
CA PHE A 695 16.14 -28.87 -18.29
C PHE A 695 16.40 -30.27 -17.77
N LEU A 696 16.05 -30.53 -16.51
CA LEU A 696 16.17 -31.86 -15.91
C LEU A 696 15.25 -32.85 -16.62
N HIS A 697 14.01 -32.43 -16.87
CA HIS A 697 13.05 -33.21 -17.65
C HIS A 697 13.53 -33.44 -19.08
N ASN A 698 14.10 -32.41 -19.71
CA ASN A 698 14.52 -32.54 -21.11
C ASN A 698 15.58 -33.62 -21.27
N SER A 699 16.55 -33.68 -20.36
CA SER A 699 17.72 -34.53 -20.56
C SER A 699 17.73 -35.77 -19.67
N ILE A 700 16.70 -35.97 -18.84
CA ILE A 700 16.66 -37.20 -18.05
C ILE A 700 16.49 -38.41 -18.96
N PHE A 701 15.52 -38.36 -19.86
CA PHE A 701 15.15 -39.49 -20.70
C PHE A 701 15.60 -39.21 -22.12
N VAL A 702 16.40 -40.13 -22.69
CA VAL A 702 16.77 -40.06 -24.10
C VAL A 702 15.47 -40.17 -24.90
N PRO A 703 15.50 -39.93 -26.21
CA PRO A 703 14.26 -39.99 -27.00
C PRO A 703 13.39 -41.17 -26.60
N ARG A 704 12.19 -40.88 -26.11
CA ARG A 704 11.30 -41.88 -25.50
C ARG A 704 9.93 -41.81 -26.17
N GLU A 744 -20.80 -50.66 -17.94
CA GLU A 744 -21.79 -51.73 -17.91
C GLU A 744 -23.20 -51.19 -18.08
N TYR A 745 -23.31 -49.99 -18.63
CA TYR A 745 -24.60 -49.32 -18.78
C TYR A 745 -24.50 -48.35 -19.95
N PRO A 746 -25.63 -47.95 -20.52
CA PRO A 746 -25.61 -47.04 -21.67
C PRO A 746 -25.63 -45.57 -21.27
N PHE A 747 -25.34 -44.73 -22.26
CA PHE A 747 -25.37 -43.28 -22.06
C PHE A 747 -26.75 -42.73 -22.38
N PHE A 748 -27.29 -41.94 -21.46
CA PHE A 748 -28.58 -41.27 -21.63
C PHE A 748 -28.35 -39.77 -21.73
N GLU A 749 -29.08 -39.12 -22.63
CA GLU A 749 -28.89 -37.71 -22.92
C GLU A 749 -30.18 -36.93 -22.75
N SER A 750 -30.10 -35.79 -22.07
CA SER A 750 -31.23 -34.86 -21.99
C SER A 750 -30.65 -33.45 -22.12
N ARG A 751 -30.65 -32.94 -23.35
CA ARG A 751 -30.12 -31.61 -23.60
C ARG A 751 -30.96 -30.56 -22.89
N VAL A 752 -30.33 -29.73 -22.07
CA VAL A 752 -31.01 -28.54 -21.54
C VAL A 752 -31.21 -27.54 -22.68
N ASP A 753 -32.07 -26.55 -22.45
CA ASP A 753 -32.44 -25.63 -23.54
C ASP A 753 -31.57 -24.37 -23.51
N ASN A 754 -31.59 -23.63 -22.40
CA ASN A 754 -30.74 -22.45 -22.27
C ASN A 754 -30.09 -22.37 -20.91
N LYS A 755 -30.69 -23.01 -19.92
CA LYS A 755 -30.19 -22.92 -18.55
C LYS A 755 -29.23 -24.06 -18.28
N GLU A 756 -28.48 -23.93 -17.18
CA GLU A 756 -27.44 -24.88 -16.79
C GLU A 756 -27.96 -25.80 -15.70
N ARG A 757 -29.27 -25.97 -15.65
CA ARG A 757 -29.95 -26.80 -14.68
C ARG A 757 -30.77 -27.83 -15.45
N THR A 758 -30.99 -28.98 -14.83
CA THR A 758 -31.89 -29.98 -15.37
C THR A 758 -32.11 -31.04 -14.29
N VAL A 759 -32.99 -31.98 -14.59
CA VAL A 759 -33.32 -33.05 -13.66
C VAL A 759 -33.26 -34.37 -14.42
N ILE A 760 -32.92 -35.43 -13.71
CA ILE A 760 -32.85 -36.77 -14.27
C ILE A 760 -33.69 -37.69 -13.40
N SER A 761 -34.60 -38.43 -14.03
CA SER A 761 -35.53 -39.30 -13.34
C SER A 761 -35.53 -40.68 -13.98
N ASN A 762 -36.42 -41.54 -13.50
CA ASN A 762 -36.46 -42.94 -13.92
C ASN A 762 -35.12 -43.61 -13.67
N LEU A 763 -34.66 -43.53 -12.43
CA LEU A 763 -33.37 -44.07 -12.01
C LEU A 763 -33.59 -45.10 -10.91
N ARG A 764 -32.73 -46.12 -10.90
CA ARG A 764 -32.83 -47.14 -9.86
C ARG A 764 -32.62 -46.47 -8.50
N PRO A 765 -33.40 -46.83 -7.48
CA PRO A 765 -33.40 -46.02 -6.25
C PRO A 765 -32.03 -45.74 -5.66
N PHE A 766 -31.11 -46.71 -5.67
CA PHE A 766 -29.84 -46.56 -4.98
C PHE A 766 -28.67 -47.00 -5.86
N THR A 767 -28.65 -46.52 -7.10
CA THR A 767 -27.54 -46.76 -8.01
C THR A 767 -26.72 -45.48 -8.18
N LEU A 768 -25.40 -45.62 -8.15
CA LEU A 768 -24.50 -44.49 -8.36
C LEU A 768 -24.43 -44.15 -9.85
N TYR A 769 -24.45 -42.86 -10.15
CA TYR A 769 -24.55 -42.37 -11.52
C TYR A 769 -23.33 -41.52 -11.87
N ARG A 770 -22.98 -41.55 -13.15
CA ARG A 770 -21.94 -40.67 -13.69
C ARG A 770 -22.63 -39.57 -14.47
N ILE A 771 -22.16 -38.33 -14.32
CA ILE A 771 -22.83 -37.15 -14.85
C ILE A 771 -21.85 -36.40 -15.74
N ASP A 772 -21.90 -36.69 -17.04
CA ASP A 772 -21.12 -35.95 -18.02
C ASP A 772 -21.86 -34.66 -18.40
N ILE A 773 -21.21 -33.53 -18.13
CA ILE A 773 -21.75 -32.22 -18.47
C ILE A 773 -20.81 -31.57 -19.47
N HIS A 774 -21.36 -31.11 -20.60
CA HIS A 774 -20.57 -30.66 -21.73
C HIS A 774 -20.81 -29.18 -21.97
N SER A 775 -19.96 -28.58 -22.79
CA SER A 775 -20.38 -27.42 -23.58
C SER A 775 -20.71 -27.85 -25.01
N CYS A 776 -21.66 -28.76 -25.14
CA CYS A 776 -22.20 -29.09 -26.45
C CYS A 776 -23.15 -27.99 -26.89
N ASN A 777 -22.59 -26.96 -27.51
CA ASN A 777 -23.23 -25.65 -27.56
C ASN A 777 -23.57 -25.33 -29.01
N HIS A 778 -23.74 -24.04 -29.29
CA HIS A 778 -24.21 -23.58 -30.59
C HIS A 778 -23.55 -24.35 -31.73
N GLU A 779 -22.24 -24.52 -31.69
CA GLU A 779 -21.52 -25.19 -32.77
C GLU A 779 -20.79 -26.44 -32.29
N ALA A 780 -21.41 -27.18 -31.37
CA ALA A 780 -21.06 -28.58 -31.22
C ALA A 780 -21.43 -29.39 -32.46
N GLU A 781 -22.27 -28.82 -33.32
CA GLU A 781 -22.66 -29.47 -34.57
C GLU A 781 -21.46 -29.69 -35.50
N LYS A 782 -20.82 -28.59 -35.92
CA LYS A 782 -19.79 -28.68 -36.95
C LYS A 782 -18.50 -29.29 -36.39
N LEU A 783 -17.99 -28.71 -35.32
CA LEU A 783 -16.69 -29.08 -34.75
C LEU A 783 -16.84 -30.11 -33.64
N GLY A 784 -17.90 -30.90 -33.67
CA GLY A 784 -18.17 -31.84 -32.59
C GLY A 784 -18.39 -31.09 -31.29
N CYS A 785 -18.79 -31.85 -30.28
CA CYS A 785 -19.00 -31.25 -28.97
C CYS A 785 -17.68 -30.77 -28.38
N SER A 786 -17.81 -30.08 -27.24
CA SER A 786 -16.66 -29.70 -26.43
C SER A 786 -16.22 -30.89 -25.59
N ALA A 787 -15.35 -30.62 -24.62
CA ALA A 787 -15.04 -31.63 -23.63
C ALA A 787 -16.30 -32.02 -22.88
N SER A 788 -16.26 -33.18 -22.24
CA SER A 788 -17.38 -33.70 -21.46
C SER A 788 -16.96 -33.74 -20.00
N ASN A 789 -17.21 -32.64 -19.29
CA ASN A 789 -16.83 -32.54 -17.88
C ASN A 789 -17.79 -33.36 -17.04
N PHE A 790 -17.23 -34.16 -16.14
CA PHE A 790 -17.95 -35.29 -15.54
C PHE A 790 -17.94 -35.20 -14.02
N VAL A 791 -19.02 -35.71 -13.42
CA VAL A 791 -19.12 -35.91 -11.98
C VAL A 791 -20.08 -37.07 -11.74
N PHE A 792 -20.00 -37.66 -10.56
CA PHE A 792 -20.94 -38.69 -10.13
C PHE A 792 -21.95 -38.12 -9.14
N ALA A 793 -22.97 -38.93 -8.83
CA ALA A 793 -23.96 -38.56 -7.85
C ALA A 793 -24.84 -39.77 -7.55
N ARG A 794 -25.14 -39.97 -6.27
CA ARG A 794 -25.94 -41.09 -5.80
C ARG A 794 -27.37 -40.65 -5.53
N THR A 795 -28.30 -41.60 -5.72
CA THR A 795 -29.72 -41.34 -5.53
C THR A 795 -30.14 -41.59 -4.08
N MET A 796 -31.33 -41.12 -3.73
CA MET A 796 -31.85 -41.36 -2.39
C MET A 796 -32.33 -42.81 -2.29
N PRO A 797 -31.99 -43.53 -1.23
CA PRO A 797 -32.40 -44.93 -1.12
C PRO A 797 -33.91 -45.07 -1.08
N ALA A 798 -34.41 -46.17 -1.66
CA ALA A 798 -35.83 -46.48 -1.62
C ALA A 798 -36.27 -46.74 -0.18
N GLU A 799 -37.12 -45.87 0.34
CA GLU A 799 -37.63 -46.06 1.70
C GLU A 799 -38.55 -47.27 1.75
N GLY A 800 -38.25 -48.21 2.65
CA GLY A 800 -39.04 -49.41 2.80
C GLY A 800 -38.60 -50.57 1.92
N ALA A 801 -37.66 -50.36 1.01
CA ALA A 801 -37.17 -51.45 0.16
C ALA A 801 -36.08 -52.27 0.83
N ASP A 802 -35.56 -51.82 1.97
CA ASP A 802 -34.51 -52.55 2.69
C ASP A 802 -35.06 -53.58 3.66
N ASP A 803 -36.37 -53.57 3.92
CA ASP A 803 -36.97 -54.49 4.87
C ASP A 803 -37.01 -55.91 4.31
N ILE A 804 -36.99 -56.88 5.22
CA ILE A 804 -37.05 -58.28 4.81
C ILE A 804 -38.41 -58.57 4.18
N PRO A 805 -38.48 -59.30 3.05
CA PRO A 805 -39.77 -59.47 2.38
C PRO A 805 -40.59 -60.65 2.88
N GLY A 806 -39.94 -61.60 3.57
CA GLY A 806 -40.61 -62.81 3.99
C GLY A 806 -40.27 -63.23 5.40
N PRO A 807 -40.97 -64.25 5.91
CA PRO A 807 -40.74 -64.70 7.28
C PRO A 807 -39.46 -65.51 7.39
N VAL A 808 -39.03 -65.70 8.64
CA VAL A 808 -37.83 -66.48 8.95
C VAL A 808 -38.26 -67.87 9.39
N THR A 809 -37.41 -68.85 9.11
CA THR A 809 -37.67 -70.24 9.45
C THR A 809 -36.50 -70.78 10.28
N TRP A 810 -36.82 -71.61 11.28
CA TRP A 810 -35.84 -72.19 12.17
C TRP A 810 -35.99 -73.71 12.18
N GLU A 811 -34.88 -74.41 12.30
CA GLU A 811 -34.85 -75.87 12.33
C GLU A 811 -33.90 -76.32 13.43
N PRO A 812 -34.16 -77.47 14.04
CA PRO A 812 -33.24 -78.01 15.04
C PRO A 812 -32.01 -78.66 14.41
N ARG A 813 -30.93 -78.68 15.17
CA ARG A 813 -29.68 -79.29 14.75
C ARG A 813 -29.02 -79.94 15.95
N PRO A 814 -28.14 -80.93 15.73
CA PRO A 814 -27.51 -81.60 16.88
C PRO A 814 -26.62 -80.65 17.66
N GLU A 815 -26.14 -81.15 18.80
CA GLU A 815 -25.29 -80.37 19.70
C GLU A 815 -26.00 -79.09 20.16
N ASN A 816 -27.31 -79.19 20.37
CA ASN A 816 -28.11 -78.05 20.81
C ASN A 816 -27.94 -76.87 19.85
N SER A 817 -27.92 -77.17 18.55
CA SER A 817 -27.72 -76.17 17.51
C SER A 817 -29.04 -75.89 16.81
N ILE A 818 -29.14 -74.66 16.27
CA ILE A 818 -30.34 -74.21 15.57
C ILE A 818 -29.92 -73.61 14.23
N PHE A 819 -30.62 -74.00 13.18
CA PHE A 819 -30.39 -73.46 11.83
C PHE A 819 -31.51 -72.50 11.49
N LEU A 820 -31.14 -71.31 11.02
CA LEU A 820 -32.10 -70.26 10.67
C LEU A 820 -32.00 -69.99 9.18
N LYS A 821 -33.16 -69.94 8.52
CA LYS A 821 -33.23 -69.64 7.09
C LYS A 821 -34.31 -68.58 6.86
N TRP A 822 -34.05 -67.72 5.86
CA TRP A 822 -34.93 -66.61 5.55
C TRP A 822 -34.69 -66.19 4.11
N PRO A 823 -35.63 -65.48 3.49
CA PRO A 823 -35.44 -64.99 2.13
C PRO A 823 -34.58 -63.74 2.10
N GLU A 824 -34.27 -63.29 0.88
CA GLU A 824 -33.41 -62.15 0.64
C GLU A 824 -34.24 -60.98 0.09
N PRO A 825 -33.83 -59.74 0.35
CA PRO A 825 -34.59 -58.61 -0.20
C PRO A 825 -34.69 -58.69 -1.73
N GLU A 826 -35.87 -58.38 -2.24
CA GLU A 826 -36.09 -58.49 -3.68
C GLU A 826 -35.31 -57.43 -4.45
N ASN A 827 -35.28 -56.20 -3.94
CA ASN A 827 -34.59 -55.08 -4.58
C ASN A 827 -33.73 -54.36 -3.55
N PRO A 828 -32.63 -54.97 -3.15
CA PRO A 828 -31.75 -54.31 -2.18
C PRO A 828 -31.21 -52.99 -2.72
N ASN A 829 -31.09 -52.00 -1.85
CA ASN A 829 -30.60 -50.68 -2.21
C ASN A 829 -29.08 -50.72 -2.21
N GLY A 830 -28.48 -50.74 -3.40
CA GLY A 830 -27.04 -50.83 -3.52
C GLY A 830 -26.55 -52.26 -3.41
N LEU A 831 -26.55 -52.80 -2.20
CA LEU A 831 -26.12 -54.17 -1.97
C LEU A 831 -26.38 -54.53 -0.51
N ILE A 832 -26.62 -55.82 -0.27
CA ILE A 832 -26.75 -56.35 1.07
C ILE A 832 -25.36 -56.81 1.51
N LEU A 833 -24.83 -56.18 2.57
CA LEU A 833 -23.47 -56.48 3.00
C LEU A 833 -23.46 -57.62 4.02
N MET A 834 -24.42 -57.65 4.93
CA MET A 834 -24.40 -58.62 6.01
C MET A 834 -25.77 -58.65 6.68
N TYR A 835 -25.96 -59.64 7.54
CA TYR A 835 -27.15 -59.78 8.37
C TYR A 835 -26.74 -59.81 9.82
N GLU A 836 -27.51 -59.14 10.67
CA GLU A 836 -27.24 -59.08 12.11
C GLU A 836 -28.36 -59.83 12.84
N ILE A 837 -28.05 -61.04 13.28
CA ILE A 837 -29.01 -61.87 14.01
C ILE A 837 -28.90 -61.56 15.49
N LYS A 838 -30.00 -61.15 16.09
CA LYS A 838 -30.08 -60.84 17.52
C LYS A 838 -30.99 -61.86 18.18
N TYR A 839 -30.46 -62.59 19.15
CA TYR A 839 -31.20 -63.69 19.76
C TYR A 839 -30.75 -63.87 21.21
N GLY A 840 -31.62 -64.52 21.98
CA GLY A 840 -31.32 -64.81 23.38
C GLY A 840 -32.48 -65.53 24.01
N SER A 841 -32.25 -65.98 25.25
CA SER A 841 -33.28 -66.74 25.97
C SER A 841 -34.29 -65.81 26.62
N GLN A 842 -33.83 -64.96 27.55
CA GLN A 842 -34.71 -63.98 28.19
C GLN A 842 -34.61 -62.62 27.52
N VAL A 843 -33.39 -62.18 27.21
CA VAL A 843 -33.13 -60.96 26.46
C VAL A 843 -32.21 -61.30 25.31
N GLU A 844 -32.50 -60.76 24.12
CA GLU A 844 -31.74 -61.09 22.93
C GLU A 844 -30.37 -60.43 22.96
N ASP A 845 -29.53 -60.84 23.92
CA ASP A 845 -28.22 -60.22 24.07
C ASP A 845 -27.26 -60.65 22.95
N GLN A 846 -27.25 -61.94 22.62
CA GLN A 846 -26.33 -62.44 21.61
C GLN A 846 -26.58 -61.79 20.27
N ARG A 847 -25.51 -61.35 19.61
CA ARG A 847 -25.59 -60.75 18.28
C ARG A 847 -24.45 -61.32 17.45
N GLU A 848 -24.79 -61.94 16.32
CA GLU A 848 -23.81 -62.53 15.42
C GLU A 848 -24.05 -62.02 14.00
N CYS A 849 -23.01 -62.10 13.18
CA CYS A 849 -23.01 -61.54 11.85
C CYS A 849 -23.01 -62.66 10.80
N VAL A 850 -23.76 -62.43 9.71
CA VAL A 850 -23.81 -63.35 8.59
C VAL A 850 -23.54 -62.54 7.32
N SER A 851 -22.56 -63.00 6.53
CA SER A 851 -22.23 -62.31 5.29
C SER A 851 -23.22 -62.68 4.19
N ARG A 852 -23.23 -61.87 3.13
CA ARG A 852 -24.10 -62.16 1.99
C ARG A 852 -23.71 -63.48 1.33
N GLN A 853 -22.41 -63.73 1.20
CA GLN A 853 -21.96 -65.00 0.65
C GLN A 853 -22.35 -66.16 1.56
N GLU A 854 -22.20 -65.97 2.88
CA GLU A 854 -22.57 -67.02 3.83
C GLU A 854 -24.07 -67.34 3.71
N TYR A 855 -24.90 -66.30 3.59
CA TYR A 855 -26.33 -66.52 3.41
C TYR A 855 -26.61 -67.26 2.11
N ARG A 856 -25.91 -66.89 1.03
CA ARG A 856 -26.14 -67.54 -0.25
C ARG A 856 -25.83 -69.04 -0.18
N LYS A 857 -24.72 -69.40 0.47
CA LYS A 857 -24.33 -70.80 0.51
C LYS A 857 -25.34 -71.64 1.29
N TYR A 858 -25.80 -71.15 2.44
CA TYR A 858 -26.66 -71.91 3.32
C TYR A 858 -28.10 -71.41 3.35
N GLY A 859 -28.37 -70.24 2.78
CA GLY A 859 -29.69 -69.65 2.88
C GLY A 859 -29.95 -69.06 4.25
N GLY A 860 -28.88 -68.92 5.05
CA GLY A 860 -29.00 -68.42 6.39
C GLY A 860 -27.72 -68.57 7.19
N ALA A 861 -27.82 -69.11 8.40
CA ALA A 861 -26.66 -69.28 9.27
C ALA A 861 -26.95 -70.39 10.26
N LYS A 862 -25.97 -70.69 11.11
CA LYS A 862 -26.07 -71.73 12.11
C LYS A 862 -25.64 -71.19 13.46
N LEU A 863 -26.32 -71.62 14.52
CA LEU A 863 -25.95 -71.34 15.90
C LEU A 863 -25.70 -72.66 16.61
N ASN A 864 -24.57 -72.76 17.29
CA ASN A 864 -24.12 -74.01 17.88
C ASN A 864 -23.90 -73.87 19.38
N ARG A 865 -24.16 -74.96 20.10
CA ARG A 865 -23.92 -75.04 21.54
C ARG A 865 -24.75 -73.99 22.30
N LEU A 866 -26.07 -74.12 22.17
CA LEU A 866 -27.01 -73.26 22.87
C LEU A 866 -27.52 -73.96 24.13
N ASN A 867 -27.73 -73.18 25.18
CA ASN A 867 -28.22 -73.74 26.43
C ASN A 867 -29.68 -74.17 26.30
N PRO A 868 -30.14 -75.07 27.16
CA PRO A 868 -31.55 -75.49 27.10
C PRO A 868 -32.48 -74.33 27.41
N GLY A 869 -33.65 -74.36 26.79
CA GLY A 869 -34.70 -73.39 27.02
C GLY A 869 -35.21 -72.80 25.73
N ASN A 870 -36.24 -71.97 25.86
CA ASN A 870 -36.83 -71.28 24.72
C ASN A 870 -36.02 -70.05 24.36
N TYR A 871 -36.20 -69.58 23.12
CA TYR A 871 -35.43 -68.48 22.59
C TYR A 871 -36.27 -67.64 21.65
N THR A 872 -35.93 -66.35 21.57
CA THR A 872 -36.51 -65.42 20.60
C THR A 872 -35.38 -64.73 19.85
N ALA A 873 -35.58 -64.53 18.55
CA ALA A 873 -34.51 -64.03 17.69
C ALA A 873 -35.05 -62.98 16.74
N ARG A 874 -34.14 -62.14 16.25
CA ARG A 874 -34.45 -61.13 15.25
C ARG A 874 -33.25 -60.97 14.34
N ILE A 875 -33.49 -60.46 13.13
CA ILE A 875 -32.45 -60.30 12.12
C ILE A 875 -32.61 -58.95 11.44
N GLN A 876 -31.48 -58.31 11.15
CA GLN A 876 -31.46 -57.03 10.44
C GLN A 876 -30.45 -57.11 9.31
N ALA A 877 -30.75 -56.39 8.24
CA ALA A 877 -29.90 -56.35 7.05
C ALA A 877 -29.15 -55.02 6.97
N THR A 878 -27.94 -55.08 6.44
CA THR A 878 -27.06 -53.91 6.31
C THR A 878 -26.98 -53.55 4.83
N SER A 879 -27.79 -52.57 4.42
CA SER A 879 -27.75 -52.10 3.05
C SER A 879 -26.67 -51.04 2.87
N LEU A 880 -26.26 -50.82 1.62
CA LEU A 880 -25.26 -49.81 1.34
C LEU A 880 -25.74 -48.43 1.77
N SER A 881 -27.05 -48.19 1.75
CA SER A 881 -27.60 -46.94 2.23
C SER A 881 -27.63 -46.84 3.75
N GLY A 882 -27.76 -47.96 4.43
CA GLY A 882 -27.84 -47.97 5.88
C GLY A 882 -28.40 -49.28 6.38
N ASN A 883 -28.70 -49.31 7.67
CA ASN A 883 -29.24 -50.52 8.28
C ASN A 883 -30.65 -50.79 7.78
N GLY A 884 -31.02 -52.07 7.78
CA GLY A 884 -32.35 -52.48 7.36
C GLY A 884 -33.32 -52.57 8.52
N SER A 885 -34.48 -53.14 8.23
CA SER A 885 -35.51 -53.32 9.25
C SER A 885 -35.35 -54.67 9.94
N TRP A 886 -35.56 -54.69 11.25
CA TRP A 886 -35.45 -55.91 12.01
C TRP A 886 -36.57 -56.88 11.64
N THR A 887 -36.24 -58.17 11.63
CA THR A 887 -37.23 -59.19 11.32
C THR A 887 -38.25 -59.31 12.44
N ASP A 888 -39.39 -59.94 12.11
CA ASP A 888 -40.39 -60.23 13.12
C ASP A 888 -39.85 -61.26 14.10
N PRO A 889 -40.39 -61.31 15.32
CA PRO A 889 -39.86 -62.25 16.31
C PRO A 889 -39.88 -63.67 15.80
N VAL A 890 -38.79 -64.39 16.05
CA VAL A 890 -38.64 -65.79 15.66
C VAL A 890 -38.57 -66.61 16.94
N PHE A 891 -39.57 -67.46 17.17
CA PHE A 891 -39.67 -68.25 18.39
C PHE A 891 -39.18 -69.66 18.12
N PHE A 892 -38.27 -70.13 18.98
CA PHE A 892 -37.70 -71.47 18.86
C PHE A 892 -37.21 -71.90 20.24
N TYR A 893 -36.87 -73.19 20.35
CA TYR A 893 -36.43 -73.74 21.62
C TYR A 893 -35.40 -74.82 21.36
N VAL A 894 -34.56 -75.07 22.35
CA VAL A 894 -33.54 -76.10 22.31
C VAL A 894 -33.67 -76.95 23.56
N GLN A 895 -33.73 -78.27 23.38
CA GLN A 895 -33.84 -79.21 24.50
C GLN A 895 -32.47 -79.75 24.86
N ALA A 896 -32.25 -79.97 26.15
CA ALA A 896 -30.96 -80.46 26.62
C ALA A 896 -30.61 -81.80 25.98
N LYS A 897 -31.61 -82.61 25.67
CA LYS A 897 -31.38 -83.91 25.05
C LYS A 897 -32.48 -84.22 24.03
N GLU B 1 36.22 -44.32 -12.20
CA GLU B 1 35.06 -44.66 -11.33
C GLU B 1 34.42 -43.40 -10.75
N ILE B 2 34.83 -42.24 -11.26
CA ILE B 2 34.31 -40.95 -10.77
C ILE B 2 33.19 -40.50 -11.70
N CYS B 3 31.94 -40.81 -11.33
CA CYS B 3 30.80 -40.44 -12.13
C CYS B 3 30.56 -38.94 -12.06
N GLY B 4 30.33 -38.32 -13.21
CA GLY B 4 30.02 -36.92 -13.29
C GLY B 4 29.59 -36.52 -14.68
N PRO B 5 28.83 -35.40 -14.80
CA PRO B 5 28.33 -34.55 -13.73
C PRO B 5 27.16 -35.18 -12.96
N GLY B 6 26.38 -34.35 -12.27
CA GLY B 6 25.29 -34.84 -11.46
C GLY B 6 24.34 -35.75 -12.21
N ILE B 7 23.90 -36.83 -11.54
CA ILE B 7 23.09 -37.86 -12.17
C ILE B 7 21.62 -37.60 -11.85
N ASP B 8 20.75 -37.91 -12.81
CA ASP B 8 19.31 -37.78 -12.67
C ASP B 8 18.65 -39.11 -13.00
N ILE B 9 17.65 -39.49 -12.19
CA ILE B 9 16.88 -40.71 -12.40
C ILE B 9 15.44 -40.44 -12.00
N ARG B 10 14.49 -40.88 -12.82
CA ARG B 10 13.08 -40.68 -12.50
C ARG B 10 12.20 -41.66 -13.25
N ASN B 11 10.99 -41.84 -12.71
CA ASN B 11 9.91 -42.54 -13.40
C ASN B 11 10.21 -44.00 -13.68
N ASP B 12 11.30 -44.53 -13.13
CA ASP B 12 11.62 -45.94 -13.33
C ASP B 12 12.80 -46.31 -12.44
N TYR B 13 12.88 -47.61 -12.14
CA TYR B 13 14.01 -48.14 -11.37
C TYR B 13 15.17 -48.51 -12.28
N GLN B 14 14.88 -48.92 -13.52
CA GLN B 14 15.92 -49.38 -14.42
C GLN B 14 16.96 -48.30 -14.70
N GLN B 15 16.63 -47.03 -14.50
CA GLN B 15 17.61 -45.97 -14.69
C GLN B 15 18.71 -46.03 -13.63
N LEU B 16 18.51 -46.81 -12.56
CA LEU B 16 19.57 -47.03 -11.59
C LEU B 16 20.69 -47.89 -12.14
N LYS B 17 20.51 -48.48 -13.33
CA LYS B 17 21.54 -49.32 -13.94
C LYS B 17 22.71 -48.48 -14.44
N ARG B 18 22.69 -47.18 -14.18
CA ARG B 18 23.79 -46.28 -14.52
C ARG B 18 24.60 -45.89 -13.28
N LEU B 19 24.61 -46.73 -12.24
CA LEU B 19 25.29 -46.42 -11.00
C LEU B 19 26.17 -47.56 -10.51
N GLU B 20 26.49 -48.54 -11.36
CA GLU B 20 27.37 -49.62 -10.94
C GLU B 20 28.78 -49.11 -10.65
N ASN B 21 29.28 -48.20 -11.49
CA ASN B 21 30.66 -47.75 -11.42
C ASN B 21 30.84 -46.47 -10.61
N CYS B 22 29.77 -45.91 -10.05
CA CYS B 22 29.83 -44.61 -9.39
C CYS B 22 30.27 -44.80 -7.94
N THR B 23 31.43 -44.26 -7.60
CA THR B 23 31.91 -44.20 -6.22
C THR B 23 31.75 -42.80 -5.63
N VAL B 24 32.16 -41.77 -6.36
CA VAL B 24 32.00 -40.38 -5.95
C VAL B 24 31.33 -39.67 -7.11
N ILE B 25 30.03 -39.38 -6.97
CA ILE B 25 29.30 -38.68 -8.03
C ILE B 25 29.76 -37.23 -8.03
N GLU B 26 30.60 -36.88 -9.01
CA GLU B 26 31.16 -35.53 -9.10
C GLU B 26 30.06 -34.60 -9.61
N GLY B 27 29.20 -34.22 -8.68
CA GLY B 27 28.04 -33.40 -8.97
C GLY B 27 26.96 -33.68 -7.92
N TYR B 28 25.72 -33.45 -8.32
CA TYR B 28 24.57 -33.75 -7.48
C TYR B 28 23.96 -35.09 -7.91
N LEU B 29 22.92 -35.51 -7.19
CA LEU B 29 22.23 -36.75 -7.52
C LEU B 29 20.74 -36.57 -7.27
N HIS B 30 19.93 -37.00 -8.23
CA HIS B 30 18.48 -37.00 -8.09
C HIS B 30 17.97 -38.43 -8.27
N ILE B 31 17.30 -38.95 -7.25
CA ILE B 31 16.53 -40.18 -7.36
C ILE B 31 15.10 -39.79 -6.98
N LEU B 32 14.31 -39.37 -7.98
CA LEU B 32 13.06 -38.69 -7.73
C LEU B 32 11.98 -39.25 -8.66
N LEU B 33 10.72 -39.03 -8.27
CA LEU B 33 9.58 -39.28 -9.13
C LEU B 33 9.51 -40.74 -9.59
N ILE B 34 9.99 -41.66 -8.77
CA ILE B 34 9.92 -43.09 -9.06
C ILE B 34 8.55 -43.54 -8.56
N SER B 35 7.54 -43.40 -9.42
CA SER B 35 6.16 -43.70 -9.03
C SER B 35 5.75 -45.14 -9.33
N LYS B 36 6.55 -45.89 -10.08
CA LYS B 36 6.15 -47.24 -10.45
C LYS B 36 6.16 -48.17 -9.25
N ALA B 37 7.19 -48.09 -8.41
CA ALA B 37 7.37 -49.04 -7.31
C ALA B 37 7.44 -50.47 -7.83
N GLU B 38 8.02 -50.65 -9.01
CA GLU B 38 8.01 -51.96 -9.66
C GLU B 38 8.93 -52.94 -8.95
N ASP B 39 10.14 -52.50 -8.62
CA ASP B 39 11.20 -53.38 -8.15
C ASP B 39 11.42 -53.20 -6.64
N TYR B 40 12.44 -53.87 -6.14
CA TYR B 40 12.80 -53.87 -4.72
C TYR B 40 14.31 -54.00 -4.63
N ARG B 41 14.82 -54.47 -3.48
CA ARG B 41 16.25 -54.41 -3.23
C ARG B 41 17.00 -55.38 -4.13
N SER B 42 17.00 -55.10 -5.43
CA SER B 42 17.87 -55.76 -6.39
C SER B 42 18.98 -54.85 -6.90
N TYR B 43 18.80 -53.54 -6.82
CA TYR B 43 19.83 -52.57 -7.19
C TYR B 43 20.62 -52.21 -5.94
N ARG B 44 21.88 -52.66 -5.88
CA ARG B 44 22.78 -52.35 -4.79
C ARG B 44 24.05 -51.74 -5.36
N PHE B 45 24.47 -50.62 -4.79
CA PHE B 45 25.65 -49.88 -5.24
C PHE B 45 26.55 -49.59 -4.05
N PRO B 46 27.24 -50.61 -3.54
CA PRO B 46 28.22 -50.35 -2.47
C PRO B 46 29.34 -49.43 -2.90
N LYS B 47 29.58 -49.31 -4.20
CA LYS B 47 30.67 -48.46 -4.68
C LYS B 47 30.42 -46.99 -4.31
N LEU B 48 29.19 -46.52 -4.45
CA LEU B 48 28.88 -45.13 -4.14
C LEU B 48 29.30 -44.83 -2.71
N THR B 49 30.09 -43.76 -2.55
CA THR B 49 30.67 -43.44 -1.26
C THR B 49 30.46 -41.99 -0.87
N VAL B 50 30.35 -41.10 -1.86
CA VAL B 50 30.25 -39.67 -1.59
C VAL B 50 29.50 -39.01 -2.74
N ILE B 51 28.69 -38.00 -2.40
CA ILE B 51 28.09 -37.10 -3.37
C ILE B 51 28.68 -35.72 -3.16
N THR B 52 29.34 -35.19 -4.19
CA THR B 52 30.00 -33.90 -4.05
C THR B 52 29.00 -32.80 -3.76
N GLU B 53 27.85 -32.82 -4.44
CA GLU B 53 26.80 -31.84 -4.27
C GLU B 53 25.60 -32.48 -3.56
N TYR B 54 24.50 -31.73 -3.49
CA TYR B 54 23.35 -32.16 -2.72
C TYR B 54 22.71 -33.42 -3.31
N LEU B 55 21.75 -33.99 -2.60
CA LEU B 55 21.00 -35.15 -3.04
C LEU B 55 19.51 -34.85 -2.92
N LEU B 56 18.74 -35.32 -3.90
CA LEU B 56 17.30 -35.06 -3.94
C LEU B 56 16.58 -36.39 -4.14
N LEU B 57 15.73 -36.75 -3.18
CA LEU B 57 14.86 -37.90 -3.29
C LEU B 57 13.43 -37.44 -3.09
N PHE B 58 12.54 -37.87 -3.99
CA PHE B 58 11.19 -37.35 -4.04
C PHE B 58 10.26 -38.27 -4.82
N ARG B 59 9.11 -38.61 -4.23
CA ARG B 59 8.10 -39.44 -4.90
C ARG B 59 8.72 -40.75 -5.39
N VAL B 60 9.58 -41.33 -4.56
CA VAL B 60 10.22 -42.61 -4.88
C VAL B 60 9.33 -43.69 -4.26
N ALA B 61 8.33 -44.12 -5.03
CA ALA B 61 7.40 -45.12 -4.55
C ALA B 61 8.06 -46.48 -4.43
N GLY B 62 7.65 -47.25 -3.43
CA GLY B 62 8.15 -48.60 -3.24
C GLY B 62 9.49 -48.70 -2.54
N LEU B 63 9.95 -47.63 -1.90
CA LEU B 63 11.24 -47.60 -1.24
C LEU B 63 11.04 -47.50 0.27
N GLU B 64 11.66 -48.41 1.01
CA GLU B 64 11.48 -48.48 2.46
C GLU B 64 12.70 -48.06 3.26
N SER B 65 13.91 -48.29 2.76
CA SER B 65 15.12 -47.93 3.49
C SER B 65 16.20 -47.52 2.49
N LEU B 66 16.71 -46.30 2.65
CA LEU B 66 17.74 -45.81 1.73
C LEU B 66 19.05 -46.54 1.94
N GLY B 67 19.36 -46.94 3.18
CA GLY B 67 20.65 -47.55 3.45
C GLY B 67 20.90 -48.79 2.61
N ASP B 68 19.84 -49.54 2.31
CA ASP B 68 20.00 -50.68 1.41
C ASP B 68 20.42 -50.24 0.02
N LEU B 69 19.82 -49.15 -0.48
CA LEU B 69 20.08 -48.72 -1.85
C LEU B 69 21.47 -48.10 -1.98
N PHE B 70 21.85 -47.24 -1.05
CA PHE B 70 23.08 -46.46 -1.15
C PHE B 70 23.88 -46.62 0.15
N PRO B 71 24.50 -47.79 0.35
CA PRO B 71 25.38 -47.96 1.50
C PRO B 71 26.77 -47.41 1.22
N ASN B 72 27.55 -47.28 2.30
CA ASN B 72 28.93 -46.78 2.26
C ASN B 72 29.02 -45.32 1.85
N LEU B 73 27.89 -44.60 1.82
CA LEU B 73 27.87 -43.20 1.40
C LEU B 73 28.47 -42.35 2.53
N THR B 74 29.80 -42.46 2.66
CA THR B 74 30.47 -42.03 3.89
C THR B 74 30.20 -40.57 4.20
N VAL B 75 30.32 -39.69 3.20
CA VAL B 75 30.20 -38.25 3.42
C VAL B 75 29.53 -37.61 2.22
N ILE B 76 28.76 -36.55 2.50
CA ILE B 76 28.19 -35.69 1.47
C ILE B 76 28.89 -34.34 1.58
N ARG B 77 29.55 -33.93 0.50
CA ARG B 77 30.26 -32.65 0.52
C ARG B 77 29.31 -31.47 0.29
N GLY B 78 28.33 -31.63 -0.59
CA GLY B 78 27.32 -30.60 -0.78
C GLY B 78 27.87 -29.27 -1.23
N TRP B 79 28.81 -29.27 -2.18
CA TRP B 79 29.38 -28.01 -2.66
C TRP B 79 28.29 -27.12 -3.26
N LYS B 80 27.38 -27.70 -4.03
CA LYS B 80 26.21 -27.00 -4.55
C LYS B 80 24.97 -27.50 -3.81
N LEU B 81 24.15 -26.57 -3.35
CA LEU B 81 22.97 -26.88 -2.55
C LEU B 81 21.69 -26.63 -3.36
N PHE B 82 20.65 -27.40 -3.03
CA PHE B 82 19.38 -27.28 -3.71
C PHE B 82 18.81 -25.88 -3.52
N TYR B 83 18.48 -25.54 -2.28
CA TYR B 83 18.18 -24.16 -1.89
C TYR B 83 19.22 -23.64 -0.91
N ASN B 84 19.38 -24.33 0.24
CA ASN B 84 20.56 -24.22 1.07
C ASN B 84 20.87 -25.57 1.70
N TYR B 85 20.34 -26.65 1.14
CA TYR B 85 20.39 -27.98 1.73
C TYR B 85 21.18 -28.92 0.83
N ALA B 86 21.94 -29.80 1.45
CA ALA B 86 22.72 -30.81 0.75
C ALA B 86 22.00 -32.15 0.65
N LEU B 87 20.76 -32.23 1.10
CA LEU B 87 19.98 -33.46 1.00
C LEU B 87 18.50 -33.09 1.10
N VAL B 88 17.68 -33.71 0.25
CA VAL B 88 16.26 -33.40 0.17
C VAL B 88 15.48 -34.71 0.26
N ILE B 89 14.60 -34.82 1.25
CA ILE B 89 13.63 -35.92 1.32
C ILE B 89 12.25 -35.30 1.39
N PHE B 90 11.60 -35.17 0.23
CA PHE B 90 10.31 -34.49 0.12
C PHE B 90 9.25 -35.52 -0.24
N GLU B 91 8.19 -35.56 0.55
CA GLU B 91 7.05 -36.46 0.32
C GLU B 91 7.51 -37.88 0.00
N MET B 92 8.19 -38.48 0.98
CA MET B 92 8.69 -39.84 0.82
C MET B 92 7.57 -40.82 1.14
N THR B 93 7.25 -41.69 0.17
CA THR B 93 6.02 -42.46 0.24
C THR B 93 6.07 -43.54 1.32
N ASN B 94 7.15 -44.34 1.34
CA ASN B 94 7.16 -45.52 2.19
C ASN B 94 8.49 -45.75 2.91
N LEU B 95 9.42 -44.80 2.87
CA LEU B 95 10.67 -44.95 3.59
C LEU B 95 10.40 -45.12 5.07
N LYS B 96 10.99 -46.15 5.67
CA LYS B 96 10.91 -46.37 7.12
C LYS B 96 12.24 -46.06 7.80
N ASP B 97 13.35 -46.42 7.16
CA ASP B 97 14.68 -46.23 7.72
C ASP B 97 15.41 -45.18 6.89
N ILE B 98 15.97 -44.16 7.56
CA ILE B 98 16.81 -43.21 6.84
C ILE B 98 18.01 -43.91 6.25
N GLY B 99 18.46 -45.00 6.88
CA GLY B 99 19.64 -45.69 6.40
C GLY B 99 20.82 -44.76 6.40
N LEU B 100 21.55 -44.74 5.30
CA LEU B 100 22.78 -43.94 5.20
C LEU B 100 23.69 -44.25 6.38
N TYR B 101 23.62 -45.47 6.88
CA TYR B 101 24.29 -45.81 8.13
C TYR B 101 25.79 -45.57 8.05
N ASN B 102 26.37 -45.72 6.87
CA ASN B 102 27.79 -45.45 6.68
C ASN B 102 28.08 -43.97 6.43
N LEU B 103 27.05 -43.16 6.19
CA LEU B 103 27.22 -41.73 6.05
C LEU B 103 27.61 -41.12 7.41
N ARG B 104 28.65 -40.30 7.40
CA ARG B 104 29.28 -39.84 8.63
C ARG B 104 29.28 -38.33 8.81
N ASN B 105 29.37 -37.56 7.73
CA ASN B 105 29.49 -36.11 7.83
C ASN B 105 28.83 -35.44 6.64
N ILE B 106 28.39 -34.20 6.85
CA ILE B 106 27.90 -33.34 5.80
C ILE B 106 28.68 -32.03 5.89
N THR B 107 29.39 -31.68 4.81
CA THR B 107 30.29 -30.53 4.85
C THR B 107 29.52 -29.22 4.70
N ARG B 108 28.61 -29.16 3.74
CA ARG B 108 27.89 -27.93 3.40
C ARG B 108 26.39 -28.17 3.43
N GLY B 109 25.65 -27.16 3.89
CA GLY B 109 24.21 -27.17 3.79
C GLY B 109 23.52 -27.95 4.90
N ALA B 110 22.21 -27.81 4.92
CA ALA B 110 21.31 -28.50 5.83
C ALA B 110 20.52 -29.55 5.06
N ILE B 111 19.52 -30.13 5.72
CA ILE B 111 18.66 -31.13 5.11
C ILE B 111 17.20 -30.72 5.32
N ARG B 112 16.36 -31.05 4.34
CA ARG B 112 14.91 -30.97 4.50
C ARG B 112 14.36 -32.39 4.40
N ILE B 113 13.74 -32.85 5.49
CA ILE B 113 13.09 -34.16 5.52
C ILE B 113 11.71 -33.90 6.13
N GLU B 114 10.72 -33.66 5.27
CA GLU B 114 9.40 -33.23 5.73
C GLU B 114 8.30 -34.02 5.05
N LYS B 115 7.12 -33.99 5.68
CA LYS B 115 5.86 -34.48 5.14
C LYS B 115 6.01 -35.81 4.40
N ASN B 116 6.86 -36.70 4.91
CA ASN B 116 6.90 -38.07 4.39
C ASN B 116 5.64 -38.80 4.83
N ALA B 117 5.50 -40.05 4.38
CA ALA B 117 4.31 -40.81 4.71
C ALA B 117 4.58 -41.85 5.79
N ASP B 118 5.79 -42.42 5.81
CA ASP B 118 6.10 -43.50 6.75
C ASP B 118 7.53 -43.42 7.31
N LEU B 119 8.17 -42.25 7.24
CA LEU B 119 9.56 -42.16 7.69
C LEU B 119 9.65 -41.76 9.15
N CYS B 120 10.59 -42.40 9.85
CA CYS B 120 11.00 -42.01 11.20
C CYS B 120 12.44 -42.48 11.37
N TYR B 121 12.90 -42.55 12.63
CA TYR B 121 14.30 -42.78 13.00
C TYR B 121 15.16 -41.54 12.84
N LEU B 122 14.59 -40.42 12.42
CA LEU B 122 15.31 -39.16 12.39
C LEU B 122 15.72 -38.71 13.78
N SER B 123 14.91 -39.00 14.80
CA SER B 123 15.26 -38.62 16.17
C SER B 123 16.56 -39.28 16.59
N THR B 124 16.73 -40.56 16.26
CA THR B 124 17.94 -41.30 16.62
C THR B 124 19.18 -40.79 15.89
N VAL B 125 19.03 -39.87 14.94
CA VAL B 125 20.16 -39.33 14.19
C VAL B 125 20.63 -38.08 14.91
N ASP B 126 21.85 -38.12 15.45
CA ASP B 126 22.48 -36.94 16.05
C ASP B 126 23.27 -36.22 14.96
N TRP B 127 22.59 -35.33 14.24
CA TRP B 127 23.24 -34.61 13.16
C TRP B 127 24.40 -33.74 13.63
N SER B 128 24.46 -33.42 14.93
CA SER B 128 25.59 -32.63 15.42
C SER B 128 26.90 -33.33 15.13
N LEU B 129 26.95 -34.65 15.33
CA LEU B 129 28.14 -35.41 14.99
C LEU B 129 28.38 -35.41 13.48
N ILE B 130 27.31 -35.28 12.69
CA ILE B 130 27.38 -35.39 11.24
C ILE B 130 27.38 -34.01 10.60
N LEU B 131 26.74 -33.03 11.25
CA LEU B 131 26.44 -31.75 10.62
C LEU B 131 26.82 -30.60 11.55
N ASP B 132 27.42 -29.56 10.97
CA ASP B 132 27.58 -28.29 11.63
C ASP B 132 26.50 -27.31 11.16
N ALA B 133 26.10 -26.41 12.05
CA ALA B 133 24.96 -25.53 11.79
C ALA B 133 23.69 -26.34 11.58
N VAL B 134 23.32 -27.12 12.59
CA VAL B 134 22.18 -28.04 12.48
C VAL B 134 20.86 -27.32 12.71
N SER B 135 20.89 -26.08 13.20
CA SER B 135 19.63 -25.39 13.50
C SER B 135 18.80 -25.17 12.25
N ASN B 136 19.42 -25.22 11.07
CA ASN B 136 18.68 -25.06 9.83
C ASN B 136 18.00 -26.34 9.37
N ASN B 137 18.34 -27.49 9.97
CA ASN B 137 17.68 -28.73 9.60
C ASN B 137 16.18 -28.61 9.83
N TYR B 138 15.40 -29.00 8.82
CA TYR B 138 13.96 -28.71 8.77
C TYR B 138 13.21 -30.02 8.59
N ILE B 139 12.72 -30.58 9.70
CA ILE B 139 12.10 -31.91 9.73
C ILE B 139 10.75 -31.81 10.42
N VAL B 140 10.09 -30.64 10.29
CA VAL B 140 8.89 -30.38 11.07
C VAL B 140 7.73 -31.25 10.61
N GLY B 141 7.60 -31.45 9.29
CA GLY B 141 6.38 -31.99 8.71
C GLY B 141 6.16 -33.47 8.83
N ASN B 142 7.03 -34.20 9.51
CA ASN B 142 6.95 -35.66 9.57
C ASN B 142 5.94 -36.10 10.64
N LYS B 143 5.97 -37.39 10.97
CA LYS B 143 4.99 -37.98 11.86
C LYS B 143 5.14 -37.36 13.26
N PRO B 144 4.07 -37.33 14.05
CA PRO B 144 4.24 -37.06 15.47
C PRO B 144 5.17 -38.08 16.09
N PRO B 145 6.03 -37.67 17.02
CA PRO B 145 7.04 -38.61 17.54
C PRO B 145 6.46 -39.81 18.26
N LYS B 146 5.19 -39.75 18.65
CA LYS B 146 4.63 -40.77 19.53
C LYS B 146 4.53 -42.13 18.86
N GLU B 147 4.11 -42.18 17.59
CA GLU B 147 3.65 -43.43 16.99
C GLU B 147 4.74 -44.22 16.27
N CYS B 148 5.76 -43.56 15.72
CA CYS B 148 6.65 -44.26 14.79
C CYS B 148 7.37 -45.41 15.48
N GLY B 149 7.46 -45.37 16.80
CA GLY B 149 8.05 -46.47 17.54
C GLY B 149 9.56 -46.46 17.52
N ASP B 150 10.16 -45.41 18.06
CA ASP B 150 11.61 -45.23 18.04
C ASP B 150 12.25 -46.36 18.84
N LEU B 151 12.81 -47.35 18.13
CA LEU B 151 13.58 -48.42 18.74
C LEU B 151 14.61 -48.91 17.74
N CYS B 152 15.68 -49.51 18.25
CA CYS B 152 16.78 -50.01 17.45
C CYS B 152 17.69 -50.86 18.33
N PRO B 153 18.72 -51.52 17.78
CA PRO B 153 19.47 -52.49 18.59
C PRO B 153 20.06 -51.84 19.84
N GLY B 154 20.07 -52.61 20.93
CA GLY B 154 20.57 -52.12 22.19
C GLY B 154 19.48 -51.47 23.02
N THR B 155 18.86 -50.43 22.48
CA THR B 155 17.78 -49.75 23.19
C THR B 155 16.50 -50.57 23.25
N MET B 156 16.43 -51.69 22.53
CA MET B 156 15.33 -52.64 22.67
C MET B 156 15.86 -53.94 23.26
N GLU B 157 15.30 -54.36 24.40
CA GLU B 157 15.53 -55.69 24.95
C GLU B 157 17.02 -56.04 25.02
N GLU B 158 17.60 -56.40 23.88
CA GLU B 158 18.95 -56.95 23.83
C GLU B 158 19.98 -56.01 24.45
N LYS B 159 21.17 -56.53 24.71
CA LYS B 159 22.22 -55.75 25.35
C LYS B 159 22.52 -54.51 24.52
N PRO B 160 22.66 -53.33 25.14
CA PRO B 160 22.88 -52.11 24.36
C PRO B 160 24.17 -52.18 23.55
N MET B 161 24.11 -51.63 22.34
CA MET B 161 25.27 -51.56 21.46
C MET B 161 25.49 -50.19 20.87
N CYS B 162 24.46 -49.34 20.78
CA CYS B 162 24.66 -47.95 20.37
C CYS B 162 25.34 -47.17 21.49
N GLU B 163 26.19 -46.24 21.10
CA GLU B 163 26.85 -45.38 22.07
C GLU B 163 25.86 -44.36 22.65
N LYS B 164 26.20 -43.85 23.83
CA LYS B 164 25.40 -42.84 24.51
C LYS B 164 26.03 -41.48 24.29
N THR B 165 25.25 -40.54 23.74
CA THR B 165 25.69 -39.18 23.50
C THR B 165 24.61 -38.22 23.97
N THR B 166 25.02 -36.98 24.24
CA THR B 166 24.14 -35.99 24.86
C THR B 166 23.97 -34.79 23.96
N ILE B 167 22.72 -34.38 23.76
CA ILE B 167 22.38 -33.09 23.14
C ILE B 167 21.28 -32.46 23.96
N ASN B 168 21.50 -31.22 24.41
CA ASN B 168 20.51 -30.45 25.15
C ASN B 168 19.89 -31.29 26.27
N ASN B 169 20.77 -31.90 27.07
CA ASN B 169 20.35 -32.70 28.24
C ASN B 169 19.63 -33.97 27.83
N GLU B 170 20.04 -34.60 26.73
CA GLU B 170 19.44 -35.84 26.25
C GLU B 170 20.57 -36.84 26.00
N TYR B 171 20.98 -37.54 27.05
CA TYR B 171 22.11 -38.47 26.99
C TYR B 171 21.55 -39.87 26.85
N ASN B 172 21.36 -40.31 25.59
CA ASN B 172 20.70 -41.58 25.31
C ASN B 172 21.32 -42.17 24.05
N TYR B 173 20.76 -43.30 23.61
CA TYR B 173 21.30 -44.02 22.46
C TYR B 173 21.04 -43.27 21.15
N ARG B 174 21.99 -43.40 20.23
CA ARG B 174 21.88 -42.83 18.89
C ARG B 174 22.01 -43.95 17.86
N CYS B 175 21.17 -43.89 16.84
CA CYS B 175 21.11 -44.96 15.85
C CYS B 175 20.38 -44.47 14.60
N TRP B 176 20.33 -45.35 13.59
CA TRP B 176 19.78 -45.00 12.28
C TRP B 176 18.61 -45.88 11.90
N THR B 177 18.69 -47.18 12.17
CA THR B 177 17.68 -48.13 11.74
C THR B 177 17.49 -49.19 12.83
N THR B 178 16.57 -50.10 12.58
CA THR B 178 16.30 -51.18 13.55
C THR B 178 17.42 -52.21 13.56
N ASN B 179 18.34 -52.15 12.59
CA ASN B 179 19.36 -53.17 12.44
C ASN B 179 20.76 -52.70 12.85
N ARG B 180 20.92 -51.49 13.36
CA ARG B 180 22.26 -50.94 13.56
C ARG B 180 22.18 -49.62 14.30
N CYS B 181 23.34 -49.14 14.74
CA CYS B 181 23.47 -47.99 15.63
C CYS B 181 24.17 -46.84 14.91
N GLN B 182 24.40 -45.75 15.67
CA GLN B 182 25.10 -44.56 15.21
C GLN B 182 26.32 -44.37 16.10
N LYS B 183 27.45 -44.93 15.67
CA LYS B 183 28.71 -44.75 16.37
C LYS B 183 29.36 -43.44 15.95
N MET B 184 30.19 -42.90 16.83
CA MET B 184 30.96 -41.70 16.53
C MET B 184 32.41 -41.91 16.91
N CYS B 185 33.30 -41.31 16.16
CA CYS B 185 34.73 -41.48 16.40
C CYS B 185 35.09 -40.88 17.76
N PRO B 186 36.00 -41.51 18.50
CA PRO B 186 36.29 -41.05 19.86
C PRO B 186 37.01 -39.71 19.86
N SER B 187 36.94 -39.03 21.01
CA SER B 187 37.68 -37.79 21.18
C SER B 187 39.18 -38.01 21.07
N THR B 188 39.65 -39.26 21.20
CA THR B 188 41.04 -39.57 20.94
C THR B 188 41.45 -39.11 19.54
N CYS B 189 40.52 -39.16 18.60
CA CYS B 189 40.76 -38.64 17.26
C CYS B 189 40.61 -37.13 17.18
N GLY B 190 39.82 -36.53 18.06
CA GLY B 190 39.52 -35.13 17.94
C GLY B 190 38.82 -34.88 16.61
N LYS B 191 39.38 -33.97 15.81
CA LYS B 191 38.86 -33.72 14.47
C LYS B 191 39.15 -34.88 13.52
N ARG B 192 40.06 -35.78 13.87
CA ARG B 192 40.40 -36.89 13.01
C ARG B 192 39.28 -37.92 12.97
N ALA B 193 39.29 -38.75 11.94
CA ALA B 193 38.28 -39.78 11.77
C ALA B 193 38.79 -41.10 12.38
N CYS B 194 38.04 -42.18 12.18
CA CYS B 194 38.41 -43.49 12.69
C CYS B 194 37.71 -44.54 11.85
N THR B 195 37.85 -45.80 12.27
CA THR B 195 37.26 -46.94 11.60
C THR B 195 36.43 -47.74 12.59
N GLU B 196 35.99 -48.93 12.16
CA GLU B 196 35.34 -49.84 13.08
C GLU B 196 36.29 -50.19 14.23
N ASN B 197 35.70 -50.72 15.31
CA ASN B 197 36.42 -51.14 16.51
C ASN B 197 37.48 -50.13 16.95
N ASN B 198 37.21 -48.84 16.72
CA ASN B 198 37.99 -47.74 17.28
C ASN B 198 39.48 -47.86 16.92
N GLU B 199 39.75 -47.79 15.62
CA GLU B 199 41.10 -47.57 15.09
C GLU B 199 41.10 -46.23 14.37
N CYS B 200 41.88 -45.28 14.89
CA CYS B 200 41.73 -43.89 14.49
C CYS B 200 42.44 -43.64 13.16
N CYS B 201 41.89 -42.73 12.36
CA CYS B 201 42.33 -42.56 10.98
C CYS B 201 43.39 -41.47 10.87
N HIS B 202 43.90 -41.28 9.64
CA HIS B 202 44.92 -40.29 9.38
C HIS B 202 44.35 -38.88 9.55
N PRO B 203 45.18 -37.90 9.95
CA PRO B 203 44.67 -36.53 10.05
C PRO B 203 44.00 -36.03 8.78
N GLU B 204 44.69 -36.09 7.64
CA GLU B 204 44.13 -35.68 6.36
C GLU B 204 43.21 -36.81 5.88
N CYS B 205 42.03 -36.90 6.49
CA CYS B 205 41.10 -37.98 6.20
C CYS B 205 39.72 -37.56 6.71
N LEU B 206 38.70 -38.30 6.28
CA LEU B 206 37.33 -37.99 6.67
C LEU B 206 36.46 -39.21 6.39
N GLY B 207 35.31 -39.25 7.08
CA GLY B 207 34.33 -40.29 6.87
C GLY B 207 34.74 -41.61 7.47
N SER B 208 35.74 -42.26 6.87
CA SER B 208 36.23 -43.54 7.35
C SER B 208 37.50 -43.88 6.59
N CYS B 209 38.23 -44.87 7.10
CA CYS B 209 39.44 -45.36 6.47
C CYS B 209 39.57 -46.86 6.72
N SER B 210 40.55 -47.47 6.06
CA SER B 210 40.73 -48.91 6.17
C SER B 210 41.81 -49.28 7.19
N ALA B 211 42.89 -48.51 7.26
CA ALA B 211 43.99 -48.76 8.17
C ALA B 211 44.30 -47.51 8.96
N PRO B 212 44.82 -47.64 10.18
CA PRO B 212 45.10 -46.45 11.01
C PRO B 212 46.30 -45.69 10.47
N ASP B 213 46.10 -44.39 10.24
CA ASP B 213 47.19 -43.48 9.85
C ASP B 213 47.84 -43.93 8.53
N ASN B 214 47.01 -44.01 7.49
CA ASN B 214 47.48 -44.36 6.15
C ASN B 214 46.76 -43.48 5.14
N ASP B 215 47.53 -42.79 4.29
CA ASP B 215 46.94 -41.90 3.31
C ASP B 215 46.10 -42.66 2.28
N THR B 216 46.60 -43.80 1.81
CA THR B 216 45.94 -44.55 0.76
C THR B 216 44.77 -45.40 1.25
N ALA B 217 44.58 -45.51 2.56
CA ALA B 217 43.55 -46.38 3.11
C ALA B 217 42.25 -45.67 3.42
N CYS B 218 42.16 -44.36 3.15
CA CYS B 218 40.99 -43.60 3.56
C CYS B 218 39.82 -43.83 2.61
N VAL B 219 38.63 -44.01 3.18
CA VAL B 219 37.43 -44.16 2.36
C VAL B 219 37.08 -42.83 1.71
N ALA B 220 37.15 -41.73 2.47
CA ALA B 220 36.87 -40.40 1.96
C ALA B 220 37.94 -39.44 2.48
N CYS B 221 38.43 -38.59 1.58
CA CYS B 221 39.39 -37.58 1.98
C CYS B 221 38.68 -36.40 2.65
N ARG B 222 39.46 -35.60 3.37
CA ARG B 222 38.90 -34.48 4.13
C ARG B 222 38.71 -33.24 3.26
N HIS B 223 39.74 -32.85 2.53
CA HIS B 223 39.66 -31.61 1.74
C HIS B 223 39.93 -31.81 0.25
N TYR B 224 40.92 -32.63 -0.12
CA TYR B 224 41.29 -32.77 -1.52
C TYR B 224 41.89 -34.14 -1.75
N TYR B 225 41.38 -34.83 -2.77
CA TYR B 225 41.80 -36.18 -3.12
C TYR B 225 42.55 -36.14 -4.44
N TYR B 226 43.81 -36.61 -4.42
CA TYR B 226 44.67 -36.62 -5.60
C TYR B 226 45.70 -37.73 -5.56
N ALA B 227 45.97 -38.27 -6.76
CA ALA B 227 46.99 -39.30 -6.96
C ALA B 227 46.77 -40.46 -6.01
N GLY B 228 45.51 -40.79 -5.77
CA GLY B 228 45.17 -41.83 -4.81
C GLY B 228 45.65 -41.51 -3.42
N VAL B 229 45.66 -40.24 -3.05
CA VAL B 229 46.14 -39.81 -1.74
C VAL B 229 45.39 -38.55 -1.34
N CYS B 230 45.06 -38.45 -0.06
CA CYS B 230 44.39 -37.28 0.50
C CYS B 230 45.45 -36.30 0.98
N VAL B 231 45.39 -35.07 0.49
CA VAL B 231 46.43 -34.08 0.74
C VAL B 231 45.82 -32.81 1.34
N PRO B 232 46.57 -32.06 2.15
CA PRO B 232 46.00 -30.84 2.76
C PRO B 232 45.94 -29.67 1.81
N ALA B 233 46.78 -29.64 0.78
CA ALA B 233 46.82 -28.53 -0.15
C ALA B 233 47.23 -29.06 -1.52
N CYS B 234 47.06 -28.22 -2.53
CA CYS B 234 47.08 -28.70 -3.90
C CYS B 234 48.52 -28.74 -4.41
N PRO B 235 49.05 -29.92 -4.77
CA PRO B 235 50.48 -30.03 -5.00
C PRO B 235 50.92 -29.21 -6.20
N PRO B 236 52.17 -28.74 -6.21
CA PRO B 236 52.60 -27.82 -7.28
C PRO B 236 52.57 -28.49 -8.64
N ASN B 237 52.27 -27.67 -9.66
CA ASN B 237 52.05 -28.08 -11.04
C ASN B 237 50.69 -28.76 -11.20
N THR B 238 49.95 -28.97 -10.12
CA THR B 238 48.60 -29.50 -10.14
C THR B 238 47.66 -28.43 -9.59
N TYR B 239 46.44 -28.41 -10.12
CA TYR B 239 45.53 -27.30 -9.88
C TYR B 239 44.17 -27.85 -9.49
N ARG B 240 43.60 -27.31 -8.42
CA ARG B 240 42.37 -27.81 -7.84
C ARG B 240 41.23 -27.85 -8.86
N PHE B 241 40.51 -28.97 -8.88
CA PHE B 241 39.23 -29.01 -9.58
C PHE B 241 38.13 -28.53 -8.62
N GLU B 242 36.94 -28.36 -9.17
CA GLU B 242 35.79 -28.01 -8.34
C GLU B 242 35.60 -29.05 -7.24
N GLY B 243 35.65 -28.59 -5.99
CA GLY B 243 35.26 -29.41 -4.85
C GLY B 243 36.34 -30.19 -4.14
N TRP B 244 36.87 -31.26 -4.75
CA TRP B 244 37.55 -32.28 -3.95
C TRP B 244 38.76 -32.91 -4.61
N ARG B 245 39.43 -32.25 -5.55
CA ARG B 245 40.55 -32.89 -6.23
C ARG B 245 41.41 -31.85 -6.91
N CYS B 246 42.68 -32.20 -7.02
CA CYS B 246 43.65 -31.49 -7.84
C CYS B 246 43.94 -32.31 -9.07
N VAL B 247 44.46 -31.62 -10.08
CA VAL B 247 44.51 -32.10 -11.45
C VAL B 247 45.34 -31.14 -12.31
N ASP B 248 45.94 -31.66 -13.39
CA ASP B 248 46.94 -30.90 -14.14
C ASP B 248 46.36 -30.39 -15.48
N ARG B 249 46.92 -29.26 -15.93
CA ARG B 249 46.27 -28.36 -16.90
C ARG B 249 45.72 -29.10 -18.12
N ASP B 250 46.34 -30.22 -18.50
CA ASP B 250 46.13 -30.77 -19.83
C ASP B 250 44.65 -31.06 -20.05
N PHE B 251 44.00 -31.71 -19.08
CA PHE B 251 42.60 -32.02 -19.25
C PHE B 251 41.81 -30.72 -19.25
N CYS B 252 42.29 -29.75 -18.46
CA CYS B 252 41.58 -28.50 -18.21
C CYS B 252 41.44 -27.71 -19.49
N ALA B 253 42.22 -28.06 -20.50
CA ALA B 253 41.81 -27.76 -21.87
C ALA B 253 40.98 -28.88 -22.47
N ASN B 254 41.27 -30.13 -22.10
CA ASN B 254 40.60 -31.29 -22.68
C ASN B 254 39.17 -31.51 -22.18
N ILE B 255 38.77 -31.03 -21.00
CA ILE B 255 37.40 -31.29 -20.58
C ILE B 255 36.54 -30.35 -21.38
N LEU B 256 36.12 -30.82 -22.56
CA LEU B 256 35.49 -29.95 -23.54
C LEU B 256 34.02 -29.72 -23.21
N SER B 257 33.22 -30.79 -23.24
CA SER B 257 31.81 -30.68 -22.93
C SER B 257 31.19 -32.08 -23.01
N ALA B 258 30.13 -32.27 -22.22
CA ALA B 258 29.38 -33.52 -22.25
C ALA B 258 27.96 -33.20 -21.79
N GLU B 259 27.04 -33.05 -22.75
CA GLU B 259 25.68 -32.64 -22.43
C GLU B 259 25.69 -31.33 -21.65
N SER B 260 25.64 -31.42 -20.32
CA SER B 260 25.63 -30.23 -19.46
C SER B 260 27.07 -29.85 -19.15
N SER B 261 27.63 -28.95 -19.96
CA SER B 261 28.98 -28.46 -19.76
C SER B 261 29.14 -27.16 -20.54
N ASP B 262 30.11 -26.35 -20.10
CA ASP B 262 30.31 -25.02 -20.67
C ASP B 262 31.60 -24.92 -21.46
N SER B 263 32.74 -25.26 -20.86
CA SER B 263 34.05 -25.07 -21.47
C SER B 263 34.85 -26.36 -21.34
N GLU B 264 35.59 -26.71 -22.40
CA GLU B 264 35.67 -25.99 -23.67
C GLU B 264 36.05 -24.50 -23.60
N GLY B 265 37.04 -24.14 -22.78
CA GLY B 265 37.74 -25.04 -21.89
C GLY B 265 37.97 -24.39 -20.54
N PHE B 266 38.00 -25.20 -19.47
CA PHE B 266 38.17 -24.66 -18.14
C PHE B 266 39.53 -23.96 -18.02
N VAL B 267 39.54 -22.84 -17.30
CA VAL B 267 40.74 -22.01 -17.15
C VAL B 267 41.30 -22.20 -15.75
N ILE B 268 42.62 -22.09 -15.63
CA ILE B 268 43.29 -22.13 -14.33
C ILE B 268 43.53 -20.70 -13.88
N HIS B 269 43.17 -20.40 -12.64
CA HIS B 269 43.44 -19.09 -12.06
C HIS B 269 43.38 -19.22 -10.55
N ASP B 270 44.21 -18.45 -9.86
CA ASP B 270 44.32 -18.52 -8.40
C ASP B 270 44.78 -19.90 -7.94
N GLY B 271 45.39 -20.69 -8.82
CA GLY B 271 45.83 -22.02 -8.50
C GLY B 271 44.79 -23.11 -8.63
N GLU B 272 43.65 -22.83 -9.26
CA GLU B 272 42.58 -23.81 -9.43
C GLU B 272 42.04 -23.74 -10.85
N CYS B 273 41.54 -24.88 -11.34
CA CYS B 273 40.97 -24.97 -12.69
C CYS B 273 39.46 -24.83 -12.60
N MET B 274 38.98 -23.59 -12.72
CA MET B 274 37.56 -23.28 -12.63
C MET B 274 36.94 -23.23 -14.02
N GLN B 275 35.60 -23.17 -14.04
CA GLN B 275 34.88 -23.12 -15.31
C GLN B 275 35.25 -21.87 -16.10
N GLU B 276 35.15 -20.70 -15.45
CA GLU B 276 35.49 -19.43 -16.08
C GLU B 276 36.32 -18.61 -15.10
N CYS B 277 37.10 -17.69 -15.65
CA CYS B 277 37.96 -16.87 -14.82
C CYS B 277 37.12 -15.91 -13.98
N PRO B 278 37.54 -15.62 -12.74
CA PRO B 278 36.70 -14.76 -11.88
C PRO B 278 36.58 -13.34 -12.40
N SER B 279 35.82 -12.51 -11.68
CA SER B 279 35.59 -11.14 -12.11
C SER B 279 36.88 -10.32 -12.06
N GLY B 280 36.96 -9.31 -12.92
CA GLY B 280 38.14 -8.50 -13.02
C GLY B 280 39.29 -9.15 -13.74
N PHE B 281 39.09 -10.34 -14.31
CA PHE B 281 40.15 -11.08 -14.97
C PHE B 281 39.60 -11.61 -16.30
N ILE B 282 40.50 -11.83 -17.24
CA ILE B 282 40.13 -12.26 -18.59
C ILE B 282 40.98 -13.46 -19.00
N ARG B 283 40.34 -14.43 -19.64
CA ARG B 283 41.05 -15.52 -20.31
C ARG B 283 41.59 -15.02 -21.63
N ASN B 284 42.91 -15.03 -21.77
CA ASN B 284 43.57 -14.59 -23.01
C ASN B 284 43.48 -15.72 -24.02
N GLY B 285 42.45 -15.69 -24.85
CA GLY B 285 42.30 -16.72 -25.87
C GLY B 285 41.85 -18.03 -25.26
N SER B 286 42.37 -19.13 -25.81
CA SER B 286 42.04 -20.47 -25.34
C SER B 286 42.97 -20.95 -24.23
N GLN B 287 43.84 -20.08 -23.71
CA GLN B 287 44.74 -20.46 -22.63
C GLN B 287 43.94 -20.93 -21.41
N SER B 288 44.50 -21.91 -20.73
CA SER B 288 43.90 -22.43 -19.51
C SER B 288 44.88 -22.56 -18.35
N MET B 289 46.18 -22.35 -18.57
CA MET B 289 47.12 -22.57 -17.47
C MET B 289 47.14 -21.39 -16.50
N TYR B 290 46.77 -20.19 -16.97
CA TYR B 290 46.59 -19.04 -16.09
C TYR B 290 45.49 -18.17 -16.66
N CYS B 291 45.27 -17.01 -16.01
CA CYS B 291 44.33 -16.02 -16.51
C CYS B 291 44.82 -14.64 -16.10
N ILE B 292 44.82 -13.70 -17.04
CA ILE B 292 45.45 -12.40 -16.85
C ILE B 292 44.41 -11.35 -16.49
N PRO B 293 44.74 -10.36 -15.68
CA PRO B 293 43.79 -9.27 -15.41
C PRO B 293 43.44 -8.50 -16.67
N CYS B 294 42.20 -8.04 -16.76
CA CYS B 294 41.75 -7.28 -17.92
C CYS B 294 42.10 -5.80 -17.78
N GLU B 295 41.51 -5.13 -16.79
CA GLU B 295 41.62 -3.70 -16.59
C GLU B 295 40.31 -3.16 -16.02
N GLY B 296 39.35 -2.88 -16.89
CA GLY B 296 38.08 -2.32 -16.49
C GLY B 296 36.98 -3.36 -16.37
N PRO B 297 35.75 -2.95 -16.71
CA PRO B 297 34.59 -3.83 -16.48
C PRO B 297 34.37 -4.87 -17.57
N CYS B 298 35.39 -5.15 -18.39
CA CYS B 298 35.18 -6.02 -19.54
C CYS B 298 34.60 -7.38 -19.12
N PRO B 299 35.02 -8.01 -18.00
CA PRO B 299 34.65 -9.41 -17.78
C PRO B 299 33.20 -9.81 -17.50
N LYS B 300 32.30 -9.41 -18.38
CA LYS B 300 30.89 -9.76 -18.24
C LYS B 300 30.29 -9.83 -19.64
N VAL B 301 29.97 -11.05 -20.09
CA VAL B 301 29.31 -11.25 -21.37
C VAL B 301 27.84 -11.54 -21.11
N CYS B 302 26.97 -10.71 -21.68
CA CYS B 302 25.55 -10.70 -21.36
C CYS B 302 24.77 -11.68 -22.24
N GLU B 303 25.48 -12.44 -23.07
CA GLU B 303 24.85 -13.30 -24.06
C GLU B 303 23.69 -14.10 -23.46
N GLU B 304 22.67 -14.31 -24.28
CA GLU B 304 21.52 -15.14 -23.92
C GLU B 304 21.29 -16.14 -25.04
N GLU B 305 20.69 -17.28 -24.70
CA GLU B 305 20.45 -18.33 -25.69
C GLU B 305 19.67 -17.79 -26.88
N LYS B 306 18.81 -16.80 -26.67
CA LYS B 306 18.09 -16.18 -27.78
C LYS B 306 19.01 -15.22 -28.52
N LYS B 307 18.52 -14.72 -29.67
CA LYS B 307 19.27 -13.74 -30.44
C LYS B 307 18.74 -12.32 -30.21
N THR B 308 17.44 -12.12 -30.33
CA THR B 308 16.81 -10.83 -30.09
C THR B 308 16.16 -10.86 -28.72
N LYS B 309 16.91 -10.44 -27.70
CA LYS B 309 16.41 -10.42 -26.33
C LYS B 309 15.39 -9.28 -26.26
N THR B 310 14.12 -9.62 -26.43
CA THR B 310 13.06 -8.64 -26.49
C THR B 310 12.65 -8.20 -25.09
N ILE B 311 12.38 -6.90 -24.97
CA ILE B 311 12.06 -6.27 -23.70
C ILE B 311 10.73 -5.56 -23.85
N ASP B 312 9.87 -5.66 -22.84
CA ASP B 312 8.61 -4.94 -22.88
C ASP B 312 8.21 -4.36 -21.54
N SER B 313 9.08 -4.42 -20.54
CA SER B 313 8.76 -3.91 -19.21
C SER B 313 10.00 -4.00 -18.34
N VAL B 314 9.87 -3.49 -17.12
CA VAL B 314 10.97 -3.57 -16.16
C VAL B 314 11.26 -5.03 -15.82
N THR B 315 10.22 -5.83 -15.65
CA THR B 315 10.42 -7.25 -15.38
C THR B 315 11.10 -7.95 -16.56
N SER B 316 11.03 -7.38 -17.76
CA SER B 316 11.66 -7.99 -18.92
C SER B 316 13.16 -7.72 -18.97
N ALA B 317 13.66 -6.77 -18.19
CA ALA B 317 15.06 -6.39 -18.21
C ALA B 317 15.84 -6.91 -17.01
N GLN B 318 15.22 -7.71 -16.15
CA GLN B 318 15.91 -8.18 -14.94
C GLN B 318 17.09 -9.08 -15.29
N MET B 319 16.88 -10.01 -16.22
CA MET B 319 17.94 -10.94 -16.58
C MET B 319 19.22 -10.25 -16.99
N LEU B 320 19.12 -9.08 -17.63
CA LEU B 320 20.28 -8.39 -18.19
C LEU B 320 20.99 -7.53 -17.14
N GLN B 321 20.71 -7.75 -15.85
CA GLN B 321 21.22 -6.88 -14.82
C GLN B 321 22.74 -6.97 -14.71
N GLY B 322 23.38 -5.81 -14.54
CA GLY B 322 24.80 -5.76 -14.29
C GLY B 322 25.62 -6.39 -15.40
N CYS B 323 25.25 -6.11 -16.65
CA CYS B 323 25.94 -6.68 -17.80
C CYS B 323 26.23 -5.57 -18.80
N THR B 324 27.28 -5.78 -19.59
CA THR B 324 27.86 -4.72 -20.41
C THR B 324 27.67 -4.94 -21.90
N ILE B 325 27.92 -6.14 -22.41
CA ILE B 325 27.90 -6.41 -23.84
C ILE B 325 26.99 -7.60 -24.12
N PHE B 326 26.22 -7.51 -25.21
CA PHE B 326 25.32 -8.57 -25.63
C PHE B 326 25.52 -8.87 -27.11
N LYS B 327 25.31 -10.13 -27.49
CA LYS B 327 25.37 -10.58 -28.87
C LYS B 327 23.94 -10.57 -29.45
N GLY B 328 23.38 -9.36 -29.55
CA GLY B 328 21.96 -9.24 -29.81
C GLY B 328 21.46 -7.83 -30.03
N ASN B 329 20.40 -7.43 -29.31
CA ASN B 329 19.68 -6.22 -29.69
C ASN B 329 18.59 -5.91 -28.66
N LEU B 330 17.87 -4.82 -28.90
CA LEU B 330 16.77 -4.37 -28.06
C LEU B 330 15.47 -4.32 -28.86
N LEU B 331 14.36 -4.59 -28.17
CA LEU B 331 13.03 -4.46 -28.77
C LEU B 331 12.04 -4.14 -27.66
N ILE B 332 11.58 -2.90 -27.61
CA ILE B 332 10.62 -2.42 -26.61
C ILE B 332 9.26 -2.27 -27.27
N ASN B 333 8.22 -2.74 -26.58
CA ASN B 333 6.83 -2.47 -26.95
C ASN B 333 6.02 -2.09 -25.70
N ILE B 334 6.57 -1.20 -24.87
CA ILE B 334 5.93 -0.83 -23.61
C ILE B 334 4.70 0.02 -23.96
N ARG B 335 3.54 -0.34 -23.42
CA ARG B 335 2.32 0.38 -23.73
C ARG B 335 1.78 1.13 -22.52
N ARG B 336 2.50 1.08 -21.41
CA ARG B 336 2.20 1.86 -20.22
C ARG B 336 3.37 1.74 -19.24
N GLY B 337 3.63 2.82 -18.50
CA GLY B 337 4.73 2.80 -17.55
C GLY B 337 4.98 4.13 -16.86
N ASN B 338 5.23 4.06 -15.56
CA ASN B 338 5.59 5.22 -14.75
C ASN B 338 6.84 4.89 -13.95
N ASN B 339 7.83 5.79 -14.02
CA ASN B 339 9.12 5.63 -13.37
C ASN B 339 9.91 4.47 -13.97
N ILE B 340 9.59 4.08 -15.21
CA ILE B 340 10.27 2.95 -15.85
C ILE B 340 11.74 3.24 -16.07
N ALA B 341 12.06 4.45 -16.52
CA ALA B 341 13.45 4.81 -16.75
C ALA B 341 14.29 4.52 -15.52
N SER B 342 13.95 5.14 -14.38
CA SER B 342 14.74 4.98 -13.17
C SER B 342 15.10 3.53 -12.91
N GLU B 343 14.29 2.60 -13.40
CA GLU B 343 14.62 1.17 -13.33
C GLU B 343 15.54 0.71 -14.45
N LEU B 344 15.35 1.20 -15.68
CA LEU B 344 16.15 0.69 -16.78
C LEU B 344 17.56 1.29 -16.80
N GLU B 345 17.75 2.47 -16.21
CA GLU B 345 19.14 2.90 -15.99
C GLU B 345 19.89 1.92 -15.11
N ASN B 346 19.19 1.28 -14.17
CA ASN B 346 19.84 0.35 -13.24
C ASN B 346 20.02 -1.04 -13.85
N PHE B 347 18.95 -1.58 -14.46
CA PHE B 347 19.03 -2.95 -14.96
C PHE B 347 20.00 -3.06 -16.14
N MET B 348 19.87 -2.17 -17.13
CA MET B 348 20.67 -2.30 -18.34
C MET B 348 21.41 -1.01 -18.69
N GLY B 349 21.48 -0.06 -17.75
CA GLY B 349 22.28 1.11 -18.01
C GLY B 349 23.75 0.82 -18.17
N LEU B 350 24.18 -0.40 -17.83
CA LEU B 350 25.55 -0.82 -17.97
C LEU B 350 25.85 -1.42 -19.35
N ILE B 351 24.83 -1.73 -20.14
CA ILE B 351 25.08 -2.32 -21.45
C ILE B 351 25.86 -1.33 -22.30
N GLU B 352 26.88 -1.84 -22.99
CA GLU B 352 27.94 -1.01 -23.54
C GLU B 352 28.15 -1.22 -25.03
N VAL B 353 28.05 -2.46 -25.51
CA VAL B 353 28.22 -2.76 -26.92
C VAL B 353 27.19 -3.81 -27.33
N VAL B 354 26.85 -3.82 -28.62
CA VAL B 354 25.87 -4.75 -29.18
C VAL B 354 26.38 -5.22 -30.53
N THR B 355 26.17 -6.50 -30.82
CA THR B 355 26.51 -7.07 -32.13
C THR B 355 25.28 -7.16 -33.03
N GLY B 356 24.73 -6.01 -33.39
CA GLY B 356 23.57 -6.05 -34.26
C GLY B 356 22.77 -4.76 -34.18
N TYR B 357 21.45 -4.93 -34.01
CA TYR B 357 20.54 -3.80 -34.04
C TYR B 357 20.09 -3.44 -32.63
N VAL B 358 19.41 -2.30 -32.53
CA VAL B 358 18.77 -1.84 -31.31
C VAL B 358 17.42 -1.27 -31.70
N LYS B 359 16.34 -1.99 -31.38
CA LYS B 359 15.04 -1.69 -31.96
C LYS B 359 14.07 -1.25 -30.88
N ILE B 360 13.29 -0.22 -31.20
CA ILE B 360 12.27 0.32 -30.31
C ILE B 360 10.96 0.39 -31.10
N ARG B 361 9.92 -0.24 -30.58
CA ARG B 361 8.67 -0.35 -31.34
C ARG B 361 7.47 -0.10 -30.43
N HIS B 362 6.47 0.61 -30.95
CA HIS B 362 5.19 0.80 -30.24
C HIS B 362 5.40 1.00 -28.75
N SER B 363 6.14 2.04 -28.40
CA SER B 363 6.32 2.41 -27.00
C SER B 363 5.79 3.82 -26.78
N HIS B 364 4.80 3.89 -25.87
CA HIS B 364 4.15 5.16 -25.58
C HIS B 364 4.90 5.97 -24.55
N ALA B 365 5.14 5.41 -23.36
CA ALA B 365 5.68 6.14 -22.23
C ALA B 365 7.18 6.38 -22.33
N LEU B 366 7.86 5.82 -23.32
CA LEU B 366 9.27 6.10 -23.54
C LEU B 366 9.41 7.54 -24.00
N VAL B 367 10.28 8.28 -23.31
CA VAL B 367 10.37 9.72 -23.51
C VAL B 367 11.71 10.16 -24.06
N SER B 368 12.83 9.66 -23.57
CA SER B 368 14.14 10.03 -24.07
C SER B 368 15.11 8.94 -23.65
N LEU B 369 15.82 8.36 -24.62
CA LEU B 369 16.61 7.16 -24.35
C LEU B 369 17.83 7.44 -23.50
N SER B 370 17.96 8.64 -22.96
CA SER B 370 19.00 8.92 -21.99
C SER B 370 19.00 7.94 -20.83
N PHE B 371 17.92 7.17 -20.65
CA PHE B 371 17.88 6.21 -19.54
C PHE B 371 18.68 4.94 -19.81
N LEU B 372 19.43 4.87 -20.92
CA LEU B 372 20.31 3.74 -21.20
C LEU B 372 21.70 4.34 -21.47
N LYS B 373 22.51 4.47 -20.42
CA LYS B 373 23.64 5.38 -20.44
C LYS B 373 24.89 4.83 -21.11
N ASN B 374 25.26 3.58 -20.89
CA ASN B 374 26.64 3.15 -21.20
C ASN B 374 26.83 2.61 -22.61
N LEU B 375 25.80 2.52 -23.43
CA LEU B 375 26.00 2.03 -24.79
C LEU B 375 26.99 2.92 -25.53
N ARG B 376 28.09 2.32 -25.98
CA ARG B 376 29.11 3.07 -26.71
C ARG B 376 29.16 2.74 -28.19
N LEU B 377 29.28 1.46 -28.55
CA LEU B 377 29.44 1.06 -29.93
C LEU B 377 28.39 0.02 -30.27
N ILE B 378 28.04 -0.03 -31.56
CA ILE B 378 27.14 -1.04 -32.10
C ILE B 378 27.85 -1.64 -33.32
N LEU B 379 28.03 -2.95 -33.33
CA LEU B 379 28.73 -3.60 -34.43
C LEU B 379 27.82 -3.76 -35.64
N GLY B 380 26.72 -4.48 -35.47
CA GLY B 380 25.76 -4.66 -36.54
C GLY B 380 25.75 -6.02 -37.20
N GLU B 381 26.48 -7.00 -36.65
CA GLU B 381 26.49 -8.34 -37.25
C GLU B 381 25.08 -8.93 -37.28
N GLU B 382 24.39 -8.89 -36.14
CA GLU B 382 22.99 -9.31 -36.07
C GLU B 382 22.12 -8.18 -36.60
N GLN B 383 21.85 -8.19 -37.89
CA GLN B 383 21.19 -7.07 -38.56
C GLN B 383 19.78 -7.46 -38.97
N LEU B 384 18.99 -6.44 -39.32
CA LEU B 384 17.64 -6.63 -39.81
C LEU B 384 17.61 -6.70 -41.32
N GLU B 385 16.42 -6.85 -41.88
CA GLU B 385 16.24 -6.72 -43.31
C GLU B 385 16.69 -5.34 -43.75
N GLY B 386 17.51 -5.31 -44.81
CA GLY B 386 18.08 -4.05 -45.28
C GLY B 386 19.28 -3.58 -44.49
N ASN B 387 19.78 -4.38 -43.56
CA ASN B 387 20.91 -4.03 -42.71
C ASN B 387 20.64 -2.80 -41.85
N TYR B 388 19.41 -2.64 -41.37
CA TYR B 388 19.08 -1.61 -40.39
C TYR B 388 19.51 -2.10 -39.01
N SER B 389 20.69 -1.66 -38.56
CA SER B 389 21.23 -2.09 -37.28
C SER B 389 20.97 -1.10 -36.16
N PHE B 390 19.99 -0.20 -36.29
CA PHE B 390 19.64 0.68 -35.18
C PHE B 390 18.23 1.22 -35.46
N TYR B 391 17.22 0.66 -34.79
CA TYR B 391 15.82 0.85 -35.20
C TYR B 391 15.03 1.49 -34.08
N VAL B 392 14.15 2.44 -34.44
CA VAL B 392 13.09 2.94 -33.55
C VAL B 392 11.88 3.25 -34.42
N LEU B 393 10.79 2.51 -34.23
CA LEU B 393 9.55 2.77 -34.94
C LEU B 393 8.41 2.88 -33.95
N ASP B 394 7.44 3.72 -34.28
CA ASP B 394 6.21 3.88 -33.49
C ASP B 394 6.55 4.10 -32.02
N ASN B 395 7.50 5.00 -31.77
CA ASN B 395 7.83 5.42 -30.42
C ASN B 395 7.15 6.78 -30.25
N GLN B 396 5.95 6.76 -29.67
CA GLN B 396 5.07 7.92 -29.74
C GLN B 396 5.71 9.14 -29.12
N ASN B 397 6.01 9.08 -27.83
CA ASN B 397 6.42 10.24 -27.06
C ASN B 397 7.93 10.34 -26.85
N LEU B 398 8.71 9.49 -27.51
CA LEU B 398 10.16 9.66 -27.51
C LEU B 398 10.51 11.12 -27.77
N GLN B 399 11.54 11.62 -27.09
CA GLN B 399 11.93 13.02 -27.15
C GLN B 399 13.29 13.19 -27.82
N GLN B 400 14.26 12.37 -27.42
CA GLN B 400 15.64 12.58 -27.79
C GLN B 400 16.47 11.43 -27.26
N LEU B 401 17.55 11.09 -27.97
CA LEU B 401 18.42 9.97 -27.60
C LEU B 401 19.38 10.38 -26.49
N TRP B 402 20.39 9.56 -26.23
CA TRP B 402 21.38 9.89 -25.21
C TRP B 402 21.97 11.27 -25.47
N ASP B 403 22.22 11.99 -24.38
CA ASP B 403 22.89 13.28 -24.46
C ASP B 403 24.04 13.22 -25.46
N TRP B 404 24.09 14.20 -26.36
CA TRP B 404 25.09 14.24 -27.42
C TRP B 404 25.96 15.49 -27.36
N ASP B 405 25.93 16.22 -26.25
CA ASP B 405 26.90 17.31 -26.07
C ASP B 405 28.27 16.77 -25.67
N HIS B 406 28.31 15.71 -24.86
CA HIS B 406 29.56 15.13 -24.39
C HIS B 406 29.70 13.63 -24.69
N ARG B 407 28.60 12.90 -24.81
CA ARG B 407 28.63 11.45 -24.97
C ARG B 407 28.74 11.11 -26.45
N ASN B 408 29.33 9.95 -26.75
CA ASN B 408 29.55 9.51 -28.12
C ASN B 408 29.01 8.11 -28.31
N LEU B 409 28.68 7.79 -29.57
CA LEU B 409 28.13 6.49 -29.92
C LEU B 409 28.60 6.14 -31.33
N THR B 410 28.56 4.85 -31.64
CA THR B 410 29.06 4.37 -32.92
C THR B 410 28.24 3.18 -33.41
N ILE B 411 27.97 3.17 -34.70
CA ILE B 411 27.35 2.04 -35.39
C ILE B 411 28.32 1.58 -36.46
N LYS B 412 28.67 0.29 -36.44
CA LYS B 412 29.72 -0.21 -37.32
C LYS B 412 29.16 -0.79 -38.62
N ALA B 413 28.24 -1.75 -38.51
CA ALA B 413 27.81 -2.52 -39.68
C ALA B 413 26.33 -2.40 -39.96
N GLY B 414 25.77 -1.20 -39.89
CA GLY B 414 24.39 -1.01 -40.27
C GLY B 414 23.96 0.43 -40.14
N LYS B 415 22.70 0.67 -40.49
CA LYS B 415 22.11 2.00 -40.52
C LYS B 415 20.89 2.05 -39.60
N MET B 416 20.14 3.15 -39.65
CA MET B 416 19.02 3.37 -38.75
C MET B 416 17.82 3.90 -39.52
N TYR B 417 16.64 3.52 -39.04
CA TYR B 417 15.37 3.84 -39.69
C TYR B 417 14.34 4.23 -38.64
N PHE B 418 14.26 5.52 -38.33
CA PHE B 418 13.28 6.05 -37.39
C PHE B 418 12.03 6.46 -38.13
N ALA B 419 10.88 5.99 -37.66
CA ALA B 419 9.62 6.37 -38.27
C ALA B 419 8.51 6.36 -37.22
N PHE B 420 7.42 7.04 -37.54
CA PHE B 420 6.29 7.24 -36.64
C PHE B 420 6.75 7.58 -35.22
N ASN B 421 7.49 8.67 -35.11
CA ASN B 421 7.79 9.31 -33.84
C ASN B 421 7.53 10.79 -34.07
N PRO B 422 6.27 11.23 -33.94
CA PRO B 422 5.97 12.64 -34.23
C PRO B 422 6.63 13.59 -33.25
N LYS B 423 7.12 13.10 -32.13
CA LYS B 423 7.81 13.92 -31.14
C LYS B 423 9.31 13.63 -31.12
N LEU B 424 9.90 13.25 -32.25
CA LEU B 424 11.34 13.04 -32.37
C LEU B 424 11.84 14.00 -33.45
N CYS B 425 12.15 15.23 -33.04
CA CYS B 425 12.50 16.28 -33.98
C CYS B 425 13.78 15.92 -34.73
N VAL B 426 13.94 16.51 -35.91
CA VAL B 426 15.00 16.10 -36.81
C VAL B 426 16.35 16.66 -36.39
N SER B 427 16.38 17.61 -35.46
CA SER B 427 17.65 18.15 -35.00
C SER B 427 18.45 17.12 -34.22
N GLU B 428 17.76 16.30 -33.42
CA GLU B 428 18.42 15.24 -32.67
C GLU B 428 19.03 14.16 -33.55
N ILE B 429 18.55 13.99 -34.78
CA ILE B 429 18.96 12.88 -35.62
C ILE B 429 19.97 13.37 -36.66
N TYR B 430 19.84 14.63 -37.07
CA TYR B 430 20.85 15.21 -37.97
C TYR B 430 22.22 15.22 -37.31
N ARG B 431 22.27 15.14 -35.98
CA ARG B 431 23.56 15.05 -35.30
C ARG B 431 24.04 13.61 -35.22
N MET B 432 23.12 12.65 -35.17
CA MET B 432 23.50 11.25 -35.15
C MET B 432 24.27 10.87 -36.41
N GLU B 433 23.86 11.41 -37.56
CA GLU B 433 24.50 11.10 -38.83
C GLU B 433 26.01 11.31 -38.78
N GLU B 434 26.48 12.46 -38.28
CA GLU B 434 27.88 12.83 -38.35
C GLU B 434 28.74 12.13 -37.30
N VAL B 435 28.11 11.47 -36.32
CA VAL B 435 28.87 11.01 -35.16
C VAL B 435 29.17 9.51 -35.24
N THR B 436 28.23 8.72 -35.75
CA THR B 436 28.38 7.27 -35.79
C THR B 436 28.89 6.77 -37.13
N GLY B 437 29.55 7.64 -37.90
CA GLY B 437 30.13 7.23 -39.17
C GLY B 437 29.13 6.62 -40.14
N THR B 438 27.98 7.26 -40.31
CA THR B 438 26.92 6.72 -41.16
C THR B 438 26.22 7.82 -41.96
N LYS B 439 26.90 8.95 -42.19
CA LYS B 439 26.23 10.09 -42.82
C LYS B 439 25.62 9.71 -44.17
N GLY B 440 26.42 9.12 -45.05
CA GLY B 440 25.97 8.74 -46.38
C GLY B 440 25.61 7.28 -46.53
N ARG B 441 25.70 6.48 -45.48
CA ARG B 441 25.44 5.05 -45.60
C ARG B 441 24.01 4.77 -46.04
N GLN B 442 23.08 5.69 -45.80
CA GLN B 442 21.68 5.51 -46.14
C GLN B 442 21.12 6.78 -46.76
N SER B 443 19.87 6.69 -47.21
CA SER B 443 19.21 7.80 -47.86
C SER B 443 18.42 8.63 -46.87
N LYS B 444 17.86 9.74 -47.36
CA LYS B 444 17.10 10.65 -46.51
C LYS B 444 15.73 10.12 -46.13
N GLY B 445 15.05 9.39 -47.02
CA GLY B 445 13.76 8.83 -46.66
C GLY B 445 13.84 7.96 -45.42
N ASP B 446 14.98 7.28 -45.24
CA ASP B 446 15.22 6.57 -43.98
C ASP B 446 15.28 7.52 -42.79
N ILE B 447 15.61 8.79 -43.02
CA ILE B 447 15.68 9.80 -41.98
C ILE B 447 14.60 10.83 -42.28
N ASN B 448 13.47 10.34 -42.78
CA ASN B 448 12.42 11.17 -43.37
C ASN B 448 12.15 12.43 -42.57
N THR B 449 11.97 13.55 -43.29
CA THR B 449 11.51 14.79 -42.68
C THR B 449 10.02 14.75 -42.30
N ARG B 450 9.31 13.72 -42.75
CA ARG B 450 7.96 13.39 -42.31
C ARG B 450 8.08 12.68 -40.97
N ASN B 451 7.12 11.80 -40.63
CA ASN B 451 6.83 11.36 -39.28
C ASN B 451 7.92 11.58 -38.24
N ASN B 452 9.19 11.40 -38.57
CA ASN B 452 10.23 11.85 -37.65
C ASN B 452 9.93 13.26 -37.17
N GLY B 453 9.62 13.39 -35.88
CA GLY B 453 9.38 14.70 -35.30
C GLY B 453 8.31 15.50 -36.02
N GLU B 454 7.38 14.82 -36.68
CA GLU B 454 6.32 15.52 -37.41
C GLU B 454 5.68 16.58 -36.54
N ARG B 455 5.10 16.18 -35.41
CA ARG B 455 4.56 17.14 -34.46
C ARG B 455 5.66 17.76 -33.62
N ALA B 456 6.86 17.26 -33.88
CA ALA B 456 8.03 18.05 -33.41
C ALA B 456 8.09 19.41 -34.18
N SER B 457 7.16 19.81 -35.13
CA SER B 457 6.87 21.17 -35.55
C SER B 457 7.65 21.88 -36.56
N CYS B 458 7.03 21.82 -37.72
CA CYS B 458 7.60 22.67 -38.77
C CYS B 458 9.05 23.06 -38.47
N GLU B 459 9.30 24.35 -38.33
CA GLU B 459 10.64 24.85 -38.04
C GLU B 459 10.49 26.09 -37.16
N SER B 460 10.77 25.95 -35.88
CA SER B 460 10.44 26.98 -34.91
C SER B 460 11.48 28.09 -34.88
N ASP B 461 11.00 29.33 -34.78
CA ASP B 461 11.84 30.50 -34.55
C ASP B 461 11.91 30.79 -33.06
N VAL B 462 12.40 31.97 -32.69
CA VAL B 462 12.64 32.35 -31.31
C VAL B 462 11.87 33.62 -31.01
N LEU B 463 11.20 33.65 -29.86
CA LEU B 463 10.58 34.87 -29.36
C LEU B 463 11.57 35.65 -28.50
N HIS B 464 11.70 36.94 -28.80
CA HIS B 464 12.76 37.77 -28.28
C HIS B 464 12.30 38.44 -26.98
N PHE B 465 13.03 38.18 -25.91
CA PHE B 465 12.74 38.73 -24.58
C PHE B 465 12.88 40.24 -24.62
N THR B 466 11.81 40.96 -24.27
CA THR B 466 11.87 42.41 -24.29
C THR B 466 12.57 42.95 -23.05
N SER B 467 12.20 42.44 -21.86
CA SER B 467 12.89 42.78 -20.63
C SER B 467 12.65 41.67 -19.63
N THR B 468 13.43 41.69 -18.55
CA THR B 468 13.31 40.68 -17.50
C THR B 468 13.33 41.39 -16.15
N THR B 469 12.16 41.88 -15.73
CA THR B 469 11.96 42.24 -14.34
C THR B 469 11.94 40.97 -13.49
N THR B 470 12.14 41.13 -12.18
CA THR B 470 12.15 39.99 -11.28
C THR B 470 11.75 40.42 -9.87
N SER B 471 11.69 39.46 -8.96
CA SER B 471 11.09 39.69 -7.64
C SER B 471 11.60 38.64 -6.65
N LYS B 472 10.86 38.46 -5.55
CA LYS B 472 11.35 37.64 -4.45
C LYS B 472 10.51 36.39 -4.18
N ASN B 473 9.31 36.27 -4.78
CA ASN B 473 8.72 34.97 -5.07
C ASN B 473 7.98 34.96 -6.39
N ARG B 474 8.38 35.80 -7.34
CA ARG B 474 7.56 36.11 -8.49
C ARG B 474 8.43 36.62 -9.62
N ILE B 475 8.78 35.74 -10.54
CA ILE B 475 9.53 36.11 -11.73
C ILE B 475 8.66 37.03 -12.58
N ILE B 476 9.31 37.75 -13.49
CA ILE B 476 8.64 38.38 -14.61
C ILE B 476 9.51 38.15 -15.83
N ILE B 477 8.90 38.17 -17.01
CA ILE B 477 9.63 38.38 -18.24
C ILE B 477 8.63 38.75 -19.33
N THR B 478 9.12 39.48 -20.32
CA THR B 478 8.31 39.89 -21.45
C THR B 478 9.11 39.59 -22.72
N TRP B 479 8.40 39.36 -23.82
CA TRP B 479 9.06 38.95 -25.04
C TRP B 479 8.31 39.49 -26.24
N HIS B 480 8.97 39.40 -27.40
CA HIS B 480 8.53 40.05 -28.62
C HIS B 480 7.06 39.72 -28.89
N ARG B 481 6.35 40.70 -29.43
CA ARG B 481 4.97 40.50 -29.89
C ARG B 481 5.01 39.64 -31.15
N TYR B 482 4.38 38.46 -31.08
CA TYR B 482 4.45 37.50 -32.17
C TYR B 482 3.63 37.96 -33.37
N ARG B 483 4.26 37.91 -34.55
CA ARG B 483 3.62 38.34 -35.80
C ARG B 483 3.75 37.24 -36.84
N PRO B 484 2.77 36.34 -36.95
CA PRO B 484 2.87 35.23 -37.92
C PRO B 484 2.64 35.73 -39.34
N PRO B 485 2.77 34.84 -40.32
CA PRO B 485 2.38 35.24 -41.70
C PRO B 485 0.93 35.68 -41.78
N ASP B 486 0.04 35.05 -41.01
CA ASP B 486 -1.36 35.43 -40.92
C ASP B 486 -1.72 35.59 -39.45
N TYR B 487 -2.17 36.79 -39.07
CA TYR B 487 -2.32 37.11 -37.66
C TYR B 487 -3.33 36.20 -36.96
N ARG B 488 -4.38 35.75 -37.67
CA ARG B 488 -5.39 34.93 -37.02
C ARG B 488 -4.84 33.59 -36.55
N ASP B 489 -3.66 33.18 -37.04
CA ASP B 489 -3.11 31.87 -36.73
C ASP B 489 -2.86 31.68 -35.23
N LEU B 490 -1.95 32.49 -34.67
CA LEU B 490 -1.56 32.31 -33.29
C LEU B 490 -2.74 32.55 -32.35
N ILE B 491 -2.78 31.80 -31.24
CA ILE B 491 -3.84 31.96 -30.25
C ILE B 491 -3.32 32.24 -28.85
N SER B 492 -2.13 31.79 -28.47
CA SER B 492 -1.65 32.01 -27.11
C SER B 492 -0.18 31.61 -27.00
N PHE B 493 0.36 31.79 -25.80
CA PHE B 493 1.77 31.56 -25.49
C PHE B 493 1.87 30.67 -24.25
N THR B 494 2.25 29.43 -24.43
CA THR B 494 2.53 28.55 -23.30
C THR B 494 3.94 28.87 -22.77
N VAL B 495 4.00 29.31 -21.52
CA VAL B 495 5.23 29.83 -20.92
C VAL B 495 5.70 28.77 -19.92
N TYR B 496 6.89 28.24 -20.15
CA TYR B 496 7.41 27.15 -19.33
C TYR B 496 8.14 27.70 -18.10
N TYR B 497 8.29 26.84 -17.09
CA TYR B 497 9.22 27.15 -16.02
C TYR B 497 9.46 25.90 -15.18
N LYS B 498 10.73 25.58 -14.97
CA LYS B 498 11.14 24.58 -13.99
C LYS B 498 12.40 25.10 -13.32
N GLU B 499 12.94 24.29 -12.40
CA GLU B 499 14.09 24.71 -11.61
C GLU B 499 15.33 23.94 -12.04
N ALA B 500 16.03 24.49 -13.04
CA ALA B 500 17.24 23.87 -13.61
C ALA B 500 18.44 24.73 -13.25
N PRO B 501 18.96 24.60 -12.03
CA PRO B 501 20.15 25.37 -11.67
C PRO B 501 21.33 24.99 -12.53
N PHE B 502 21.47 23.70 -12.80
CA PHE B 502 22.62 23.13 -13.49
C PHE B 502 22.33 23.08 -14.98
N LYS B 503 23.07 23.89 -15.75
CA LYS B 503 22.70 24.14 -17.14
C LYS B 503 22.42 22.86 -17.92
N ASN B 504 22.88 21.71 -17.43
CA ASN B 504 22.57 20.44 -18.09
C ASN B 504 21.13 20.06 -17.76
N VAL B 505 20.21 20.76 -18.44
CA VAL B 505 18.80 20.37 -18.57
C VAL B 505 18.29 21.01 -19.85
N THR B 506 17.77 20.18 -20.74
CA THR B 506 17.42 20.63 -22.08
C THR B 506 15.90 20.77 -22.15
N GLU B 507 15.42 21.44 -23.20
CA GLU B 507 14.00 21.74 -23.30
C GLU B 507 13.15 20.48 -23.27
N TYR B 508 13.77 19.31 -23.45
CA TYR B 508 13.02 18.06 -23.55
C TYR B 508 13.37 17.03 -22.48
N ASP B 509 13.47 17.42 -21.21
CA ASP B 509 13.69 16.45 -20.16
C ASP B 509 12.36 15.89 -19.65
N GLY B 510 11.38 16.76 -19.36
CA GLY B 510 10.18 16.37 -18.64
C GLY B 510 8.83 16.94 -19.07
N GLN B 511 8.58 17.16 -20.36
CA GLN B 511 7.56 18.13 -20.73
C GLN B 511 6.14 17.79 -20.25
N ASP B 512 5.45 16.86 -20.91
CA ASP B 512 4.12 16.44 -20.46
C ASP B 512 3.80 15.09 -21.06
N ALA B 513 4.09 14.02 -20.31
CA ALA B 513 3.68 12.65 -20.63
C ALA B 513 4.32 12.21 -21.94
N CYS B 514 4.85 13.17 -22.70
CA CYS B 514 5.69 12.86 -23.84
C CYS B 514 7.13 12.70 -23.43
N GLY B 515 7.70 13.73 -22.82
CA GLY B 515 9.02 13.71 -22.27
C GLY B 515 9.11 13.48 -20.78
N SER B 516 8.09 12.87 -20.18
CA SER B 516 7.91 12.87 -18.73
C SER B 516 7.27 14.18 -18.31
N ASN B 517 7.11 14.42 -17.00
CA ASN B 517 6.37 15.58 -16.50
C ASN B 517 7.21 16.29 -15.44
N SER B 518 8.04 17.24 -15.88
CA SER B 518 8.84 18.05 -14.96
C SER B 518 8.69 19.55 -15.16
N TRP B 519 8.59 20.07 -16.39
CA TRP B 519 8.47 21.50 -16.62
C TRP B 519 7.02 21.93 -16.42
N ASN B 520 6.69 22.36 -15.21
CA ASN B 520 5.30 22.57 -14.80
C ASN B 520 4.72 23.82 -15.46
N MET B 521 4.13 23.64 -16.64
CA MET B 521 3.63 24.73 -17.48
C MET B 521 2.61 25.61 -16.77
N VAL B 522 2.47 26.84 -17.28
CA VAL B 522 1.30 27.69 -17.08
C VAL B 522 1.29 28.65 -18.26
N ASP B 523 0.11 29.20 -18.58
CA ASP B 523 -0.07 30.00 -19.79
C ASP B 523 -0.90 31.24 -19.50
N VAL B 524 -0.72 32.25 -20.37
CA VAL B 524 -1.51 33.48 -20.34
C VAL B 524 -1.57 34.01 -21.77
N ASP B 525 -2.63 34.75 -22.07
CA ASP B 525 -2.92 35.20 -23.43
C ASP B 525 -2.30 36.57 -23.70
N LEU B 526 -2.18 36.89 -24.99
CA LEU B 526 -1.80 38.23 -25.41
C LEU B 526 -2.89 39.22 -24.97
N PRO B 527 -2.53 40.43 -24.54
CA PRO B 527 -3.54 41.40 -24.16
C PRO B 527 -4.33 41.86 -25.39
N PRO B 528 -5.58 42.27 -25.21
CA PRO B 528 -6.35 42.75 -26.37
C PRO B 528 -5.72 43.96 -27.05
N ASN B 529 -4.98 44.77 -26.30
CA ASN B 529 -4.34 45.94 -26.85
C ASN B 529 -3.09 45.53 -27.64
N LYS B 530 -3.13 45.73 -28.96
CA LYS B 530 -1.98 45.40 -29.79
C LYS B 530 -0.78 46.30 -29.51
N ASP B 531 -1.00 47.43 -28.84
CA ASP B 531 0.10 48.33 -28.50
C ASP B 531 0.84 47.90 -27.23
N VAL B 532 0.28 46.98 -26.45
CA VAL B 532 0.92 46.46 -25.24
C VAL B 532 1.48 45.08 -25.59
N GLU B 533 2.78 44.92 -25.43
CA GLU B 533 3.44 43.69 -25.84
C GLU B 533 3.05 42.54 -24.90
N PRO B 534 3.24 41.30 -25.33
CA PRO B 534 2.98 40.17 -24.42
C PRO B 534 3.98 40.15 -23.28
N GLY B 535 3.48 40.47 -22.09
CA GLY B 535 4.29 40.41 -20.89
C GLY B 535 3.50 39.73 -19.80
N ILE B 536 4.20 38.96 -18.97
CA ILE B 536 3.57 38.05 -18.03
C ILE B 536 4.18 38.23 -16.66
N LEU B 537 3.45 37.76 -15.64
CA LEU B 537 3.89 37.80 -14.25
C LEU B 537 3.63 36.41 -13.66
N LEU B 538 4.64 35.55 -13.74
CA LEU B 538 4.58 34.27 -13.02
C LEU B 538 4.41 34.55 -11.55
N HIS B 539 4.12 33.50 -10.78
CA HIS B 539 4.19 33.59 -9.33
C HIS B 539 3.96 32.20 -8.75
N GLY B 540 4.07 32.10 -7.43
CA GLY B 540 3.98 30.82 -6.76
C GLY B 540 5.19 29.94 -6.98
N LEU B 541 6.35 30.55 -7.26
CA LEU B 541 7.57 29.81 -7.55
C LEU B 541 8.35 29.58 -6.26
N LYS B 542 8.51 28.31 -5.89
CA LYS B 542 9.33 27.95 -4.74
C LYS B 542 10.68 28.67 -4.83
N PRO B 543 11.32 29.02 -3.71
CA PRO B 543 12.63 29.67 -3.76
C PRO B 543 13.76 28.78 -4.31
N TRP B 544 14.98 29.35 -4.33
CA TRP B 544 16.19 28.66 -4.80
C TRP B 544 16.03 28.03 -6.18
N THR B 545 16.04 28.83 -7.23
CA THR B 545 16.84 28.40 -8.37
C THR B 545 16.65 29.38 -9.52
N GLN B 546 17.38 29.15 -10.60
CA GLN B 546 16.99 29.59 -11.92
C GLN B 546 15.75 28.81 -12.32
N TYR B 547 14.61 29.24 -11.77
CA TYR B 547 13.35 28.64 -12.21
C TYR B 547 13.16 29.08 -13.65
N ALA B 548 13.84 28.37 -14.54
CA ALA B 548 14.19 28.92 -15.83
C ALA B 548 12.93 29.27 -16.61
N VAL B 549 13.13 29.90 -17.77
CA VAL B 549 12.03 30.36 -18.59
C VAL B 549 12.44 30.22 -20.05
N TYR B 550 11.45 30.05 -20.91
CA TYR B 550 11.59 30.13 -22.35
C TYR B 550 10.19 30.02 -22.91
N VAL B 551 10.01 30.46 -24.15
CA VAL B 551 8.69 30.74 -24.68
C VAL B 551 8.48 29.92 -25.95
N LYS B 552 7.43 29.11 -25.95
CA LYS B 552 6.87 28.55 -27.17
C LYS B 552 5.41 29.00 -27.23
N ALA B 553 4.81 28.85 -28.40
CA ALA B 553 3.42 29.26 -28.60
C ALA B 553 2.61 28.03 -29.01
N VAL B 554 1.41 27.91 -28.46
CA VAL B 554 0.49 26.87 -28.90
C VAL B 554 -0.27 27.39 -30.12
N THR B 555 0.12 26.90 -31.30
CA THR B 555 -0.29 27.51 -32.55
C THR B 555 -1.11 26.51 -33.36
N LEU B 556 -1.45 26.91 -34.59
CA LEU B 556 -2.42 26.23 -35.42
C LEU B 556 -1.74 25.84 -36.73
N THR B 557 -1.75 24.56 -37.07
CA THR B 557 -1.05 24.07 -38.26
C THR B 557 -2.02 23.36 -39.18
N MET B 558 -2.40 24.01 -40.27
CA MET B 558 -3.23 23.38 -41.30
C MET B 558 -3.41 24.33 -42.47
N VAL B 559 -3.99 23.80 -43.54
CA VAL B 559 -4.12 24.48 -44.84
C VAL B 559 -2.72 24.70 -45.41
N GLU B 560 -1.92 25.52 -44.74
CA GLU B 560 -0.54 25.76 -45.14
C GLU B 560 0.44 24.91 -44.35
N ASN B 561 0.09 24.52 -43.12
CA ASN B 561 0.87 23.55 -42.35
C ASN B 561 2.33 23.98 -42.23
N ASP B 562 3.20 23.44 -43.11
CA ASP B 562 4.62 23.76 -43.01
C ASP B 562 4.87 25.26 -43.01
N HIS B 563 4.06 26.02 -43.75
CA HIS B 563 4.18 27.47 -43.72
C HIS B 563 3.92 28.04 -42.33
N ILE B 564 3.11 27.34 -41.52
CA ILE B 564 2.86 27.79 -40.16
C ILE B 564 4.14 27.61 -39.37
N ARG B 565 4.75 28.73 -38.99
CA ARG B 565 6.09 28.76 -38.44
C ARG B 565 6.17 28.34 -36.98
N GLY B 566 5.20 28.71 -36.15
CA GLY B 566 5.31 28.48 -34.72
C GLY B 566 6.52 29.22 -34.18
N ALA B 567 6.96 28.88 -32.97
CA ALA B 567 8.17 29.51 -32.43
C ALA B 567 8.55 28.85 -31.12
N LYS B 568 9.86 28.89 -30.84
CA LYS B 568 10.44 28.36 -29.62
C LYS B 568 11.69 29.17 -29.31
N SER B 569 11.71 29.81 -28.15
CA SER B 569 12.82 30.68 -27.81
C SER B 569 13.91 29.88 -27.09
N GLU B 570 14.99 30.57 -26.76
CA GLU B 570 16.14 29.91 -26.16
C GLU B 570 15.90 29.72 -24.66
N ILE B 571 16.63 28.78 -24.07
CA ILE B 571 16.38 28.33 -22.71
C ILE B 571 17.10 29.24 -21.74
N LEU B 572 16.48 30.35 -21.37
CA LEU B 572 17.12 31.27 -20.45
C LEU B 572 16.95 30.79 -19.01
N TYR B 573 17.91 31.19 -18.17
CA TYR B 573 18.03 30.74 -16.79
C TYR B 573 18.03 31.94 -15.84
N ILE B 574 16.97 32.73 -15.94
CA ILE B 574 16.62 33.72 -14.92
C ILE B 574 16.85 33.03 -13.59
N ARG B 575 17.28 33.78 -12.57
CA ARG B 575 17.94 33.19 -11.41
C ARG B 575 17.31 33.77 -10.14
N THR B 576 18.02 33.61 -9.02
CA THR B 576 17.66 34.34 -7.82
C THR B 576 18.43 35.65 -7.75
N ASN B 577 17.81 36.64 -7.10
CA ASN B 577 17.91 38.05 -7.50
C ASN B 577 17.03 38.32 -8.70
N ALA B 578 16.55 37.23 -9.31
CA ALA B 578 15.27 37.24 -10.00
C ALA B 578 14.16 36.75 -9.08
N SER B 579 14.36 35.59 -8.45
CA SER B 579 13.57 35.16 -7.31
C SER B 579 14.29 35.65 -6.05
N VAL B 580 14.29 36.97 -5.87
CA VAL B 580 15.10 37.68 -4.88
C VAL B 580 14.93 37.14 -3.46
N PRO B 581 15.99 37.21 -2.64
CA PRO B 581 16.10 36.33 -1.46
C PRO B 581 15.26 36.65 -0.23
N SER B 582 15.43 35.83 0.81
CA SER B 582 14.59 35.84 2.03
C SER B 582 15.39 35.28 3.21
N ILE B 583 14.69 34.84 4.26
CA ILE B 583 15.19 34.74 5.63
C ILE B 583 15.89 33.42 5.99
N PRO B 584 16.45 33.30 7.23
CA PRO B 584 17.31 32.16 7.59
C PRO B 584 16.62 30.90 8.11
N LEU B 585 17.44 29.93 8.53
CA LEU B 585 17.04 28.66 9.13
C LEU B 585 18.09 28.17 10.11
N ASP B 586 17.68 27.20 10.93
CA ASP B 586 18.58 26.27 11.62
C ASP B 586 19.75 27.01 12.26
N VAL B 587 19.38 27.88 13.20
CA VAL B 587 20.33 28.68 13.94
C VAL B 587 20.79 27.89 15.16
N LEU B 588 22.11 27.79 15.33
CA LEU B 588 22.68 27.12 16.49
C LEU B 588 24.04 27.71 16.79
N SER B 589 24.50 27.49 18.01
CA SER B 589 25.80 27.99 18.47
C SER B 589 26.04 27.42 19.86
N ALA B 590 27.31 27.39 20.26
CA ALA B 590 27.68 26.85 21.56
C ALA B 590 28.95 27.53 22.03
N SER B 591 29.24 27.37 23.32
CA SER B 591 30.38 28.02 23.97
C SER B 591 31.39 26.94 24.36
N ASN B 592 32.42 26.79 23.53
CA ASN B 592 33.50 25.86 23.85
C ASN B 592 34.46 26.43 24.89
N SER B 593 34.69 27.75 24.85
CA SER B 593 35.66 28.39 25.73
C SER B 593 35.17 29.77 26.12
N SER B 594 35.71 30.28 27.22
CA SER B 594 35.35 31.60 27.70
C SER B 594 35.80 32.66 26.69
N SER B 595 34.99 33.70 26.54
CA SER B 595 35.21 34.74 25.55
C SER B 595 35.34 34.17 24.15
N GLN B 596 34.66 33.05 23.90
CA GLN B 596 34.61 32.41 22.59
C GLN B 596 33.27 31.73 22.44
N LEU B 597 32.76 31.70 21.21
CA LEU B 597 31.45 31.10 20.94
C LEU B 597 31.38 30.75 19.46
N ILE B 598 31.27 29.45 19.17
CA ILE B 598 31.14 28.97 17.80
C ILE B 598 29.69 29.15 17.37
N VAL B 599 29.49 29.77 16.21
CA VAL B 599 28.17 29.96 15.63
C VAL B 599 28.12 29.22 14.30
N LYS B 600 27.16 28.31 14.19
CA LYS B 600 26.94 27.57 12.95
C LYS B 600 25.45 27.50 12.64
N TRP B 601 25.13 27.55 11.36
CA TRP B 601 23.77 27.36 10.87
C TRP B 601 23.86 26.66 9.53
N ASN B 602 22.75 26.60 8.81
CA ASN B 602 22.64 25.87 7.56
C ASN B 602 22.10 26.79 6.47
N PRO B 603 22.29 26.43 5.20
CA PRO B 603 21.73 27.25 4.11
C PRO B 603 20.22 27.30 4.20
N PRO B 604 19.63 28.45 4.53
CA PRO B 604 18.18 28.51 4.75
C PRO B 604 17.38 28.08 3.53
N SER B 605 16.13 27.68 3.81
CA SER B 605 15.30 26.95 2.86
C SER B 605 14.43 27.89 2.04
N LEU B 606 14.07 29.03 2.59
CA LEU B 606 13.34 30.00 1.78
C LEU B 606 14.06 31.33 1.68
N PRO B 607 15.35 31.38 1.33
CA PRO B 607 15.98 32.65 1.04
C PRO B 607 15.89 33.05 -0.42
N ASN B 608 15.07 32.38 -1.23
CA ASN B 608 14.83 32.83 -2.60
C ASN B 608 16.14 33.26 -3.24
N GLY B 609 17.09 32.33 -3.31
CA GLY B 609 18.48 32.72 -3.50
C GLY B 609 19.44 31.63 -3.88
N ASN B 610 20.71 32.01 -4.00
CA ASN B 610 21.82 31.08 -3.87
C ASN B 610 22.98 31.83 -3.20
N LEU B 611 23.73 31.08 -2.41
CA LEU B 611 24.68 31.61 -1.44
C LEU B 611 25.47 32.82 -1.95
N SER B 612 25.52 33.90 -1.16
CA SER B 612 26.49 34.96 -1.38
C SER B 612 27.33 35.24 -0.14
N TYR B 613 26.70 35.51 1.01
CA TYR B 613 27.43 35.80 2.24
C TYR B 613 26.46 35.93 3.41
N TYR B 614 26.88 35.49 4.60
CA TYR B 614 26.01 35.38 5.77
C TYR B 614 26.45 36.36 6.86
N ILE B 615 25.47 36.92 7.56
CA ILE B 615 25.70 37.89 8.63
C ILE B 615 24.96 37.44 9.88
N VAL B 616 25.66 37.48 11.02
CA VAL B 616 25.06 37.24 12.32
C VAL B 616 25.31 38.47 13.19
N ARG B 617 24.25 39.00 13.79
CA ARG B 617 24.35 40.09 14.76
C ARG B 617 24.21 39.50 16.15
N TRP B 618 25.27 39.63 16.96
CA TRP B 618 25.24 39.18 18.34
C TRP B 618 25.37 40.38 19.27
N GLN B 619 24.42 40.49 20.20
CA GLN B 619 24.34 41.60 21.13
C GLN B 619 24.34 41.03 22.54
N ARG B 620 25.18 41.58 23.41
CA ARG B 620 25.17 41.18 24.81
C ARG B 620 23.78 41.43 25.40
N GLN B 621 23.28 40.44 26.14
CA GLN B 621 21.94 40.53 26.68
C GLN B 621 21.98 40.80 28.18
N PRO B 622 20.96 41.46 28.73
CA PRO B 622 21.03 41.90 30.13
C PRO B 622 20.86 40.74 31.09
N GLN B 623 21.44 40.91 32.28
CA GLN B 623 21.14 40.04 33.42
C GLN B 623 19.98 40.68 34.16
N ASP B 624 18.79 40.11 34.00
CA ASP B 624 17.56 40.77 34.42
C ASP B 624 17.61 41.13 35.90
N GLY B 625 17.13 42.35 36.21
CA GLY B 625 17.02 42.76 37.60
C GLY B 625 16.04 41.93 38.40
N TYR B 626 15.17 41.17 37.72
CA TYR B 626 14.29 40.24 38.40
C TYR B 626 15.08 39.31 39.31
N LEU B 627 16.20 38.80 38.80
CA LEU B 627 17.04 37.92 39.60
C LEU B 627 17.76 38.70 40.70
N TYR B 628 18.12 39.95 40.43
CA TYR B 628 18.80 40.77 41.44
C TYR B 628 17.90 41.00 42.65
N ARG B 629 16.62 41.28 42.40
CA ARG B 629 15.69 41.69 43.46
C ARG B 629 15.07 40.52 44.20
N HIS B 630 15.64 39.31 44.10
CA HIS B 630 15.10 38.12 44.74
C HIS B 630 16.11 37.56 45.73
N ASN B 631 15.64 37.25 46.93
CA ASN B 631 16.47 36.63 47.97
C ASN B 631 16.36 35.11 47.82
N TYR B 632 17.40 34.49 47.26
CA TYR B 632 17.38 33.05 47.03
C TYR B 632 17.82 32.24 48.24
N CYS B 633 18.27 32.89 49.31
CA CYS B 633 18.61 32.15 50.52
C CYS B 633 17.38 31.49 51.13
N SER B 634 16.21 32.11 50.99
CA SER B 634 14.96 31.56 51.49
C SER B 634 14.00 31.12 50.40
N LYS B 635 14.14 31.63 49.18
CA LYS B 635 13.26 31.23 48.09
C LYS B 635 13.45 29.75 47.78
N ASP B 636 12.34 29.05 47.62
CA ASP B 636 12.35 27.62 47.34
C ASP B 636 11.44 27.19 46.20
N LYS B 666 5.71 -2.20 9.23
CA LYS B 666 6.00 -3.32 10.12
C LYS B 666 6.28 -2.83 11.53
N GLY B 667 5.25 -2.33 12.20
CA GLY B 667 5.41 -1.73 13.50
C GLY B 667 4.33 -2.12 14.49
N PRO B 668 3.72 -1.12 15.13
CA PRO B 668 2.78 -1.40 16.22
C PRO B 668 1.54 -2.18 15.80
N CYS B 669 1.44 -2.54 14.52
CA CYS B 669 0.26 -3.26 14.05
C CYS B 669 0.13 -4.64 14.67
N CYS B 670 1.06 -5.04 15.54
CA CYS B 670 0.84 -6.23 16.35
C CYS B 670 -0.37 -6.04 17.25
N ALA B 671 -0.77 -4.78 17.49
CA ALA B 671 -1.99 -4.43 18.20
C ALA B 671 -2.68 -3.26 17.52
N CYS B 672 -2.48 -3.13 16.20
CA CYS B 672 -3.04 -2.01 15.45
C CYS B 672 -4.56 -2.03 15.53
N PRO B 673 -5.21 -0.93 15.96
CA PRO B 673 -6.67 -0.94 16.05
C PRO B 673 -7.33 -1.00 14.67
N LYS B 674 -6.87 -0.17 13.75
CA LYS B 674 -7.43 -0.15 12.40
C LYS B 674 -6.61 0.83 11.58
N THR B 675 -6.72 0.72 10.25
CA THR B 675 -6.06 1.63 9.32
C THR B 675 -7.14 2.52 8.72
N GLU B 676 -7.19 3.77 9.18
CA GLU B 676 -8.34 4.64 8.88
C GLU B 676 -8.27 5.11 7.43
N ALA B 677 -8.94 4.34 6.57
CA ALA B 677 -9.21 4.80 5.22
C ALA B 677 -10.15 6.00 5.23
N GLU B 678 -10.82 6.26 6.35
CA GLU B 678 -11.61 7.47 6.54
C GLU B 678 -10.74 8.69 6.86
N LYS B 679 -9.43 8.61 6.59
CA LYS B 679 -8.60 9.80 6.70
C LYS B 679 -9.11 10.92 5.81
N GLN B 680 -9.70 10.58 4.66
CA GLN B 680 -10.32 11.60 3.82
C GLN B 680 -11.51 12.24 4.51
N ALA B 681 -12.35 11.44 5.16
CA ALA B 681 -13.48 12.00 5.90
C ALA B 681 -12.99 12.89 7.03
N GLU B 682 -11.92 12.48 7.70
CA GLU B 682 -11.28 13.35 8.69
C GLU B 682 -10.79 14.64 8.05
N LYS B 683 -10.28 14.55 6.81
CA LYS B 683 -9.88 15.75 6.08
C LYS B 683 -11.07 16.70 5.91
N GLU B 684 -12.21 16.18 5.47
CA GLU B 684 -13.36 17.06 5.27
C GLU B 684 -13.85 17.63 6.58
N GLU B 685 -13.85 16.83 7.65
CA GLU B 685 -14.30 17.34 8.95
C GLU B 685 -13.38 18.43 9.45
N ALA B 686 -12.06 18.25 9.27
CA ALA B 686 -11.11 19.29 9.67
C ALA B 686 -11.29 20.54 8.82
N GLU B 687 -11.55 20.38 7.53
CA GLU B 687 -11.82 21.55 6.68
C GLU B 687 -13.06 22.29 7.14
N TYR B 688 -14.12 21.55 7.48
CA TYR B 688 -15.33 22.19 7.99
C TYR B 688 -15.04 22.95 9.28
N ARG B 689 -14.28 22.33 10.19
CA ARG B 689 -13.94 23.00 11.44
C ARG B 689 -13.14 24.27 11.18
N LYS B 690 -12.14 24.19 10.30
CA LYS B 690 -11.30 25.35 10.02
C LYS B 690 -12.10 26.47 9.37
N VAL B 691 -12.98 26.14 8.43
CA VAL B 691 -13.79 27.19 7.79
C VAL B 691 -14.76 27.79 8.79
N PHE B 692 -15.31 26.97 9.69
CA PHE B 692 -16.19 27.50 10.72
C PHE B 692 -15.44 28.46 11.62
N GLU B 693 -14.22 28.10 12.03
CA GLU B 693 -13.41 29.03 12.81
C GLU B 693 -13.05 30.28 12.02
N ASN B 694 -12.87 30.16 10.70
CA ASN B 694 -12.54 31.32 9.89
C ASN B 694 -13.70 32.32 9.87
N PHE B 695 -14.90 31.84 9.54
CA PHE B 695 -16.06 32.72 9.58
C PHE B 695 -16.34 33.22 10.99
N LEU B 696 -16.02 32.40 11.99
CA LEU B 696 -16.14 32.78 13.39
C LEU B 696 -15.27 34.00 13.71
N HIS B 697 -13.97 33.89 13.39
CA HIS B 697 -13.04 35.01 13.51
C HIS B 697 -13.49 36.23 12.73
N ASN B 698 -13.99 36.05 11.50
CA ASN B 698 -14.34 37.21 10.68
C ASN B 698 -15.39 38.08 11.34
N SER B 699 -16.39 37.47 11.99
CA SER B 699 -17.58 38.21 12.40
C SER B 699 -17.69 38.37 13.91
N ILE B 700 -16.75 37.82 14.69
CA ILE B 700 -16.83 38.04 16.13
C ILE B 700 -16.49 39.48 16.49
N PHE B 701 -15.44 40.03 15.90
CA PHE B 701 -15.01 41.39 16.16
C PHE B 701 -15.45 42.29 15.03
N VAL B 702 -16.19 43.36 15.36
CA VAL B 702 -16.58 44.38 14.40
C VAL B 702 -15.32 44.98 13.80
N PRO B 703 -15.43 45.77 12.72
CA PRO B 703 -14.23 46.38 12.14
C PRO B 703 -13.30 46.95 13.20
N ARG B 704 -12.09 46.39 13.30
CA ARG B 704 -11.16 46.68 14.38
C ARG B 704 -9.80 47.06 13.79
N GLU B 744 20.49 47.42 25.40
CA GLU B 744 21.38 48.13 26.31
C GLU B 744 22.84 47.85 25.97
N TYR B 745 23.07 46.95 25.02
CA TYR B 745 24.40 46.64 24.54
C TYR B 745 24.42 46.82 23.04
N PRO B 746 25.59 47.05 22.44
CA PRO B 746 25.67 47.28 21.00
C PRO B 746 25.58 46.00 20.19
N PHE B 747 25.24 46.18 18.90
CA PHE B 747 25.23 45.08 17.96
C PHE B 747 26.60 44.92 17.31
N PHE B 748 27.13 43.70 17.38
CA PHE B 748 28.41 43.36 16.76
C PHE B 748 28.14 42.54 15.50
N GLU B 749 28.86 42.83 14.43
CA GLU B 749 28.63 42.19 13.14
C GLU B 749 29.90 41.55 12.63
N SER B 750 29.80 40.28 12.22
CA SER B 750 30.90 39.60 11.54
C SER B 750 30.29 38.74 10.43
N ARG B 751 30.21 39.31 9.22
CA ARG B 751 29.72 38.56 8.08
C ARG B 751 30.59 37.33 7.86
N VAL B 752 29.94 36.17 7.66
CA VAL B 752 30.64 35.04 7.08
C VAL B 752 30.88 35.33 5.61
N ASP B 753 31.76 34.53 5.00
CA ASP B 753 32.13 34.77 3.60
C ASP B 753 31.21 33.97 2.67
N ASN B 754 31.20 32.64 2.81
CA ASN B 754 30.32 31.80 2.02
C ASN B 754 29.73 30.67 2.83
N LYS B 755 30.27 30.39 4.01
CA LYS B 755 29.79 29.27 4.80
C LYS B 755 28.79 29.78 5.85
N GLU B 756 28.02 28.85 6.41
CA GLU B 756 27.04 29.15 7.45
C GLU B 756 27.62 28.95 8.84
N ARG B 757 28.93 29.11 8.95
CA ARG B 757 29.65 28.93 10.22
C ARG B 757 30.47 30.17 10.50
N THR B 758 30.71 30.42 11.78
CA THR B 758 31.61 31.49 12.19
C THR B 758 31.85 31.35 13.68
N VAL B 759 32.76 32.16 14.21
CA VAL B 759 33.10 32.14 15.62
C VAL B 759 33.06 33.56 16.15
N ILE B 760 32.72 33.68 17.43
CA ILE B 760 32.65 34.96 18.11
C ILE B 760 33.50 34.89 19.36
N SER B 761 34.36 35.87 19.54
CA SER B 761 35.30 35.93 20.65
C SER B 761 35.28 37.32 21.27
N ASN B 762 36.20 37.55 22.21
CA ASN B 762 36.27 38.80 22.95
C ASN B 762 34.95 39.08 23.67
N LEU B 763 34.47 38.07 24.40
CA LEU B 763 33.20 38.13 25.09
C LEU B 763 33.43 37.95 26.59
N ARG B 764 32.55 38.57 27.38
CA ARG B 764 32.66 38.42 28.83
C ARG B 764 32.44 36.94 29.18
N PRO B 765 33.21 36.39 30.12
CA PRO B 765 33.20 34.93 30.29
C PRO B 765 31.83 34.28 30.46
N PHE B 766 30.91 34.91 31.19
CA PHE B 766 29.64 34.27 31.54
C PHE B 766 28.47 35.21 31.28
N THR B 767 28.45 35.82 30.09
CA THR B 767 27.34 36.66 29.67
C THR B 767 26.48 35.91 28.67
N LEU B 768 25.17 36.14 28.73
CA LEU B 768 24.22 35.53 27.81
C LEU B 768 24.12 36.37 26.55
N TYR B 769 24.29 35.71 25.40
CA TYR B 769 24.38 36.38 24.11
C TYR B 769 23.19 36.02 23.23
N ARG B 770 22.66 37.01 22.54
CA ARG B 770 21.63 36.81 21.53
C ARG B 770 22.30 36.81 20.17
N ILE B 771 21.88 35.90 19.28
CA ILE B 771 22.56 35.63 18.03
C ILE B 771 21.57 35.80 16.89
N ASP B 772 21.61 36.95 16.22
CA ASP B 772 20.72 37.22 15.11
C ASP B 772 21.38 36.82 13.79
N ILE B 773 21.01 35.64 13.30
CA ILE B 773 21.52 35.10 12.05
C ILE B 773 20.66 35.64 10.92
N HIS B 774 21.29 36.12 9.85
CA HIS B 774 20.60 36.76 8.74
C HIS B 774 20.91 36.04 7.43
N SER B 775 20.04 36.24 6.44
CA SER B 775 20.40 36.06 5.04
C SER B 775 20.72 37.40 4.38
N CYS B 776 21.74 38.08 4.91
CA CYS B 776 22.26 39.28 4.26
C CYS B 776 23.14 38.88 3.08
N ASN B 777 22.50 38.66 1.94
CA ASN B 777 23.14 38.04 0.79
C ASN B 777 23.48 39.12 -0.23
N HIS B 778 23.89 38.67 -1.43
CA HIS B 778 24.27 39.58 -2.51
C HIS B 778 23.33 40.77 -2.62
N GLU B 779 22.02 40.54 -2.51
CA GLU B 779 21.05 41.62 -2.63
C GLU B 779 20.58 42.13 -1.27
N ALA B 780 21.42 41.98 -0.24
CA ALA B 780 21.20 42.74 0.97
C ALA B 780 21.42 44.23 0.75
N GLU B 781 22.18 44.59 -0.30
CA GLU B 781 22.43 45.99 -0.61
C GLU B 781 21.18 46.67 -1.18
N LYS B 782 20.70 46.22 -2.34
CA LYS B 782 19.57 46.87 -2.99
C LYS B 782 18.30 46.74 -2.15
N LEU B 783 17.85 45.50 -1.93
CA LEU B 783 16.56 45.21 -1.31
C LEU B 783 16.68 45.14 0.22
N GLY B 784 17.70 45.76 0.78
CA GLY B 784 17.98 45.62 2.20
C GLY B 784 18.26 44.16 2.52
N CYS B 785 18.65 43.93 3.77
CA CYS B 785 18.94 42.57 4.20
C CYS B 785 17.66 41.75 4.25
N SER B 786 17.83 40.47 4.53
CA SER B 786 16.72 39.60 4.90
C SER B 786 16.24 39.96 6.30
N ALA B 787 15.31 39.16 6.82
CA ALA B 787 14.97 39.29 8.22
C ALA B 787 16.14 38.83 9.08
N SER B 788 15.99 38.97 10.39
CA SER B 788 17.02 38.56 11.34
C SER B 788 16.47 37.42 12.20
N ASN B 789 16.73 36.18 11.78
CA ASN B 789 16.38 35.02 12.59
C ASN B 789 17.40 34.88 13.72
N PHE B 790 16.90 34.58 14.91
CA PHE B 790 17.66 34.85 16.13
C PHE B 790 17.68 33.63 17.04
N VAL B 791 18.73 33.59 17.87
CA VAL B 791 18.89 32.58 18.91
C VAL B 791 19.90 33.13 19.90
N PHE B 792 19.80 32.70 21.15
CA PHE B 792 20.68 33.17 22.20
C PHE B 792 21.47 32.02 22.82
N ALA B 793 22.72 32.31 23.16
CA ALA B 793 23.61 31.31 23.73
C ALA B 793 24.45 31.95 24.83
N ARG B 794 24.84 31.13 25.80
CA ARG B 794 25.66 31.56 26.93
C ARG B 794 27.10 31.14 26.72
N THR B 795 28.01 31.86 27.39
CA THR B 795 29.43 31.57 27.30
C THR B 795 29.85 30.64 28.43
N MET B 796 31.08 30.13 28.34
CA MET B 796 31.58 29.18 29.33
C MET B 796 32.21 29.93 30.49
N PRO B 797 31.78 29.70 31.73
CA PRO B 797 32.23 30.53 32.85
C PRO B 797 33.74 30.50 33.03
N ALA B 798 34.30 31.65 33.40
CA ALA B 798 35.73 31.76 33.65
C ALA B 798 36.13 30.91 34.84
N GLU B 799 37.02 29.94 34.63
CA GLU B 799 37.51 29.11 35.71
C GLU B 799 38.36 29.95 36.66
N GLY B 800 38.08 29.85 37.96
CA GLY B 800 38.83 30.57 38.97
C GLY B 800 38.36 31.97 39.24
N ALA B 801 37.42 32.50 38.45
CA ALA B 801 36.90 33.84 38.70
C ALA B 801 35.85 33.87 39.81
N ASP B 802 35.35 32.72 40.22
CA ASP B 802 34.34 32.63 41.27
C ASP B 802 34.93 32.57 42.67
N ASP B 803 36.23 32.32 42.80
CA ASP B 803 36.85 32.21 44.11
C ASP B 803 36.90 33.56 44.81
N ILE B 804 36.89 33.52 46.13
CA ILE B 804 36.93 34.76 46.92
C ILE B 804 38.29 35.43 46.73
N PRO B 805 38.35 36.74 46.44
CA PRO B 805 39.64 37.35 46.12
C PRO B 805 40.43 37.81 47.34
N GLY B 806 39.77 37.93 48.49
CA GLY B 806 40.41 38.46 49.66
C GLY B 806 40.10 37.67 50.93
N PRO B 807 40.82 37.96 52.00
CA PRO B 807 40.61 37.24 53.26
C PRO B 807 39.33 37.67 53.96
N VAL B 808 38.92 36.86 54.93
CA VAL B 808 37.72 37.12 55.72
C VAL B 808 38.15 37.70 57.06
N THR B 809 37.30 38.55 57.62
CA THR B 809 37.56 39.20 58.90
C THR B 809 36.41 38.92 59.86
N TRP B 810 36.73 38.73 61.13
CA TRP B 810 35.75 38.44 62.17
C TRP B 810 35.90 39.43 63.31
N GLU B 811 34.78 39.79 63.92
CA GLU B 811 34.75 40.72 65.04
C GLU B 811 33.81 40.20 66.11
N PRO B 812 34.07 40.49 67.38
CA PRO B 812 33.16 40.08 68.44
C PRO B 812 31.93 40.98 68.52
N ARG B 813 30.85 40.41 69.04
CA ARG B 813 29.60 41.13 69.22
C ARG B 813 28.94 40.64 70.51
N PRO B 814 28.07 41.44 71.12
CA PRO B 814 27.44 41.03 72.38
C PRO B 814 26.56 39.81 72.18
N GLU B 815 26.09 39.26 73.31
CA GLU B 815 25.25 38.07 73.32
C GLU B 815 25.96 36.90 72.66
N ASN B 816 27.28 36.81 72.87
CA ASN B 816 28.08 35.74 72.29
C ASN B 816 27.91 35.68 70.77
N SER B 817 27.87 36.85 70.14
CA SER B 817 27.67 36.98 68.71
C SER B 817 28.99 37.32 68.02
N ILE B 818 29.08 36.93 66.75
CA ILE B 818 30.28 37.16 65.94
C ILE B 818 29.85 37.77 64.62
N PHE B 819 30.54 38.83 64.20
CA PHE B 819 30.30 39.48 62.92
C PHE B 819 31.42 39.12 61.96
N LEU B 820 31.06 38.70 60.75
CA LEU B 820 32.00 38.28 59.73
C LEU B 820 31.89 39.22 58.53
N LYS B 821 33.04 39.67 58.04
CA LYS B 821 33.10 40.55 56.88
C LYS B 821 34.16 40.05 55.92
N TRP B 822 33.90 40.24 54.63
CA TRP B 822 34.78 39.76 53.58
C TRP B 822 34.52 40.57 52.31
N PRO B 823 35.45 40.58 51.37
CA PRO B 823 35.24 41.28 50.10
C PRO B 823 34.41 40.45 49.13
N GLU B 824 33.97 41.11 48.05
CA GLU B 824 33.17 40.50 47.01
C GLU B 824 34.03 40.14 45.81
N PRO B 825 33.67 39.11 45.05
CA PRO B 825 34.46 38.78 43.85
C PRO B 825 34.54 39.96 42.91
N GLU B 826 35.73 40.17 42.34
CA GLU B 826 35.95 41.31 41.46
C GLU B 826 35.15 41.17 40.17
N ASN B 827 35.11 39.97 39.60
CA ASN B 827 34.43 39.70 38.33
C ASN B 827 33.57 38.46 38.47
N PRO B 828 32.45 38.56 39.19
CA PRO B 828 31.56 37.40 39.32
C PRO B 828 31.03 36.96 37.97
N ASN B 829 30.91 35.65 37.79
CA ASN B 829 30.44 35.06 36.54
C ASN B 829 28.92 35.08 36.55
N GLY B 830 28.33 36.04 35.83
CA GLY B 830 26.90 36.20 35.82
C GLY B 830 26.39 37.04 36.97
N LEU B 831 26.41 36.48 38.18
CA LEU B 831 25.98 37.19 39.36
C LEU B 831 26.25 36.33 40.59
N ILE B 832 26.49 37.00 41.72
CA ILE B 832 26.61 36.32 43.01
C ILE B 832 25.22 36.26 43.62
N LEU B 833 24.73 35.04 43.85
CA LEU B 833 23.37 34.88 44.36
C LEU B 833 23.34 34.87 45.87
N MET B 834 24.32 34.22 46.51
CA MET B 834 24.32 34.07 47.95
C MET B 834 25.69 33.61 48.41
N TYR B 835 25.87 33.61 49.73
CA TYR B 835 27.08 33.08 50.38
C TYR B 835 26.66 32.00 51.36
N GLU B 836 27.44 30.92 51.40
CA GLU B 836 27.18 29.79 52.29
C GLU B 836 28.29 29.74 53.33
N ILE B 837 27.99 30.20 54.55
CA ILE B 837 28.95 30.20 55.64
C ILE B 837 28.84 28.88 56.38
N LYS B 838 29.95 28.16 56.48
CA LYS B 838 30.04 26.89 57.17
C LYS B 838 30.96 27.06 58.38
N TYR B 839 30.44 26.82 59.57
CA TYR B 839 31.18 27.09 60.80
C TYR B 839 30.75 26.11 61.88
N GLY B 840 31.61 25.96 62.89
CA GLY B 840 31.33 25.10 64.01
C GLY B 840 32.50 25.10 64.98
N SER B 841 32.27 24.47 66.13
CA SER B 841 33.30 24.43 67.17
C SER B 841 34.32 23.35 66.89
N GLN B 842 33.88 22.09 66.87
CA GLN B 842 34.75 20.96 66.55
C GLN B 842 34.65 20.58 65.08
N VAL B 843 33.43 20.51 64.55
CA VAL B 843 33.18 20.27 63.14
C VAL B 843 32.24 21.34 62.64
N GLU B 844 32.53 21.87 61.45
CA GLU B 844 31.75 22.99 60.92
C GLU B 844 30.38 22.52 60.45
N ASP B 845 29.55 22.06 61.40
CA ASP B 845 28.23 21.53 61.04
C ASP B 845 27.28 22.66 60.62
N GLN B 846 27.26 23.75 61.38
CA GLN B 846 26.31 24.83 61.11
C GLN B 846 26.57 25.42 59.72
N ARG B 847 25.50 25.60 58.95
CA ARG B 847 25.56 26.22 57.63
C ARG B 847 24.42 27.21 57.52
N GLU B 848 24.74 28.47 57.25
CA GLU B 848 23.76 29.53 57.10
C GLU B 848 24.00 30.26 55.77
N CYS B 849 22.94 30.93 55.30
CA CYS B 849 22.94 31.57 54.00
C CYS B 849 22.94 33.08 54.15
N VAL B 850 23.67 33.76 53.26
CA VAL B 850 23.71 35.21 53.20
C VAL B 850 23.43 35.62 51.76
N SER B 851 22.48 36.53 51.58
CA SER B 851 22.14 37.01 50.25
C SER B 851 23.11 38.09 49.81
N ARG B 852 23.14 38.35 48.50
CA ARG B 852 23.99 39.41 47.97
C ARG B 852 23.58 40.76 48.54
N GLN B 853 22.28 41.02 48.64
CA GLN B 853 21.81 42.26 49.23
C GLN B 853 22.18 42.34 50.71
N GLU B 854 22.04 41.22 51.43
CA GLU B 854 22.43 41.19 52.84
C GLU B 854 23.92 41.48 52.99
N TYR B 855 24.74 40.89 52.12
CA TYR B 855 26.17 41.18 52.14
C TYR B 855 26.43 42.65 51.86
N ARG B 856 25.73 43.22 50.88
CA ARG B 856 25.97 44.62 50.52
C ARG B 856 25.65 45.54 51.69
N LYS B 857 24.55 45.30 52.39
CA LYS B 857 24.15 46.18 53.49
C LYS B 857 25.16 46.16 54.63
N TYR B 858 25.63 44.97 55.01
CA TYR B 858 26.51 44.81 56.17
C TYR B 858 27.94 44.47 55.80
N GLY B 859 28.21 44.14 54.53
CA GLY B 859 29.53 43.69 54.14
C GLY B 859 29.79 42.27 54.60
N GLY B 860 28.73 41.58 55.04
CA GLY B 860 28.86 40.23 55.55
C GLY B 860 27.58 39.73 56.19
N ALA B 861 27.69 39.17 57.39
CA ALA B 861 26.54 38.63 58.10
C ALA B 861 26.85 38.62 59.59
N LYS B 862 25.87 38.17 60.38
CA LYS B 862 25.98 38.10 61.82
C LYS B 862 25.55 36.72 62.31
N LEU B 863 26.25 36.22 63.32
CA LEU B 863 25.89 35.00 64.02
C LEU B 863 25.64 35.32 65.48
N ASN B 864 24.52 34.87 66.01
CA ASN B 864 24.07 35.25 67.35
C ASN B 864 23.87 34.03 68.22
N ARG B 865 24.13 34.20 69.52
CA ARG B 865 23.90 33.17 70.54
C ARG B 865 24.73 31.92 70.24
N LEU B 866 26.05 32.11 70.24
CA LEU B 866 27.00 31.02 70.06
C LEU B 866 27.51 30.55 71.41
N ASN B 867 27.74 29.24 71.51
CA ASN B 867 28.23 28.66 72.75
C ASN B 867 29.69 29.06 72.98
N PRO B 868 30.16 29.00 74.23
CA PRO B 868 31.57 29.33 74.50
C PRO B 868 32.51 28.35 73.83
N GLY B 869 33.68 28.85 73.44
CA GLY B 869 34.73 28.04 72.86
C GLY B 869 35.23 28.63 71.55
N ASN B 870 36.25 27.99 71.01
CA ASN B 870 36.84 28.39 69.75
C ASN B 870 36.03 27.85 68.58
N TYR B 871 36.20 28.47 67.42
CA TYR B 871 35.43 28.13 66.24
C TYR B 871 36.26 28.29 64.98
N THR B 872 35.92 27.51 63.96
CA THR B 872 36.50 27.62 62.63
C THR B 872 35.36 27.74 61.62
N ALA B 873 35.54 28.60 60.62
CA ALA B 873 34.47 28.90 59.68
C ALA B 873 35.01 28.93 58.26
N ARG B 874 34.10 28.72 57.31
CA ARG B 874 34.40 28.82 55.89
C ARG B 874 33.18 29.38 55.17
N ILE B 875 33.42 29.95 54.00
CA ILE B 875 32.36 30.60 53.22
C ILE B 875 32.52 30.24 51.76
N GLN B 876 31.39 30.01 51.08
CA GLN B 876 31.36 29.71 49.66
C GLN B 876 30.34 30.60 48.97
N ALA B 877 30.64 30.97 47.74
CA ALA B 877 29.78 31.83 46.93
C ALA B 877 29.05 31.02 45.88
N THR B 878 27.81 31.41 45.60
CA THR B 878 26.96 30.73 44.64
C THR B 878 26.83 31.62 43.40
N SER B 879 27.63 31.33 42.38
CA SER B 879 27.58 32.07 41.14
C SER B 879 26.46 31.54 40.26
N LEU B 880 26.05 32.35 39.28
CA LEU B 880 25.03 31.91 38.33
C LEU B 880 25.47 30.66 37.58
N SER B 881 26.78 30.50 37.38
CA SER B 881 27.30 29.30 36.74
C SER B 881 27.30 28.09 37.66
N GLY B 882 27.49 28.30 38.96
CA GLY B 882 27.54 27.21 39.91
C GLY B 882 28.16 27.68 41.22
N ASN B 883 28.54 26.70 42.03
CA ASN B 883 29.11 27.00 43.34
C ASN B 883 30.51 27.60 43.19
N GLY B 884 30.89 28.41 44.18
CA GLY B 884 32.20 29.02 44.22
C GLY B 884 33.17 28.23 45.08
N SER B 885 34.36 28.80 45.25
CA SER B 885 35.39 28.17 46.06
C SER B 885 35.22 28.55 47.52
N TRP B 886 35.48 27.59 48.40
CA TRP B 886 35.37 27.83 49.83
C TRP B 886 36.49 28.76 50.30
N THR B 887 36.17 29.59 51.29
CA THR B 887 37.16 30.50 51.83
C THR B 887 38.20 29.74 52.65
N ASP B 888 39.32 30.41 52.90
CA ASP B 888 40.33 29.86 53.77
C ASP B 888 39.80 29.80 55.21
N PRO B 889 40.35 28.92 56.04
CA PRO B 889 39.82 28.78 57.40
C PRO B 889 39.84 30.11 58.15
N VAL B 890 38.74 30.39 58.85
CA VAL B 890 38.59 31.60 59.65
C VAL B 890 38.52 31.18 61.10
N PHE B 891 39.52 31.58 61.89
CA PHE B 891 39.63 31.19 63.28
C PHE B 891 39.13 32.31 64.18
N PHE B 892 38.23 31.97 65.10
CA PHE B 892 37.66 32.94 66.02
C PHE B 892 37.17 32.18 67.26
N TYR B 893 36.83 32.93 68.29
CA TYR B 893 36.41 32.35 69.56
C TYR B 893 35.38 33.26 70.21
N VAL B 894 34.54 32.65 71.04
CA VAL B 894 33.52 33.36 71.80
C VAL B 894 33.65 32.98 73.26
N GLN B 895 33.71 33.98 74.13
CA GLN B 895 33.84 33.77 75.57
C GLN B 895 32.47 33.84 76.23
N ALA B 896 32.26 33.01 77.24
CA ALA B 896 30.97 32.98 77.92
C ALA B 896 30.61 34.33 78.52
N LYS B 897 31.62 35.11 78.92
CA LYS B 897 31.38 36.44 79.49
C LYS B 897 32.45 37.41 79.05
#